data_8RTT
#
_entry.id   8RTT
#
_cell.length_a   1.00
_cell.length_b   1.00
_cell.length_c   1.00
_cell.angle_alpha   90.00
_cell.angle_beta   90.00
_cell.angle_gamma   90.00
#
_symmetry.space_group_name_H-M   'P 1'
#
loop_
_entity.id
_entity.type
_entity.pdbx_description
1 polymer 'Actin, cytoplasmic 1, N-terminally processed'
2 polymer 'Cell division control protein 12'
3 polymer Phalloidin
4 non-polymer "ADENOSINE-5'-DIPHOSPHATE"
5 non-polymer 'MAGNESIUM ION'
6 non-polymer 'PHOSPHATE ION'
#
loop_
_entity_poly.entity_id
_entity_poly.type
_entity_poly.pdbx_seq_one_letter_code
_entity_poly.pdbx_strand_id
1 'polypeptide(L)'
;MDDDIAALVVDNGSGMCKAGFAGDDAPRAVFPSIVGRPRHQGVMVGMGQKDSYVGDEAQSKRGILTLKYPIE(HIC)GIV
TNWDDMEKIWHHTFYNELRVAPEEHPVLLTEAPLNPKANREKMTQIMFETFNTPAMYVAIQAVLSLYASGRTTGIVMDSG
DGVTHTVPIYEGYALPHAILRLDLAGRDLTDYLMKILTERGYSFTTTAEREIVRDIKEKLCYVALDFEQEMATAASSSSL
EKSYELPDGQVITIGNERFRCPEALFQPSFLGMESAGIHETTFNSIMKCDVDIRKDLYANTVLSGGTTMYPGIADRMQKE
ITALAPSTMKIKIIAPPERKYSVWIGGSILASLSTFQQMWISKQEYDESGPSIVHRKCF
;
A,B,C,D
2 'polypeptide(L)'
;SKDDLHKTTGLTRRPTRRLKQMHWEKLNSGLEFTFWTGPSDEANKILETLHTSGVLDELDESFAMKEAKTLVKKTCARTD
YMSSELQKLFGIHFHKLSHKNPNEIIRMILHCDDSMNECVEFLSSDKVLNQPKLKADLEPYRIDWANGGDLVNSEKDASE
LSRWDYLYVRLIVDLGGYWNQRMNALKVKNIIETNYENLVRQTKLIGRAALELRDSKVFKGLLYLILYLGNYMNDYVRQA
KGFAIGSLQRLPLIKNANNTKSLLHILDITIRKHFPQFDNFSPELSTVTEAAKLNIEAIEQECSELIRGCQNLQIDCDSG
ALSDPTVFHPDDKILSVILPWLMEGTKKMDFLKEHLRTMNTTLNNAMRYFGEQPNDPNSKNLFFKRVDSFIIDYSKARSD
NLKSEEEEASQHRRLNLVN
;
E,F
3 'polypeptide(L)' W(EEP)A(DTH)C(HYP)A H,I,J
#
# COMPACT_ATOMS: atom_id res chain seq x y z
N ALA A 6 -16.61 52.83 37.57
CA ALA A 6 -15.95 53.68 36.59
C ALA A 6 -14.44 53.44 36.61
N ALA A 7 -13.98 52.58 35.71
CA ALA A 7 -12.56 52.25 35.66
C ALA A 7 -11.74 53.42 35.17
N LEU A 8 -10.54 53.57 35.71
CA LEU A 8 -9.62 54.61 35.28
C LEU A 8 -8.75 54.09 34.14
N VAL A 9 -8.63 54.90 33.10
CA VAL A 9 -7.80 54.56 31.93
C VAL A 9 -6.70 55.61 31.85
N VAL A 10 -5.52 55.25 32.32
CA VAL A 10 -4.35 56.13 32.24
C VAL A 10 -3.39 55.54 31.21
N ASP A 11 -3.09 56.31 30.18
CA ASP A 11 -2.18 55.87 29.11
C ASP A 11 -0.92 56.72 29.23
N ASN A 12 0.13 56.12 29.78
CA ASN A 12 1.42 56.79 29.90
C ASN A 12 2.18 56.69 28.59
N GLY A 13 2.80 57.80 28.17
CA GLY A 13 3.52 57.84 26.93
C GLY A 13 4.88 58.50 27.11
N SER A 14 5.72 58.34 26.08
CA SER A 14 7.06 58.93 26.13
C SER A 14 6.99 60.44 26.04
N GLY A 15 6.02 60.99 25.33
CA GLY A 15 5.95 62.42 25.12
C GLY A 15 4.76 63.10 25.76
N MET A 16 3.66 62.38 25.91
CA MET A 16 2.44 62.96 26.45
C MET A 16 1.57 61.84 27.00
N CYS A 17 1.10 62.01 28.24
CA CYS A 17 0.26 61.02 28.89
C CYS A 17 -1.16 61.55 28.98
N LYS A 18 -2.12 60.72 28.60
CA LYS A 18 -3.53 61.08 28.58
C LYS A 18 -4.27 60.24 29.61
N ALA A 19 -4.96 60.89 30.53
CA ALA A 19 -5.71 60.21 31.58
C ALA A 19 -7.15 60.70 31.59
N GLY A 20 -8.08 59.78 31.76
CA GLY A 20 -9.48 60.12 31.78
C GLY A 20 -10.28 59.03 32.45
N PHE A 21 -11.55 58.93 32.06
CA PHE A 21 -12.46 57.94 32.62
C PHE A 21 -12.96 57.01 31.52
N ALA A 22 -13.23 55.77 31.91
CA ALA A 22 -13.75 54.80 30.95
C ALA A 22 -15.16 55.18 30.50
N GLY A 23 -15.47 54.85 29.25
CA GLY A 23 -16.77 55.15 28.68
C GLY A 23 -16.90 56.50 28.03
N ASP A 24 -15.89 57.36 28.13
CA ASP A 24 -15.93 58.67 27.50
C ASP A 24 -15.40 58.57 26.07
N ASP A 25 -15.33 59.72 25.40
CA ASP A 25 -14.82 59.78 24.03
C ASP A 25 -13.48 60.49 23.90
N ALA A 26 -13.14 61.37 24.85
CA ALA A 26 -11.88 62.08 24.84
C ALA A 26 -11.28 62.05 26.24
N PRO A 27 -9.95 62.05 26.35
CA PRO A 27 -9.32 62.07 27.67
C PRO A 27 -9.70 63.33 28.44
N ARG A 28 -9.88 63.17 29.75
CA ARG A 28 -10.28 64.30 30.58
C ARG A 28 -9.13 65.31 30.73
N ALA A 29 -7.93 64.81 31.00
CA ALA A 29 -6.76 65.66 31.20
C ALA A 29 -5.61 65.14 30.36
N VAL A 30 -5.02 66.04 29.56
CA VAL A 30 -3.86 65.71 28.74
C VAL A 30 -2.77 66.73 29.04
N PHE A 31 -1.64 66.27 29.57
CA PHE A 31 -0.54 67.14 29.91
C PHE A 31 0.77 66.44 29.55
N PRO A 32 1.83 67.21 29.26
CA PRO A 32 3.11 66.59 28.91
C PRO A 32 3.70 65.80 30.06
N SER A 33 4.42 64.74 29.72
CA SER A 33 5.03 63.85 30.70
C SER A 33 6.49 64.25 30.93
N ILE A 34 6.67 65.38 31.62
CA ILE A 34 7.98 65.91 31.93
C ILE A 34 8.04 66.30 33.40
N VAL A 35 9.15 65.96 34.05
CA VAL A 35 9.41 66.36 35.44
C VAL A 35 10.69 67.18 35.44
N GLY A 36 10.60 68.43 35.87
CA GLY A 36 11.73 69.34 35.85
C GLY A 36 12.01 69.89 37.23
N ARG A 37 13.28 70.16 37.49
CA ARG A 37 13.73 70.75 38.75
C ARG A 37 14.59 71.97 38.44
N PRO A 38 14.51 73.01 39.27
CA PRO A 38 15.29 74.22 38.99
C PRO A 38 16.79 73.96 39.05
N ARG A 39 17.53 74.61 38.17
CA ARG A 39 18.98 74.56 38.18
C ARG A 39 19.60 75.78 38.83
N HIS A 40 18.80 76.71 39.31
CA HIS A 40 19.27 77.94 39.95
C HIS A 40 18.86 77.93 41.42
N GLN A 41 19.15 79.03 42.10
CA GLN A 41 18.79 79.22 43.50
C GLN A 41 17.77 80.34 43.62
N GLY A 42 16.86 80.20 44.59
CA GLY A 42 15.83 81.20 44.78
C GLY A 42 16.29 82.37 45.62
N VAL A 43 16.47 83.52 44.99
CA VAL A 43 16.92 84.72 45.71
C VAL A 43 15.78 85.40 46.46
N MET A 44 14.54 85.19 46.05
CA MET A 44 13.39 85.75 46.74
C MET A 44 12.85 84.72 47.74
N VAL A 45 11.92 85.17 48.58
CA VAL A 45 11.30 84.30 49.59
C VAL A 45 10.59 83.15 48.89
N GLY A 46 10.45 82.02 49.58
CA GLY A 46 9.83 80.85 49.00
C GLY A 46 8.32 80.91 49.01
N MET A 47 7.74 81.72 48.13
CA MET A 47 6.28 81.85 48.04
C MET A 47 5.72 80.75 47.14
N GLY A 48 6.17 79.53 47.39
CA GLY A 48 5.76 78.37 46.65
C GLY A 48 6.83 77.72 45.79
N GLN A 49 8.10 77.96 46.08
CA GLN A 49 9.18 77.34 45.31
C GLN A 49 9.29 75.86 45.66
N LYS A 50 8.64 75.01 44.89
CA LYS A 50 8.63 73.58 45.15
C LYS A 50 9.97 72.96 44.74
N ASP A 51 10.12 71.67 45.02
CA ASP A 51 11.31 70.94 44.65
C ASP A 51 11.30 70.54 43.17
N SER A 52 10.19 69.96 42.71
CA SER A 52 10.06 69.55 41.32
C SER A 52 8.70 69.96 40.80
N TYR A 53 8.64 70.32 39.52
CA TYR A 53 7.41 70.67 38.84
C TYR A 53 7.11 69.62 37.77
N VAL A 54 5.89 69.10 37.78
CA VAL A 54 5.48 68.03 36.88
C VAL A 54 4.22 68.44 36.16
N GLY A 55 4.16 68.20 34.86
CA GLY A 55 2.97 68.48 34.08
C GLY A 55 3.00 69.81 33.37
N ASP A 56 1.81 70.40 33.16
CA ASP A 56 1.74 71.69 32.46
C ASP A 56 2.40 72.81 33.23
N GLU A 57 2.57 72.66 34.54
CA GLU A 57 3.28 73.68 35.32
C GLU A 57 4.73 73.79 34.87
N ALA A 58 5.36 72.65 34.56
CA ALA A 58 6.73 72.67 34.07
C ALA A 58 6.84 73.38 32.73
N GLN A 59 5.87 73.15 31.84
CA GLN A 59 5.92 73.77 30.52
C GLN A 59 5.82 75.29 30.60
N SER A 60 5.00 75.81 31.51
CA SER A 60 4.87 77.25 31.66
C SER A 60 6.19 77.89 32.09
N LYS A 61 6.89 77.24 33.03
CA LYS A 61 8.17 77.74 33.55
C LYS A 61 9.33 76.92 33.03
N ARG A 62 9.26 76.48 31.77
CA ARG A 62 10.31 75.65 31.20
C ARG A 62 11.61 76.40 30.99
N GLY A 63 11.59 77.73 31.04
CA GLY A 63 12.80 78.51 30.82
C GLY A 63 13.81 78.41 31.95
N ILE A 64 13.38 77.99 33.13
CA ILE A 64 14.25 77.89 34.29
C ILE A 64 14.61 76.44 34.61
N LEU A 65 13.64 75.54 34.51
CA LEU A 65 13.84 74.15 34.88
C LEU A 65 14.67 73.43 33.83
N THR A 66 15.14 72.23 34.18
CA THR A 66 15.82 71.33 33.27
C THR A 66 14.88 70.15 33.04
N LEU A 67 14.04 70.26 32.01
CA LEU A 67 13.04 69.23 31.74
C LEU A 67 13.71 67.90 31.44
N LYS A 68 13.23 66.84 32.09
CA LYS A 68 13.74 65.50 31.90
C LYS A 68 12.56 64.55 31.75
N TYR A 69 12.61 63.70 30.73
CA TYR A 69 11.52 62.77 30.46
C TYR A 69 11.72 61.50 31.28
N PRO A 70 10.81 61.17 32.20
CA PRO A 70 10.97 59.92 32.95
C PRO A 70 10.86 58.66 32.10
N ILE A 71 10.20 58.73 30.95
CA ILE A 71 10.04 57.59 30.07
C ILE A 71 10.82 57.85 28.79
N GLU A 72 11.69 56.90 28.43
CA GLU A 72 12.49 57.03 27.22
C GLU A 72 12.40 55.76 26.39
N GLY A 74 9.90 54.22 25.55
CA GLY A 74 8.87 53.34 26.08
C GLY A 74 9.29 52.56 27.32
N ILE A 75 10.49 52.86 27.81
CA ILE A 75 11.05 52.20 28.99
C ILE A 75 11.28 53.25 30.07
N VAL A 76 10.74 53.01 31.26
CA VAL A 76 10.86 53.97 32.36
C VAL A 76 12.30 53.93 32.87
N THR A 77 13.04 55.00 32.67
CA THR A 77 14.44 55.09 33.08
C THR A 77 14.63 55.69 34.46
N ASN A 78 13.56 56.17 35.10
CA ASN A 78 13.67 56.78 36.42
C ASN A 78 12.31 56.60 37.10
N TRP A 79 12.24 55.66 38.05
CA TRP A 79 10.98 55.37 38.73
C TRP A 79 10.62 56.40 39.78
N ASP A 80 11.59 57.17 40.27
CA ASP A 80 11.27 58.24 41.21
C ASP A 80 10.42 59.32 40.56
N ASP A 81 10.76 59.69 39.32
CA ASP A 81 9.98 60.70 38.61
C ASP A 81 8.66 60.17 38.08
N MET A 82 8.61 58.88 37.74
CA MET A 82 7.37 58.29 37.25
C MET A 82 6.28 58.33 38.32
N GLU A 83 6.65 58.08 39.58
CA GLU A 83 5.68 58.14 40.66
C GLU A 83 5.12 59.55 40.83
N LYS A 84 5.92 60.57 40.54
CA LYS A 84 5.43 61.94 40.63
C LYS A 84 4.33 62.21 39.61
N ILE A 85 4.47 61.68 38.40
CA ILE A 85 3.49 61.92 37.35
C ILE A 85 2.16 61.28 37.72
N TRP A 86 2.20 60.01 38.14
CA TRP A 86 0.97 59.32 38.51
C TRP A 86 0.31 59.96 39.73
N HIS A 87 1.11 60.39 40.70
CA HIS A 87 0.57 61.11 41.85
C HIS A 87 -0.07 62.42 41.41
N HIS A 88 0.56 63.13 40.47
CA HIS A 88 -0.01 64.37 39.98
C HIS A 88 -1.26 64.14 39.14
N THR A 89 -1.33 63.00 38.45
CA THR A 89 -2.49 62.74 37.59
C THR A 89 -3.77 62.62 38.40
N PHE A 90 -3.75 61.79 39.44
CA PHE A 90 -4.97 61.50 40.18
C PHE A 90 -5.39 62.66 41.09
N TYR A 91 -4.44 63.30 41.76
CA TYR A 91 -4.76 64.27 42.80
C TYR A 91 -4.77 65.71 42.30
N ASN A 92 -4.40 65.96 41.05
CA ASN A 92 -4.36 67.33 40.55
C ASN A 92 -5.10 67.49 39.24
N GLU A 93 -5.14 66.43 38.43
CA GLU A 93 -5.80 66.48 37.13
C GLU A 93 -7.19 65.86 37.17
N LEU A 94 -7.28 64.60 37.60
CA LEU A 94 -8.56 63.89 37.62
C LEU A 94 -9.33 64.08 38.92
N ARG A 95 -8.65 64.47 40.01
CA ARG A 95 -9.28 64.74 41.29
C ARG A 95 -10.13 63.56 41.76
N VAL A 96 -9.63 62.35 41.57
CA VAL A 96 -10.32 61.14 41.97
C VAL A 96 -9.37 60.28 42.79
N ALA A 97 -9.84 59.79 43.92
CA ALA A 97 -9.06 58.86 44.73
C ALA A 97 -8.94 57.53 43.99
N PRO A 98 -7.73 56.99 43.83
CA PRO A 98 -7.55 55.75 43.06
C PRO A 98 -7.75 54.47 43.86
N GLU A 99 -8.18 54.54 45.11
CA GLU A 99 -8.39 53.33 45.91
C GLU A 99 -9.77 52.71 45.69
N GLU A 100 -10.63 53.31 44.87
CA GLU A 100 -11.98 52.80 44.68
C GLU A 100 -12.25 52.28 43.28
N HIS A 101 -11.40 52.61 42.30
CA HIS A 101 -11.63 52.18 40.93
C HIS A 101 -10.40 51.51 40.37
N PRO A 102 -10.57 50.56 39.46
CA PRO A 102 -9.42 49.93 38.80
C PRO A 102 -8.73 50.89 37.85
N VAL A 103 -7.49 50.57 37.53
CA VAL A 103 -6.66 51.38 36.65
C VAL A 103 -6.16 50.51 35.50
N LEU A 104 -6.28 51.01 34.29
CA LEU A 104 -5.79 50.35 33.09
C LEU A 104 -4.57 51.09 32.56
N LEU A 105 -3.50 50.35 32.28
CA LEU A 105 -2.25 50.92 31.82
C LEU A 105 -1.88 50.36 30.45
N THR A 106 -1.06 51.11 29.73
CA THR A 106 -0.62 50.74 28.39
C THR A 106 0.89 50.57 28.36
N GLU A 107 1.35 49.51 27.71
CA GLU A 107 2.77 49.23 27.58
C GLU A 107 3.08 48.80 26.16
N ALA A 108 4.20 49.26 25.63
CA ALA A 108 4.60 48.90 24.28
C ALA A 108 5.02 47.44 24.21
N PRO A 109 4.85 46.79 23.06
CA PRO A 109 5.26 45.39 22.94
C PRO A 109 6.78 45.24 22.94
N LEU A 110 7.22 44.02 23.22
CA LEU A 110 8.64 43.66 23.24
C LEU A 110 9.41 44.49 24.26
N ASN A 111 8.75 44.89 25.33
CA ASN A 111 9.37 45.67 26.39
C ASN A 111 10.07 44.75 27.38
N PRO A 112 11.04 45.28 28.14
CA PRO A 112 11.66 44.48 29.19
C PRO A 112 10.63 44.02 30.22
N LYS A 113 10.82 42.79 30.72
CA LYS A 113 9.86 42.23 31.66
C LYS A 113 9.80 43.04 32.95
N ALA A 114 10.96 43.49 33.44
CA ALA A 114 10.99 44.24 34.70
C ALA A 114 10.29 45.58 34.58
N ASN A 115 10.13 46.11 33.37
CA ASN A 115 9.47 47.41 33.20
C ASN A 115 8.01 47.34 33.60
N ARG A 116 7.30 46.30 33.16
CA ARG A 116 5.89 46.16 33.52
C ARG A 116 5.69 45.52 34.89
N GLU A 117 6.71 44.85 35.42
CA GLU A 117 6.59 44.29 36.76
C GLU A 117 6.59 45.38 37.82
N LYS A 118 7.44 46.39 37.64
CA LYS A 118 7.52 47.47 38.62
C LYS A 118 6.27 48.34 38.60
N MET A 119 5.64 48.50 37.43
CA MET A 119 4.40 49.27 37.34
C MET A 119 3.32 48.66 38.21
N THR A 120 3.18 47.33 38.17
CA THR A 120 2.19 46.67 39.01
C THR A 120 2.54 46.83 40.49
N GLN A 121 3.81 46.67 40.85
CA GLN A 121 4.20 46.74 42.25
C GLN A 121 4.02 48.13 42.83
N ILE A 122 4.39 49.18 42.08
CA ILE A 122 4.37 50.52 42.63
C ILE A 122 2.93 50.99 42.86
N MET A 123 2.02 50.67 41.94
CA MET A 123 0.65 51.13 42.08
C MET A 123 -0.13 50.31 43.11
N PHE A 124 0.14 49.02 43.21
CA PHE A 124 -0.55 48.19 44.19
C PHE A 124 -0.14 48.49 45.62
N GLU A 125 1.04 49.09 45.82
CA GLU A 125 1.55 49.35 47.16
C GLU A 125 1.51 50.81 47.57
N THR A 126 1.58 51.74 46.61
CA THR A 126 1.51 53.16 46.92
C THR A 126 0.11 53.74 46.76
N PHE A 127 -0.63 53.32 45.74
CA PHE A 127 -1.98 53.80 45.51
C PHE A 127 -3.06 52.82 45.94
N ASN A 128 -2.72 51.53 46.05
CA ASN A 128 -3.65 50.50 46.52
C ASN A 128 -4.91 50.44 45.67
N THR A 129 -4.71 50.34 44.35
CA THR A 129 -5.85 50.24 43.45
C THR A 129 -6.52 48.87 43.57
N PRO A 130 -7.85 48.81 43.48
CA PRO A 130 -8.52 47.51 43.60
C PRO A 130 -8.12 46.51 42.53
N ALA A 131 -7.82 46.96 41.30
CA ALA A 131 -7.50 46.05 40.22
C ALA A 131 -6.55 46.73 39.25
N MET A 132 -6.13 45.98 38.23
CA MET A 132 -5.16 46.47 37.26
C MET A 132 -5.22 45.60 36.01
N TYR A 133 -4.90 46.21 34.87
CA TYR A 133 -4.68 45.48 33.63
C TYR A 133 -3.72 46.29 32.76
N VAL A 134 -2.79 45.60 32.12
CA VAL A 134 -1.81 46.22 31.24
C VAL A 134 -2.05 45.70 29.83
N ALA A 135 -2.28 46.62 28.90
CA ALA A 135 -2.65 46.27 27.54
C ALA A 135 -1.66 46.86 26.54
N ILE A 136 -1.47 46.15 25.43
CA ILE A 136 -0.57 46.62 24.39
C ILE A 136 -1.19 47.83 23.68
N GLN A 137 -0.36 48.84 23.43
CA GLN A 137 -0.87 50.08 22.84
C GLN A 137 -1.42 49.85 21.44
N ALA A 138 -0.74 49.02 20.64
CA ALA A 138 -1.19 48.78 19.27
C ALA A 138 -2.55 48.10 19.24
N VAL A 139 -2.77 47.14 20.15
CA VAL A 139 -4.04 46.42 20.16
C VAL A 139 -5.19 47.35 20.50
N LEU A 140 -5.00 48.23 21.48
CA LEU A 140 -6.05 49.17 21.86
C LEU A 140 -6.40 50.11 20.72
N SER A 141 -5.43 50.43 19.86
CA SER A 141 -5.72 51.29 18.72
C SER A 141 -6.69 50.64 17.75
N LEU A 142 -6.70 49.30 17.69
CA LEU A 142 -7.64 48.62 16.83
C LEU A 142 -9.06 48.66 17.40
N TYR A 143 -9.19 48.75 18.72
CA TYR A 143 -10.52 48.88 19.32
C TYR A 143 -11.18 50.20 18.95
N ALA A 144 -10.38 51.28 18.90
CA ALA A 144 -10.93 52.59 18.57
C ALA A 144 -11.50 52.61 17.16
N SER A 145 -10.80 51.99 16.21
CA SER A 145 -11.28 51.94 14.84
C SER A 145 -12.51 51.05 14.67
N GLY A 146 -12.85 50.24 15.66
CA GLY A 146 -13.98 49.34 15.55
C GLY A 146 -13.75 48.13 14.70
N ARG A 147 -12.50 47.88 14.28
CA ARG A 147 -12.19 46.77 13.40
C ARG A 147 -11.75 45.55 14.22
N THR A 148 -11.49 44.45 13.51
CA THR A 148 -10.97 43.24 14.13
C THR A 148 -9.82 42.60 13.37
N THR A 149 -9.54 43.04 12.15
CA THR A 149 -8.46 42.50 11.34
C THR A 149 -7.66 43.65 10.75
N GLY A 150 -6.34 43.60 10.90
CA GLY A 150 -5.49 44.60 10.31
C GLY A 150 -4.18 44.73 11.06
N ILE A 151 -3.25 45.43 10.42
CA ILE A 151 -1.96 45.75 11.02
C ILE A 151 -2.00 47.19 11.50
N VAL A 152 -1.57 47.42 12.75
CA VAL A 152 -1.68 48.71 13.39
C VAL A 152 -0.31 49.36 13.47
N MET A 153 -0.20 50.58 12.97
CA MET A 153 1.03 51.36 13.07
C MET A 153 0.87 52.36 14.21
N ASP A 154 1.52 52.09 15.33
CA ASP A 154 1.46 52.96 16.51
C ASP A 154 2.81 53.64 16.65
N SER A 155 2.98 54.75 15.94
CA SER A 155 4.20 55.54 15.98
C SER A 155 3.97 56.72 16.92
N GLY A 156 4.73 56.76 18.01
CA GLY A 156 4.55 57.81 19.00
C GLY A 156 5.79 58.65 19.22
N ASP A 157 6.09 58.95 20.48
CA ASP A 157 7.26 59.76 20.83
C ASP A 157 8.49 58.92 21.10
N GLY A 158 8.33 57.70 21.60
CA GLY A 158 9.47 56.89 21.94
C GLY A 158 9.70 55.71 21.02
N VAL A 159 8.63 55.03 20.61
CA VAL A 159 8.75 53.78 19.88
C VAL A 159 7.75 53.76 18.73
N THR A 160 8.03 52.91 17.74
CA THR A 160 7.17 52.71 16.57
C THR A 160 7.04 51.21 16.35
N HIS A 161 5.89 50.66 16.72
CA HIS A 161 5.67 49.22 16.69
C HIS A 161 4.47 48.88 15.84
N THR A 162 4.55 47.78 15.11
CA THR A 162 3.45 47.27 14.30
C THR A 162 3.06 45.89 14.82
N VAL A 163 1.80 45.74 15.16
CA VAL A 163 1.26 44.48 15.68
C VAL A 163 0.13 44.02 14.77
N PRO A 164 0.40 43.10 13.85
CA PRO A 164 -0.67 42.60 12.97
C PRO A 164 -1.63 41.72 13.75
N ILE A 165 -2.92 41.92 13.50
CA ILE A 165 -3.98 41.15 14.13
C ILE A 165 -4.93 40.67 13.05
N TYR A 166 -5.24 39.37 13.06
CA TYR A 166 -6.17 38.77 12.11
C TYR A 166 -7.29 38.09 12.89
N GLU A 167 -8.49 38.66 12.83
CA GLU A 167 -9.67 38.12 13.51
C GLU A 167 -9.45 37.98 15.02
N GLY A 168 -8.68 38.89 15.61
CA GLY A 168 -8.46 38.93 17.03
C GLY A 168 -7.24 38.17 17.50
N TYR A 169 -6.70 37.27 16.70
CA TYR A 169 -5.53 36.49 17.06
C TYR A 169 -4.29 37.23 16.58
N ALA A 170 -3.59 37.87 17.50
CA ALA A 170 -2.38 38.62 17.18
C ALA A 170 -1.21 37.66 17.05
N LEU A 171 -0.38 37.88 16.03
CA LEU A 171 0.79 37.04 15.81
C LEU A 171 1.98 37.67 16.51
N PRO A 172 2.53 37.05 17.56
CA PRO A 172 3.65 37.67 18.27
C PRO A 172 4.98 37.59 17.54
N HIS A 173 5.15 36.64 16.62
CA HIS A 173 6.40 36.53 15.88
C HIS A 173 6.55 37.63 14.83
N ALA A 174 5.45 38.22 14.38
CA ALA A 174 5.48 39.25 13.36
C ALA A 174 5.47 40.65 13.94
N ILE A 175 5.48 40.80 15.26
CA ILE A 175 5.48 42.11 15.90
C ILE A 175 6.87 42.71 15.73
N LEU A 176 6.97 43.79 14.96
CA LEU A 176 8.22 44.48 14.72
C LEU A 176 8.23 45.77 15.52
N ARG A 177 9.28 45.98 16.31
CA ARG A 177 9.44 47.16 17.13
C ARG A 177 10.62 47.96 16.62
N LEU A 178 10.41 49.26 16.43
CA LEU A 178 11.43 50.13 15.86
C LEU A 178 11.71 51.26 16.84
N ASP A 179 12.99 51.53 17.09
CA ASP A 179 13.38 52.60 18.00
C ASP A 179 13.58 53.92 17.26
N LEU A 180 12.54 54.35 16.55
CA LEU A 180 12.56 55.58 15.77
C LEU A 180 11.18 56.21 15.87
N ALA A 181 11.10 57.39 16.47
CA ALA A 181 9.80 57.99 16.77
C ALA A 181 9.94 59.51 16.71
N GLY A 182 8.98 60.22 17.31
CA GLY A 182 8.98 61.67 17.23
C GLY A 182 10.18 62.31 17.89
N ARG A 183 10.66 61.73 18.98
CA ARG A 183 11.82 62.29 19.67
C ARG A 183 13.07 62.22 18.80
N ASP A 184 13.24 61.12 18.06
CA ASP A 184 14.37 61.03 17.14
C ASP A 184 14.27 62.07 16.04
N LEU A 185 13.07 62.30 15.51
CA LEU A 185 12.89 63.34 14.51
C LEU A 185 13.16 64.72 15.08
N THR A 186 12.73 64.97 16.32
CA THR A 186 13.00 66.26 16.96
C THR A 186 14.49 66.50 17.11
N ASP A 187 15.24 65.46 17.52
CA ASP A 187 16.69 65.59 17.60
C ASP A 187 17.30 65.82 16.22
N TYR A 188 16.81 65.12 15.19
CA TYR A 188 17.33 65.32 13.85
C TYR A 188 17.02 66.72 13.35
N LEU A 189 15.81 67.21 13.59
CA LEU A 189 15.46 68.56 13.16
C LEU A 189 16.31 69.61 13.88
N MET A 190 16.63 69.37 15.14
CA MET A 190 17.54 70.26 15.86
C MET A 190 18.93 70.23 15.24
N LYS A 191 19.33 69.08 14.68
CA LYS A 191 20.66 68.96 14.09
C LYS A 191 20.76 69.68 12.74
N ILE A 192 19.73 69.55 11.90
CA ILE A 192 19.77 70.15 10.56
C ILE A 192 19.31 71.59 10.54
N LEU A 193 18.80 72.11 11.65
CA LEU A 193 18.45 73.53 11.71
C LEU A 193 19.64 74.42 11.94
N THR A 194 20.81 73.86 12.24
CA THR A 194 22.03 74.64 12.32
C THR A 194 22.58 75.01 10.96
N GLU A 195 22.10 74.37 9.89
CA GLU A 195 22.54 74.73 8.55
C GLU A 195 22.08 76.14 8.18
N ARG A 196 20.95 76.59 8.72
CA ARG A 196 20.43 77.92 8.45
C ARG A 196 20.90 78.95 9.46
N GLY A 197 21.66 78.55 10.47
CA GLY A 197 22.17 79.46 11.48
C GLY A 197 21.45 79.41 12.81
N TYR A 198 20.28 78.79 12.88
CA TYR A 198 19.54 78.69 14.14
C TYR A 198 20.13 77.56 14.98
N SER A 199 20.48 77.88 16.22
CA SER A 199 21.15 76.94 17.12
C SER A 199 20.26 76.70 18.34
N PHE A 200 19.74 75.48 18.46
CA PHE A 200 18.98 75.05 19.62
C PHE A 200 19.81 74.01 20.36
N THR A 201 20.18 74.32 21.60
CA THR A 201 21.14 73.49 22.35
C THR A 201 20.50 72.81 23.56
N THR A 202 19.92 73.57 24.48
CA THR A 202 19.48 73.00 25.75
C THR A 202 18.16 72.25 25.58
N THR A 203 17.86 71.40 26.56
CA THR A 203 16.65 70.59 26.51
C THR A 203 15.39 71.43 26.70
N ALA A 204 15.47 72.52 27.45
CA ALA A 204 14.32 73.41 27.58
C ALA A 204 13.99 74.06 26.25
N GLU A 205 15.01 74.47 25.49
CA GLU A 205 14.83 75.05 24.18
C GLU A 205 14.47 74.02 23.11
N ARG A 206 14.62 72.73 23.42
CA ARG A 206 14.22 71.69 22.48
C ARG A 206 12.71 71.68 22.28
N GLU A 207 11.94 72.05 23.30
CA GLU A 207 10.48 72.06 23.17
C GLU A 207 10.01 73.05 22.11
N ILE A 208 10.82 74.07 21.83
CA ILE A 208 10.50 74.98 20.73
C ILE A 208 10.55 74.25 19.39
N VAL A 209 11.56 73.38 19.22
CA VAL A 209 11.69 72.62 17.98
C VAL A 209 10.49 71.70 17.79
N ARG A 210 10.00 71.09 18.87
CA ARG A 210 8.84 70.22 18.78
C ARG A 210 7.62 70.97 18.28
N ASP A 211 7.43 72.22 18.72
CA ASP A 211 6.33 73.03 18.23
C ASP A 211 6.49 73.33 16.74
N ILE A 212 7.72 73.58 16.29
CA ILE A 212 7.99 73.81 14.88
C ILE A 212 7.63 72.58 14.06
N LYS A 213 8.01 71.40 14.56
CA LYS A 213 7.72 70.16 13.85
C LYS A 213 6.23 69.90 13.75
N GLU A 214 5.45 70.38 14.71
CA GLU A 214 4.01 70.12 14.73
C GLU A 214 3.22 71.05 13.82
N LYS A 215 3.81 72.15 13.35
CA LYS A 215 3.07 73.14 12.56
C LYS A 215 3.55 73.27 11.13
N LEU A 216 4.84 73.06 10.86
CA LEU A 216 5.39 73.32 9.54
C LEU A 216 5.83 72.06 8.80
N CYS A 217 6.27 71.03 9.51
CA CYS A 217 6.79 69.84 8.85
C CYS A 217 5.69 69.06 8.16
N TYR A 218 6.02 68.47 7.02
CA TYR A 218 5.09 67.63 6.28
C TYR A 218 5.89 66.64 5.45
N VAL A 219 5.21 65.59 4.98
CA VAL A 219 5.84 64.52 4.23
C VAL A 219 5.64 64.80 2.74
N ALA A 220 6.73 64.82 1.99
CA ALA A 220 6.67 65.06 0.56
C ALA A 220 6.33 63.77 -0.19
N LEU A 221 5.50 63.88 -1.22
CA LEU A 221 5.13 62.72 -2.01
C LEU A 221 6.32 62.13 -2.74
N ASP A 222 7.17 62.99 -3.33
CA ASP A 222 8.39 62.57 -4.00
C ASP A 222 9.53 63.42 -3.48
N PHE A 223 10.44 62.80 -2.71
CA PHE A 223 11.49 63.56 -2.06
C PHE A 223 12.45 64.18 -3.07
N GLU A 224 12.85 63.43 -4.09
CA GLU A 224 13.83 63.93 -5.04
C GLU A 224 13.28 65.10 -5.86
N GLN A 225 12.03 64.99 -6.32
CA GLN A 225 11.42 66.08 -7.08
C GLN A 225 11.25 67.32 -6.22
N GLU A 226 10.85 67.15 -4.96
CA GLU A 226 10.68 68.29 -4.07
C GLU A 226 12.01 68.94 -3.72
N MET A 227 13.08 68.16 -3.65
CA MET A 227 14.40 68.73 -3.34
C MET A 227 14.85 69.69 -4.44
N ALA A 228 14.66 69.31 -5.70
CA ALA A 228 15.01 70.19 -6.80
C ALA A 228 14.13 71.43 -6.83
N THR A 229 12.83 71.26 -6.59
CA THR A 229 11.91 72.40 -6.60
C THR A 229 12.23 73.37 -5.48
N ALA A 230 12.51 72.86 -4.28
CA ALA A 230 12.79 73.73 -3.15
C ALA A 230 14.10 74.49 -3.34
N ALA A 231 15.02 73.95 -4.14
CA ALA A 231 16.30 74.60 -4.39
C ALA A 231 16.25 75.56 -5.58
N SER A 232 15.12 75.64 -6.29
CA SER A 232 14.99 76.51 -7.44
C SER A 232 14.01 77.66 -7.24
N SER A 233 13.26 77.68 -6.14
CA SER A 233 12.29 78.72 -5.88
C SER A 233 12.16 78.89 -4.37
N SER A 234 11.17 79.70 -3.96
CA SER A 234 10.93 79.97 -2.54
C SER A 234 9.45 79.83 -2.21
N SER A 235 8.73 79.00 -2.96
CA SER A 235 7.32 78.79 -2.69
C SER A 235 7.08 77.94 -1.44
N LEU A 236 8.09 77.17 -1.01
CA LEU A 236 7.98 76.30 0.15
C LEU A 236 8.47 76.97 1.43
N GLU A 237 8.91 78.23 1.36
CA GLU A 237 9.38 78.92 2.55
C GLU A 237 8.23 79.21 3.49
N LYS A 238 8.46 79.00 4.79
CA LYS A 238 7.48 79.27 5.83
C LYS A 238 8.14 80.06 6.95
N SER A 239 7.33 80.89 7.62
CA SER A 239 7.81 81.76 8.68
C SER A 239 7.24 81.30 10.01
N TYR A 240 8.11 81.19 11.02
CA TYR A 240 7.73 80.80 12.37
C TYR A 240 8.21 81.87 13.33
N GLU A 241 7.37 82.22 14.29
CA GLU A 241 7.68 83.26 15.27
C GLU A 241 8.16 82.61 16.56
N LEU A 242 9.37 82.99 16.99
CA LEU A 242 9.92 82.48 18.22
C LEU A 242 9.21 83.10 19.43
N PRO A 243 9.28 82.45 20.59
CA PRO A 243 8.62 83.02 21.78
C PRO A 243 9.07 84.43 22.13
N ASP A 244 10.35 84.75 21.92
CA ASP A 244 10.84 86.09 22.24
C ASP A 244 10.42 87.14 21.22
N GLY A 245 9.88 86.74 20.08
CA GLY A 245 9.48 87.66 19.03
C GLY A 245 10.27 87.53 17.74
N GLN A 246 11.39 86.81 17.75
CA GLN A 246 12.16 86.62 16.54
C GLN A 246 11.41 85.74 15.55
N VAL A 247 11.64 85.98 14.27
CA VAL A 247 11.02 85.22 13.19
C VAL A 247 12.10 84.44 12.47
N ILE A 248 11.79 83.18 12.18
CA ILE A 248 12.73 82.30 11.48
C ILE A 248 12.05 81.78 10.21
N THR A 249 12.88 81.41 9.24
CA THR A 249 12.41 80.87 7.97
C THR A 249 13.09 79.54 7.72
N ILE A 250 12.31 78.50 7.49
CA ILE A 250 12.81 77.16 7.21
C ILE A 250 12.30 76.71 5.86
N GLY A 251 13.19 76.18 5.03
CA GLY A 251 12.86 75.81 3.68
C GLY A 251 12.75 74.32 3.45
N ASN A 252 13.79 73.71 2.88
CA ASN A 252 13.76 72.29 2.57
C ASN A 252 13.73 71.40 3.81
N GLU A 253 13.96 71.96 5.00
CA GLU A 253 13.86 71.18 6.22
C GLU A 253 12.43 70.77 6.55
N ARG A 254 11.44 71.35 5.88
CA ARG A 254 10.05 70.99 6.15
C ARG A 254 9.78 69.54 5.79
N PHE A 255 10.28 69.08 4.65
CA PHE A 255 10.09 67.71 4.22
C PHE A 255 11.30 66.82 4.47
N ARG A 256 12.36 67.36 5.06
CA ARG A 256 13.56 66.57 5.34
C ARG A 256 13.48 65.84 6.67
N CYS A 257 13.02 66.52 7.73
CA CYS A 257 12.88 65.86 9.02
C CYS A 257 11.87 64.71 8.99
N PRO A 258 10.65 64.88 8.46
CA PRO A 258 9.76 63.71 8.34
C PRO A 258 10.26 62.64 7.40
N GLU A 259 11.19 62.96 6.49
CA GLU A 259 11.73 61.96 5.59
C GLU A 259 12.56 60.91 6.32
N ALA A 260 13.09 61.24 7.50
CA ALA A 260 13.87 60.28 8.26
C ALA A 260 13.06 59.05 8.66
N LEU A 261 11.74 59.18 8.72
CA LEU A 261 10.90 58.01 9.02
C LEU A 261 11.02 56.96 7.93
N PHE A 262 11.07 57.39 6.67
CA PHE A 262 11.16 56.46 5.55
C PHE A 262 12.59 56.16 5.14
N GLN A 263 13.54 57.03 5.47
CA GLN A 263 14.96 56.81 5.19
C GLN A 263 15.74 57.04 6.49
N PRO A 264 15.81 56.03 7.36
CA PRO A 264 16.53 56.19 8.63
C PRO A 264 18.04 56.35 8.45
N SER A 265 18.58 56.14 7.25
CA SER A 265 20.01 56.27 7.03
C SER A 265 20.50 57.70 7.27
N PHE A 266 19.60 58.68 7.26
CA PHE A 266 20.01 60.05 7.57
C PHE A 266 20.51 60.14 9.01
N LEU A 267 19.86 59.44 9.93
CA LEU A 267 20.27 59.41 11.32
C LEU A 267 21.36 58.39 11.61
N GLY A 268 21.81 57.65 10.60
CA GLY A 268 22.84 56.66 10.77
C GLY A 268 22.38 55.33 11.29
N MET A 269 21.08 55.16 11.52
CA MET A 269 20.56 53.89 12.00
C MET A 269 20.43 52.90 10.86
N GLU A 270 20.80 51.64 11.13
CA GLU A 270 20.72 50.60 10.12
C GLU A 270 19.31 50.05 9.95
N SER A 271 18.37 50.45 10.80
CA SER A 271 17.00 49.97 10.71
C SER A 271 16.33 50.49 9.44
N ALA A 272 15.35 49.72 8.96
CA ALA A 272 14.60 50.11 7.79
C ALA A 272 13.56 51.17 8.13
N GLY A 273 13.00 51.79 7.10
CA GLY A 273 11.97 52.79 7.30
C GLY A 273 10.65 52.16 7.73
N ILE A 274 9.71 53.03 8.10
CA ILE A 274 8.41 52.55 8.55
C ILE A 274 7.65 51.89 7.42
N HIS A 275 7.85 52.33 6.17
CA HIS A 275 7.20 51.68 5.04
C HIS A 275 7.75 50.28 4.82
N GLU A 276 9.05 50.09 5.05
CA GLU A 276 9.64 48.76 4.94
C GLU A 276 9.27 47.89 6.13
N THR A 277 8.99 48.50 7.29
CA THR A 277 8.65 47.71 8.47
C THR A 277 7.30 47.02 8.31
N THR A 278 6.29 47.74 7.82
CA THR A 278 4.98 47.14 7.63
C THR A 278 5.04 46.01 6.61
N PHE A 279 5.74 46.23 5.50
CA PHE A 279 5.91 45.16 4.52
C PHE A 279 6.67 43.98 5.12
N ASN A 280 7.73 44.26 5.88
CA ASN A 280 8.44 43.18 6.55
C ASN A 280 7.56 42.49 7.57
N SER A 281 6.76 43.26 8.32
CA SER A 281 5.82 42.66 9.26
C SER A 281 4.75 41.84 8.54
N ILE A 282 4.25 42.35 7.42
CA ILE A 282 3.25 41.61 6.66
C ILE A 282 3.85 40.36 6.03
N MET A 283 5.09 40.46 5.54
CA MET A 283 5.73 39.30 4.91
C MET A 283 5.91 38.16 5.90
N LYS A 284 6.21 38.48 7.16
CA LYS A 284 6.36 37.43 8.17
C LYS A 284 5.04 36.74 8.48
N CYS A 285 3.92 37.36 8.17
CA CYS A 285 2.62 36.73 8.38
C CYS A 285 2.37 35.66 7.32
N ASP A 286 1.34 34.86 7.57
CA ASP A 286 1.00 33.77 6.66
C ASP A 286 0.46 34.31 5.34
N VAL A 287 0.57 33.48 4.29
CA VAL A 287 0.17 33.92 2.97
C VAL A 287 -1.34 34.12 2.88
N ASP A 288 -2.11 33.26 3.55
CA ASP A 288 -3.56 33.32 3.46
C ASP A 288 -4.16 34.55 4.12
N ILE A 289 -3.40 35.27 4.93
CA ILE A 289 -3.91 36.45 5.65
C ILE A 289 -3.28 37.74 5.16
N ARG A 290 -2.42 37.68 4.13
CA ARG A 290 -1.83 38.91 3.62
C ARG A 290 -2.84 39.77 2.89
N LYS A 291 -3.81 39.15 2.20
CA LYS A 291 -4.81 39.92 1.48
C LYS A 291 -5.67 40.75 2.43
N ASP A 292 -6.06 40.17 3.56
CA ASP A 292 -6.89 40.89 4.52
C ASP A 292 -6.12 41.94 5.30
N LEU A 293 -4.79 41.82 5.37
CA LEU A 293 -3.97 42.80 6.08
C LEU A 293 -3.59 43.99 5.22
N TYR A 294 -3.46 43.80 3.90
CA TYR A 294 -3.09 44.90 3.02
C TYR A 294 -4.16 45.97 3.01
N ALA A 295 -5.43 45.59 3.02
CA ALA A 295 -6.55 46.52 2.88
C ALA A 295 -7.04 47.07 4.21
N ASN A 296 -6.35 46.77 5.32
CA ASN A 296 -6.79 47.21 6.63
C ASN A 296 -5.65 47.80 7.44
N THR A 297 -4.72 48.49 6.78
CA THR A 297 -3.64 49.16 7.50
C THR A 297 -4.20 50.33 8.29
N VAL A 298 -3.83 50.41 9.58
CA VAL A 298 -4.32 51.44 10.48
C VAL A 298 -3.14 52.23 11.01
N LEU A 299 -3.25 53.55 10.96
CA LEU A 299 -2.25 54.44 11.52
C LEU A 299 -2.74 55.01 12.84
N SER A 300 -1.80 55.21 13.76
CA SER A 300 -2.12 55.76 15.07
C SER A 300 -0.90 56.47 15.62
N GLY A 301 -1.12 57.29 16.64
CA GLY A 301 -0.04 58.02 17.27
C GLY A 301 0.20 59.38 16.62
N GLY A 302 0.86 60.25 17.38
CA GLY A 302 1.11 61.60 16.92
C GLY A 302 2.14 61.72 15.82
N THR A 303 3.03 60.72 15.69
CA THR A 303 4.06 60.79 14.66
C THR A 303 3.46 60.64 13.26
N THR A 304 2.34 59.93 13.14
CA THR A 304 1.67 59.75 11.85
C THR A 304 0.63 60.83 11.58
N MET A 305 0.78 62.00 12.19
CA MET A 305 -0.14 63.12 11.98
C MET A 305 0.40 64.14 10.99
N TYR A 306 1.50 63.85 10.32
CA TYR A 306 2.01 64.76 9.30
C TYR A 306 1.05 64.82 8.12
N PRO A 307 0.84 66.01 7.54
CA PRO A 307 -0.02 66.11 6.35
C PRO A 307 0.66 65.44 5.16
N GLY A 308 0.02 64.38 4.65
CA GLY A 308 0.53 63.67 3.49
C GLY A 308 1.25 62.38 3.79
N ILE A 309 1.33 61.97 5.06
CA ILE A 309 2.00 60.71 5.39
C ILE A 309 1.18 59.52 4.88
N ALA A 310 -0.15 59.64 4.86
CA ALA A 310 -0.98 58.56 4.34
C ALA A 310 -0.74 58.34 2.85
N ASP A 311 -0.60 59.43 2.09
CA ASP A 311 -0.37 59.30 0.65
C ASP A 311 1.01 58.71 0.37
N ARG A 312 2.05 59.17 1.07
CA ARG A 312 3.38 58.64 0.86
C ARG A 312 3.47 57.17 1.26
N MET A 313 2.86 56.81 2.39
CA MET A 313 2.87 55.42 2.82
C MET A 313 2.14 54.53 1.81
N GLN A 314 1.04 55.03 1.25
CA GLN A 314 0.31 54.26 0.24
C GLN A 314 1.17 54.02 -0.99
N LYS A 315 1.94 55.03 -1.42
CA LYS A 315 2.77 54.88 -2.61
C LYS A 315 3.92 53.91 -2.38
N GLU A 316 4.61 54.04 -1.24
CA GLU A 316 5.79 53.21 -0.99
C GLU A 316 5.41 51.73 -0.85
N ILE A 317 4.34 51.44 -0.12
CA ILE A 317 3.92 50.05 0.06
C ILE A 317 3.44 49.47 -1.27
N THR A 318 2.79 50.29 -2.10
CA THR A 318 2.29 49.80 -3.38
C THR A 318 3.43 49.31 -4.27
N ALA A 319 4.58 49.99 -4.23
CA ALA A 319 5.73 49.53 -5.00
C ALA A 319 6.21 48.17 -4.51
N LEU A 320 6.27 47.98 -3.20
CA LEU A 320 6.73 46.71 -2.65
C LEU A 320 5.69 45.62 -2.83
N ALA A 321 4.43 45.93 -2.54
CA ALA A 321 3.37 44.95 -2.66
C ALA A 321 3.08 44.62 -4.11
N PRO A 322 2.53 43.44 -4.39
CA PRO A 322 2.16 43.11 -5.77
C PRO A 322 1.10 44.07 -6.31
N SER A 323 1.19 44.32 -7.61
CA SER A 323 0.29 45.30 -8.24
C SER A 323 -1.16 44.87 -8.19
N THR A 324 -1.42 43.55 -8.16
CA THR A 324 -2.80 43.06 -8.15
C THR A 324 -3.52 43.49 -6.88
N MET A 325 -2.86 43.43 -5.73
CA MET A 325 -3.50 43.75 -4.48
C MET A 325 -3.72 45.24 -4.32
N LYS A 326 -4.80 45.60 -3.64
CA LYS A 326 -5.15 46.98 -3.36
C LYS A 326 -4.74 47.33 -1.93
N ILE A 327 -4.21 48.53 -1.75
CA ILE A 327 -3.70 48.99 -0.45
C ILE A 327 -4.56 50.16 -0.01
N LYS A 328 -5.12 50.06 1.19
CA LYS A 328 -5.95 51.11 1.76
C LYS A 328 -5.38 51.48 3.13
N ILE A 329 -5.05 52.75 3.32
CA ILE A 329 -4.50 53.24 4.58
C ILE A 329 -5.61 53.97 5.31
N ILE A 330 -6.03 53.44 6.45
CA ILE A 330 -7.07 54.06 7.26
C ILE A 330 -6.42 55.06 8.20
N ALA A 331 -6.79 56.33 8.05
CA ALA A 331 -6.24 57.43 8.85
C ALA A 331 -7.39 58.24 9.42
N PRO A 332 -7.97 57.80 10.54
CA PRO A 332 -9.05 58.56 11.16
C PRO A 332 -8.53 59.90 11.65
N PRO A 333 -9.38 60.93 11.64
CA PRO A 333 -8.90 62.27 12.06
C PRO A 333 -8.47 62.33 13.51
N GLU A 334 -8.98 61.45 14.38
CA GLU A 334 -8.65 61.45 15.80
C GLU A 334 -7.63 60.39 16.16
N ARG A 335 -6.71 60.07 15.24
CA ARG A 335 -5.75 59.01 15.47
C ARG A 335 -4.74 59.35 16.56
N LYS A 336 -4.66 60.61 17.00
CA LYS A 336 -3.74 60.95 18.09
C LYS A 336 -4.14 60.26 19.39
N TYR A 337 -5.43 60.23 19.69
CA TYR A 337 -5.94 59.60 20.91
C TYR A 337 -6.56 58.25 20.65
N SER A 338 -6.06 57.53 19.64
CA SER A 338 -6.63 56.21 19.32
C SER A 338 -6.32 55.19 20.41
N VAL A 339 -5.18 55.33 21.09
CA VAL A 339 -4.83 54.38 22.14
C VAL A 339 -5.77 54.52 23.33
N TRP A 340 -5.99 55.75 23.78
CA TRP A 340 -6.84 55.97 24.95
C TRP A 340 -8.30 55.64 24.65
N ILE A 341 -8.77 56.00 23.45
CA ILE A 341 -10.16 55.73 23.09
C ILE A 341 -10.42 54.22 23.05
N GLY A 342 -9.50 53.46 22.48
CA GLY A 342 -9.65 52.01 22.48
C GLY A 342 -9.62 51.42 23.87
N GLY A 343 -8.80 51.99 24.75
CA GLY A 343 -8.75 51.53 26.12
C GLY A 343 -9.98 51.89 26.93
N SER A 344 -10.68 52.95 26.55
CA SER A 344 -11.92 53.30 27.22
C SER A 344 -13.03 52.31 26.90
N ILE A 345 -13.09 51.87 25.64
CA ILE A 345 -14.08 50.87 25.25
C ILE A 345 -13.81 49.54 25.95
N LEU A 346 -12.54 49.14 26.03
CA LEU A 346 -12.20 47.87 26.65
C LEU A 346 -12.56 47.87 28.14
N ALA A 347 -12.32 48.98 28.83
CA ALA A 347 -12.58 49.02 30.26
C ALA A 347 -14.07 49.01 30.57
N SER A 348 -14.90 49.43 29.64
CA SER A 348 -16.35 49.48 29.85
C SER A 348 -17.05 48.22 29.38
N LEU A 349 -16.34 47.25 28.81
CA LEU A 349 -16.96 46.03 28.35
C LEU A 349 -17.35 45.14 29.53
N SER A 350 -18.47 44.44 29.38
CA SER A 350 -18.95 43.56 30.44
C SER A 350 -18.06 42.33 30.58
N THR A 351 -17.57 41.79 29.45
CA THR A 351 -16.69 40.63 29.49
C THR A 351 -15.35 40.95 30.13
N PHE A 352 -14.87 42.19 29.99
CA PHE A 352 -13.55 42.55 30.47
C PHE A 352 -13.43 42.48 32.00
N GLN A 353 -14.55 42.50 32.72
CA GLN A 353 -14.49 42.51 34.17
C GLN A 353 -13.89 41.22 34.75
N GLN A 354 -13.81 40.15 33.96
CA GLN A 354 -13.27 38.90 34.47
C GLN A 354 -11.74 38.95 34.60
N MET A 355 -11.06 39.54 33.64
CA MET A 355 -9.60 39.46 33.57
C MET A 355 -8.90 40.61 34.29
N TRP A 356 -9.59 41.32 35.18
CA TRP A 356 -8.91 42.27 36.05
C TRP A 356 -7.97 41.53 37.00
N ILE A 357 -6.82 42.13 37.28
CA ILE A 357 -5.85 41.56 38.21
C ILE A 357 -6.27 42.01 39.61
N SER A 358 -6.89 41.10 40.35
CA SER A 358 -7.38 41.43 41.68
C SER A 358 -6.23 41.61 42.66
N LYS A 359 -6.53 42.34 43.74
CA LYS A 359 -5.53 42.56 44.79
C LYS A 359 -5.14 41.26 45.46
N GLN A 360 -6.11 40.36 45.68
CA GLN A 360 -5.83 39.09 46.33
C GLN A 360 -4.89 38.24 45.47
N GLU A 361 -5.09 38.26 44.14
CA GLU A 361 -4.23 37.48 43.26
C GLU A 361 -2.78 37.96 43.32
N TYR A 362 -2.58 39.28 43.37
CA TYR A 362 -1.22 39.81 43.45
C TYR A 362 -0.56 39.44 44.77
N ASP A 363 -1.31 39.47 45.87
CA ASP A 363 -0.73 39.17 47.17
C ASP A 363 -0.24 37.73 47.26
N GLU A 364 -1.01 36.79 46.71
CA GLU A 364 -0.65 35.38 46.84
C GLU A 364 0.50 34.98 45.92
N SER A 365 0.77 35.74 44.87
CA SER A 365 1.81 35.40 43.92
C SER A 365 2.97 36.40 43.93
N GLY A 366 2.67 37.68 43.76
CA GLY A 366 3.70 38.70 43.76
C GLY A 366 3.67 39.55 42.50
N PRO A 367 4.77 40.26 42.22
CA PRO A 367 4.81 41.11 41.03
C PRO A 367 4.87 40.32 39.73
N SER A 368 5.07 39.01 39.78
CA SER A 368 5.14 38.20 38.57
C SER A 368 3.77 37.84 38.01
N ILE A 369 2.68 38.24 38.68
CA ILE A 369 1.35 37.91 38.20
C ILE A 369 1.05 38.59 36.87
N VAL A 370 1.73 39.70 36.59
CA VAL A 370 1.40 40.48 35.39
C VAL A 370 1.77 39.71 34.12
N HIS A 371 2.88 38.98 34.14
CA HIS A 371 3.30 38.26 32.95
C HIS A 371 2.30 37.18 32.56
N ARG A 372 1.79 36.44 33.56
CA ARG A 372 0.87 35.34 33.28
C ARG A 372 -0.54 35.82 32.94
N LYS A 373 -1.00 36.89 33.57
CA LYS A 373 -2.38 37.35 33.42
C LYS A 373 -2.54 38.42 32.36
N CYS A 374 -1.48 38.79 31.64
CA CYS A 374 -1.57 39.82 30.62
C CYS A 374 -0.78 39.39 29.39
N PHE A 375 -1.17 39.95 28.25
CA PHE A 375 -0.47 39.68 26.99
C PHE A 375 0.61 40.72 26.75
N ALA B 6 45.06 17.18 -7.15
CA ALA B 6 44.95 18.31 -6.23
C ALA B 6 43.59 18.97 -6.35
N ALA B 7 42.53 18.16 -6.27
CA ALA B 7 41.18 18.69 -6.40
C ALA B 7 40.84 19.62 -5.24
N LEU B 8 40.18 20.73 -5.56
CA LEU B 8 39.70 21.66 -4.54
C LEU B 8 38.36 21.19 -4.03
N VAL B 9 38.18 21.24 -2.70
CA VAL B 9 36.93 20.88 -2.07
C VAL B 9 36.42 22.13 -1.36
N VAL B 10 35.50 22.84 -2.00
CA VAL B 10 34.91 24.06 -1.44
C VAL B 10 33.50 23.73 -0.96
N ASP B 11 33.26 23.94 0.32
CA ASP B 11 31.96 23.69 0.93
C ASP B 11 31.38 25.04 1.36
N ASN B 12 30.71 25.71 0.43
CA ASN B 12 30.08 26.98 0.74
C ASN B 12 28.84 26.76 1.60
N GLY B 13 28.73 27.51 2.69
CA GLY B 13 27.62 27.39 3.60
C GLY B 13 26.94 28.72 3.81
N SER B 14 25.81 28.67 4.52
CA SER B 14 25.07 29.89 4.81
C SER B 14 25.87 30.84 5.68
N GLY B 15 26.56 30.31 6.70
CA GLY B 15 27.34 31.15 7.59
C GLY B 15 28.83 31.13 7.32
N MET B 16 29.40 29.94 7.18
CA MET B 16 30.84 29.79 6.99
C MET B 16 31.10 28.87 5.79
N CYS B 17 32.12 29.21 5.02
CA CYS B 17 32.54 28.40 3.88
C CYS B 17 33.92 27.85 4.15
N LYS B 18 34.06 26.52 4.06
CA LYS B 18 35.30 25.83 4.34
C LYS B 18 35.92 25.38 3.02
N ALA B 19 37.12 25.87 2.73
CA ALA B 19 37.82 25.55 1.50
C ALA B 19 39.20 24.98 1.84
N GLY B 20 39.60 23.94 1.12
CA GLY B 20 40.88 23.30 1.36
C GLY B 20 41.38 22.51 0.18
N PHE B 21 41.97 21.35 0.44
CA PHE B 21 42.52 20.50 -0.59
C PHE B 21 42.08 19.06 -0.37
N ALA B 22 42.01 18.29 -1.45
CA ALA B 22 41.67 16.89 -1.35
C ALA B 22 42.82 16.11 -0.70
N GLY B 23 42.46 15.11 0.10
CA GLY B 23 43.43 14.28 0.76
C GLY B 23 43.87 14.76 2.14
N ASP B 24 43.48 15.96 2.54
CA ASP B 24 43.84 16.48 3.86
C ASP B 24 42.80 16.04 4.88
N ASP B 25 43.03 16.41 6.14
CA ASP B 25 42.14 16.05 7.24
C ASP B 25 41.37 17.23 7.82
N ALA B 26 41.81 18.46 7.58
CA ALA B 26 41.13 19.64 8.07
C ALA B 26 41.08 20.69 6.97
N PRO B 27 40.05 21.53 6.96
CA PRO B 27 39.99 22.60 5.96
C PRO B 27 41.17 23.55 6.09
N ARG B 28 41.68 24.00 4.95
CA ARG B 28 42.84 24.89 4.96
C ARG B 28 42.45 26.29 5.45
N ALA B 29 41.34 26.83 4.95
CA ALA B 29 40.90 28.16 5.30
C ALA B 29 39.41 28.14 5.64
N VAL B 30 39.05 28.69 6.78
CA VAL B 30 37.67 28.82 7.22
C VAL B 30 37.42 30.27 7.60
N PHE B 31 36.52 30.94 6.89
CA PHE B 31 36.18 32.32 7.17
C PHE B 31 34.69 32.52 7.00
N PRO B 32 34.10 33.51 7.69
CA PRO B 32 32.68 33.76 7.54
C PRO B 32 32.33 34.17 6.12
N SER B 33 31.14 33.73 5.67
CA SER B 33 30.68 34.01 4.32
C SER B 33 29.76 35.22 4.32
N ILE B 34 30.36 36.37 4.61
CA ILE B 34 29.65 37.64 4.67
C ILE B 34 30.36 38.66 3.79
N VAL B 35 29.59 39.43 3.04
CA VAL B 35 30.10 40.51 2.20
C VAL B 35 29.47 41.80 2.70
N GLY B 36 30.30 42.71 3.20
CA GLY B 36 29.82 43.96 3.75
C GLY B 36 30.41 45.16 3.03
N ARG B 37 29.60 46.21 2.91
CA ARG B 37 30.02 47.46 2.30
C ARG B 37 29.74 48.60 3.27
N PRO B 38 30.60 49.63 3.30
CA PRO B 38 30.41 50.72 4.25
C PRO B 38 29.13 51.49 3.97
N ARG B 39 28.50 51.96 5.07
CA ARG B 39 27.34 52.82 4.97
C ARG B 39 27.67 54.29 5.17
N HIS B 40 28.94 54.62 5.38
CA HIS B 40 29.40 55.99 5.50
C HIS B 40 30.28 56.36 4.31
N GLN B 41 30.86 57.54 4.36
CA GLN B 41 31.77 58.02 3.35
C GLN B 41 33.13 58.29 3.97
N GLY B 42 34.19 57.81 3.30
CA GLY B 42 35.52 57.98 3.83
C GLY B 42 35.93 59.44 3.92
N VAL B 43 36.70 59.75 4.95
CA VAL B 43 37.20 61.10 5.16
C VAL B 43 38.72 61.19 4.99
N MET B 44 39.45 60.13 5.26
CA MET B 44 40.90 60.11 5.11
C MET B 44 41.24 59.54 3.74
N VAL B 45 42.03 60.29 2.97
CA VAL B 45 42.42 59.85 1.63
C VAL B 45 43.67 58.97 1.64
N GLY B 46 44.47 59.01 2.71
CA GLY B 46 45.66 58.20 2.75
C GLY B 46 45.37 56.70 2.80
N MET B 47 44.36 56.31 3.57
CA MET B 47 44.02 54.90 3.71
C MET B 47 43.49 54.34 2.40
N GLY B 48 43.96 53.15 2.05
CA GLY B 48 43.51 52.49 0.83
C GLY B 48 42.20 51.75 1.01
N GLN B 49 41.12 52.51 1.20
CA GLN B 49 39.81 51.90 1.40
C GLN B 49 39.34 51.22 0.12
N LYS B 50 38.68 50.08 0.28
CA LYS B 50 38.13 49.34 -0.83
C LYS B 50 36.63 49.60 -0.94
N ASP B 51 35.97 48.90 -1.86
CA ASP B 51 34.54 49.05 -2.07
C ASP B 51 33.74 48.11 -1.16
N SER B 52 34.11 46.83 -1.14
CA SER B 52 33.43 45.84 -0.32
C SER B 52 34.46 44.96 0.36
N TYR B 53 34.11 44.48 1.56
CA TYR B 53 34.97 43.60 2.34
C TYR B 53 34.29 42.24 2.48
N VAL B 54 35.05 41.18 2.23
CA VAL B 54 34.52 39.82 2.24
C VAL B 54 35.43 38.95 3.12
N GLY B 55 34.82 38.16 3.99
CA GLY B 55 35.57 37.21 4.80
C GLY B 55 35.92 37.72 6.17
N ASP B 56 37.08 37.30 6.69
CA ASP B 56 37.52 37.75 8.01
C ASP B 56 37.81 39.23 8.05
N GLU B 57 38.08 39.86 6.90
CA GLU B 57 38.29 41.30 6.87
C GLU B 57 37.03 42.05 7.26
N ALA B 58 35.87 41.57 6.81
CA ALA B 58 34.61 42.20 7.16
C ALA B 58 34.34 42.11 8.66
N GLN B 59 34.65 40.96 9.26
CA GLN B 59 34.39 40.79 10.69
C GLN B 59 35.22 41.75 11.53
N SER B 60 36.46 42.00 11.13
CA SER B 60 37.31 42.92 11.87
C SER B 60 36.71 44.33 11.88
N LYS B 61 36.18 44.77 10.75
CA LYS B 61 35.56 46.09 10.63
C LYS B 61 34.04 46.00 10.58
N ARG B 62 33.45 45.07 11.33
CA ARG B 62 32.00 44.86 11.28
C ARG B 62 31.22 46.02 11.88
N GLY B 63 31.87 46.89 12.66
CA GLY B 63 31.16 47.99 13.27
C GLY B 63 30.78 49.10 12.30
N ILE B 64 31.40 49.12 11.12
CA ILE B 64 31.14 50.15 10.13
C ILE B 64 30.29 49.62 8.98
N LEU B 65 30.62 48.43 8.46
CA LEU B 65 29.94 47.90 7.30
C LEU B 65 28.55 47.42 7.66
N THR B 66 27.74 47.15 6.63
CA THR B 66 26.44 46.53 6.75
C THR B 66 26.56 45.10 6.25
N LEU B 67 26.78 44.17 7.18
CA LEU B 67 27.02 42.78 6.80
C LEU B 67 25.79 42.19 6.12
N LYS B 68 26.01 41.54 4.99
CA LYS B 68 24.94 40.89 4.23
C LYS B 68 25.39 39.48 3.88
N TYR B 69 24.48 38.52 4.04
CA TYR B 69 24.80 37.13 3.74
C TYR B 69 24.38 36.83 2.30
N PRO B 70 25.32 36.55 1.40
CA PRO B 70 24.94 36.21 0.02
C PRO B 70 24.15 34.92 -0.09
N ILE B 71 24.24 34.04 0.90
CA ILE B 71 23.51 32.78 0.91
C ILE B 71 22.47 32.84 2.01
N GLU B 72 21.22 32.56 1.66
CA GLU B 72 20.14 32.55 2.64
C GLU B 72 19.32 31.28 2.50
N GLY B 74 20.36 28.33 2.39
CA GLY B 74 21.01 27.44 1.46
C GLY B 74 20.79 27.78 0.00
N ILE B 75 20.21 28.94 -0.25
CA ILE B 75 19.94 29.43 -1.61
C ILE B 75 20.68 30.73 -1.80
N VAL B 76 21.44 30.83 -2.88
CA VAL B 76 22.21 32.04 -3.17
C VAL B 76 21.23 33.11 -3.64
N THR B 77 20.97 34.09 -2.78
CA THR B 77 20.05 35.17 -3.10
C THR B 77 20.73 36.35 -3.79
N ASN B 78 22.05 36.31 -3.94
CA ASN B 78 22.78 37.41 -4.58
C ASN B 78 23.98 36.80 -5.29
N TRP B 79 23.85 36.59 -6.60
CA TRP B 79 24.93 35.96 -7.36
C TRP B 79 26.10 36.90 -7.60
N ASP B 80 25.88 38.21 -7.56
CA ASP B 80 26.99 39.15 -7.68
C ASP B 80 27.95 39.03 -6.50
N ASP B 81 27.39 38.87 -5.29
CA ASP B 81 28.23 38.75 -4.10
C ASP B 81 28.85 37.37 -3.98
N MET B 82 28.18 36.33 -4.49
CA MET B 82 28.72 34.97 -4.38
C MET B 82 30.01 34.83 -5.17
N GLU B 83 30.08 35.46 -6.34
CA GLU B 83 31.32 35.44 -7.12
C GLU B 83 32.46 36.07 -6.35
N LYS B 84 32.17 37.11 -5.56
CA LYS B 84 33.21 37.77 -4.78
C LYS B 84 33.84 36.83 -3.77
N ILE B 85 33.03 35.99 -3.12
CA ILE B 85 33.56 35.07 -2.11
C ILE B 85 34.46 34.03 -2.75
N TRP B 86 34.02 33.44 -3.86
CA TRP B 86 34.84 32.46 -4.55
C TRP B 86 36.11 33.11 -5.10
N HIS B 87 35.99 34.32 -5.64
CA HIS B 87 37.19 35.03 -6.10
C HIS B 87 38.14 35.31 -4.93
N HIS B 88 37.59 35.61 -3.76
CA HIS B 88 38.43 35.81 -2.58
C HIS B 88 38.97 34.48 -2.05
N THR B 89 38.20 33.40 -2.19
CA THR B 89 38.64 32.11 -1.66
C THR B 89 39.85 31.59 -2.43
N PHE B 90 39.78 31.58 -3.76
CA PHE B 90 40.82 30.93 -4.55
C PHE B 90 42.10 31.75 -4.58
N TYR B 91 41.99 33.07 -4.75
CA TYR B 91 43.17 33.90 -4.99
C TYR B 91 43.74 34.53 -3.73
N ASN B 92 43.09 34.40 -2.58
CA ASN B 92 43.59 34.99 -1.34
C ASN B 92 43.77 33.98 -0.22
N GLU B 93 42.85 33.02 -0.08
CA GLU B 93 42.95 32.04 1.00
C GLU B 93 43.73 30.80 0.56
N LEU B 94 43.26 30.13 -0.49
CA LEU B 94 43.99 28.98 -1.02
C LEU B 94 45.22 29.42 -1.81
N ARG B 95 45.17 30.59 -2.44
CA ARG B 95 46.27 31.12 -3.25
C ARG B 95 46.65 30.14 -4.37
N VAL B 96 45.65 29.56 -5.02
CA VAL B 96 45.85 28.65 -6.14
C VAL B 96 44.98 29.09 -7.30
N ALA B 97 45.40 28.69 -8.50
CA ALA B 97 44.64 28.99 -9.71
C ALA B 97 43.70 27.85 -10.03
N PRO B 98 42.39 28.09 -10.13
CA PRO B 98 41.46 26.98 -10.39
C PRO B 98 41.48 26.48 -11.81
N GLU B 99 42.33 27.03 -12.68
CA GLU B 99 42.37 26.61 -14.08
C GLU B 99 43.03 25.25 -14.27
N GLU B 100 43.66 24.70 -13.24
CA GLU B 100 44.31 23.39 -13.35
C GLU B 100 43.77 22.35 -12.40
N HIS B 101 42.97 22.74 -11.40
CA HIS B 101 42.44 21.77 -10.44
C HIS B 101 40.92 21.71 -10.53
N PRO B 102 40.33 20.52 -10.47
CA PRO B 102 38.88 20.42 -10.40
C PRO B 102 38.35 20.93 -9.06
N VAL B 103 37.09 21.33 -9.07
CA VAL B 103 36.44 21.90 -7.89
C VAL B 103 35.23 21.06 -7.55
N LEU B 104 35.11 20.70 -6.28
CA LEU B 104 33.95 19.98 -5.75
C LEU B 104 33.12 20.94 -4.92
N LEU B 105 31.82 21.00 -5.21
CA LEU B 105 30.92 21.91 -4.53
C LEU B 105 29.81 21.12 -3.84
N THR B 106 29.23 21.74 -2.81
CA THR B 106 28.17 21.13 -2.02
C THR B 106 26.91 21.98 -2.09
N GLU B 107 25.76 21.30 -2.09
CA GLU B 107 24.48 21.95 -2.15
C GLU B 107 23.47 21.17 -1.33
N ALA B 108 22.58 21.89 -0.65
CA ALA B 108 21.57 21.25 0.17
C ALA B 108 20.53 20.54 -0.70
N PRO B 109 19.95 19.45 -0.21
CA PRO B 109 18.91 18.77 -0.99
C PRO B 109 17.62 19.58 -1.05
N LEU B 110 16.79 19.24 -2.03
CA LEU B 110 15.51 19.92 -2.28
C LEU B 110 15.72 21.41 -2.51
N ASN B 111 16.78 21.76 -3.21
CA ASN B 111 17.09 23.12 -3.58
C ASN B 111 16.55 23.43 -4.97
N PRO B 112 16.33 24.70 -5.30
CA PRO B 112 15.89 25.04 -6.65
C PRO B 112 16.89 24.58 -7.69
N LYS B 113 16.38 24.10 -8.82
CA LYS B 113 17.26 23.62 -9.88
C LYS B 113 18.09 24.74 -10.48
N ALA B 114 17.62 25.99 -10.38
CA ALA B 114 18.37 27.11 -10.92
C ALA B 114 19.60 27.42 -10.08
N ASN B 115 19.59 27.01 -8.81
CA ASN B 115 20.72 27.31 -7.93
C ASN B 115 21.99 26.61 -8.40
N ARG B 116 21.89 25.31 -8.68
CA ARG B 116 23.06 24.56 -9.13
C ARG B 116 23.35 24.76 -10.61
N GLU B 117 22.39 25.30 -11.37
CA GLU B 117 22.65 25.61 -12.77
C GLU B 117 23.58 26.81 -12.91
N LYS B 118 23.38 27.84 -12.09
CA LYS B 118 24.26 29.01 -12.13
C LYS B 118 25.60 28.73 -11.48
N MET B 119 25.67 27.80 -10.54
CA MET B 119 26.95 27.41 -9.96
C MET B 119 27.87 26.82 -11.03
N THR B 120 27.33 25.95 -11.88
CA THR B 120 28.13 25.37 -12.95
C THR B 120 28.54 26.43 -13.97
N GLN B 121 27.61 27.30 -14.36
CA GLN B 121 27.90 28.27 -15.41
C GLN B 121 28.97 29.27 -14.98
N ILE B 122 28.92 29.73 -13.72
CA ILE B 122 29.84 30.78 -13.28
C ILE B 122 31.27 30.27 -13.27
N MET B 123 31.50 29.10 -12.67
CA MET B 123 32.86 28.59 -12.55
C MET B 123 33.42 28.20 -13.91
N PHE B 124 32.59 27.59 -14.77
CA PHE B 124 33.04 27.15 -16.08
C PHE B 124 33.28 28.31 -17.05
N GLU B 125 32.85 29.51 -16.72
CA GLU B 125 33.02 30.66 -17.59
C GLU B 125 33.83 31.79 -16.99
N THR B 126 33.85 31.94 -15.67
CA THR B 126 34.65 32.96 -15.01
C THR B 126 35.99 32.44 -14.51
N PHE B 127 36.01 31.21 -13.97
CA PHE B 127 37.24 30.61 -13.49
C PHE B 127 37.81 29.55 -14.43
N ASN B 128 36.98 28.99 -15.31
CA ASN B 128 37.39 27.99 -16.30
C ASN B 128 38.05 26.78 -15.62
N THR B 129 37.31 26.19 -14.69
CA THR B 129 37.82 25.01 -14.00
C THR B 129 37.79 23.79 -14.93
N PRO B 130 38.78 22.91 -14.83
CA PRO B 130 38.78 21.72 -15.70
C PRO B 130 37.59 20.80 -15.49
N ALA B 131 37.07 20.70 -14.28
CA ALA B 131 36.00 19.76 -14.00
C ALA B 131 35.15 20.28 -12.83
N MET B 132 34.08 19.56 -12.54
CA MET B 132 33.18 19.90 -11.44
C MET B 132 32.44 18.65 -10.97
N TYR B 133 31.93 18.73 -9.75
CA TYR B 133 30.93 17.80 -9.23
C TYR B 133 30.23 18.46 -8.07
N VAL B 134 28.90 18.36 -8.05
CA VAL B 134 28.08 18.94 -6.99
C VAL B 134 27.47 17.79 -6.20
N ALA B 135 27.74 17.76 -4.90
CA ALA B 135 27.30 16.67 -4.04
C ALA B 135 26.41 17.20 -2.93
N ILE B 136 25.53 16.33 -2.44
CA ILE B 136 24.64 16.69 -1.35
C ILE B 136 25.42 16.77 -0.05
N GLN B 137 25.12 17.78 0.77
CA GLN B 137 25.84 17.98 2.02
C GLN B 137 25.65 16.79 2.96
N ALA B 138 24.43 16.26 3.04
CA ALA B 138 24.16 15.15 3.94
C ALA B 138 24.88 13.87 3.51
N VAL B 139 25.00 13.63 2.20
CA VAL B 139 25.70 12.45 1.73
C VAL B 139 27.16 12.49 2.12
N LEU B 140 27.80 13.65 1.97
CA LEU B 140 29.22 13.78 2.33
C LEU B 140 29.44 13.57 3.82
N SER B 141 28.46 13.94 4.65
CA SER B 141 28.63 13.79 6.09
C SER B 141 28.76 12.32 6.49
N LEU B 142 28.13 11.42 5.73
CA LEU B 142 28.26 10.00 6.03
C LEU B 142 29.63 9.46 5.63
N TYR B 143 30.27 10.06 4.63
CA TYR B 143 31.59 9.61 4.21
C TYR B 143 32.63 9.88 5.30
N ALA B 144 32.50 11.00 6.01
CA ALA B 144 33.45 11.33 7.07
C ALA B 144 33.41 10.29 8.18
N SER B 145 32.21 9.83 8.55
CA SER B 145 32.09 8.84 9.61
C SER B 145 32.59 7.46 9.18
N GLY B 146 32.74 7.23 7.87
CA GLY B 146 33.16 5.94 7.38
C GLY B 146 32.05 4.91 7.26
N ARG B 147 30.83 5.27 7.64
CA ARG B 147 29.71 4.34 7.59
C ARG B 147 29.14 4.27 6.18
N THR B 148 28.16 3.38 6.00
CA THR B 148 27.43 3.26 4.75
C THR B 148 25.93 3.21 4.92
N THR B 149 25.42 2.99 6.13
CA THR B 149 23.99 2.95 6.40
C THR B 149 23.70 3.86 7.59
N GLY B 150 22.72 4.74 7.43
CA GLY B 150 22.34 5.62 8.52
C GLY B 150 21.63 6.88 8.05
N ILE B 151 20.79 7.44 8.91
CA ILE B 151 20.08 8.68 8.61
C ILE B 151 20.92 9.85 9.13
N VAL B 152 21.26 10.77 8.24
CA VAL B 152 22.17 11.87 8.55
C VAL B 152 21.35 13.12 8.80
N MET B 153 21.50 13.71 9.99
CA MET B 153 20.89 14.99 10.33
C MET B 153 21.95 16.07 10.16
N ASP B 154 21.80 16.90 9.14
CA ASP B 154 22.77 17.96 8.83
C ASP B 154 22.11 19.30 9.12
N SER B 155 22.21 19.75 10.36
CA SER B 155 21.66 21.03 10.79
C SER B 155 22.78 22.06 10.70
N GLY B 156 22.67 22.96 9.73
CA GLY B 156 23.69 23.99 9.53
C GLY B 156 23.24 25.35 10.00
N ASP B 157 23.49 26.37 9.17
CA ASP B 157 23.11 27.74 9.51
C ASP B 157 21.79 28.16 8.87
N GLY B 158 21.44 27.59 7.71
CA GLY B 158 20.19 27.95 7.08
C GLY B 158 19.22 26.80 6.88
N VAL B 159 19.75 25.59 6.71
CA VAL B 159 18.95 24.43 6.32
C VAL B 159 19.18 23.32 7.33
N THR B 160 18.09 22.70 7.79
CA THR B 160 18.14 21.48 8.60
C THR B 160 17.46 20.37 7.81
N HIS B 161 18.25 19.43 7.30
CA HIS B 161 17.73 18.39 6.43
C HIS B 161 18.23 17.03 6.91
N THR B 162 17.38 16.02 6.71
CA THR B 162 17.70 14.64 7.04
C THR B 162 17.62 13.79 5.79
N VAL B 163 18.69 13.07 5.49
CA VAL B 163 18.74 12.23 4.29
C VAL B 163 19.07 10.80 4.70
N PRO B 164 18.10 9.89 4.65
CA PRO B 164 18.39 8.49 5.00
C PRO B 164 19.05 7.75 3.85
N ILE B 165 20.09 6.99 4.19
CA ILE B 165 20.85 6.21 3.23
C ILE B 165 20.99 4.78 3.75
N TYR B 166 20.67 3.80 2.91
CA TYR B 166 20.76 2.39 3.30
C TYR B 166 21.64 1.66 2.31
N GLU B 167 22.81 1.21 2.77
CA GLU B 167 23.74 0.41 1.97
C GLU B 167 24.15 1.13 0.68
N GLY B 168 24.30 2.45 0.77
CA GLY B 168 24.73 3.25 -0.36
C GLY B 168 23.62 3.72 -1.27
N TYR B 169 22.42 3.18 -1.14
CA TYR B 169 21.28 3.59 -1.95
C TYR B 169 20.44 4.58 -1.16
N ALA B 170 20.43 5.83 -1.61
CA ALA B 170 19.67 6.87 -0.94
C ALA B 170 18.19 6.73 -1.26
N LEU B 171 17.36 7.27 -0.38
CA LEU B 171 15.90 7.27 -0.56
C LEU B 171 15.43 8.68 -0.79
N PRO B 172 15.18 9.10 -2.04
CA PRO B 172 14.81 10.51 -2.28
C PRO B 172 13.44 10.89 -1.75
N HIS B 173 12.53 9.94 -1.55
CA HIS B 173 11.20 10.26 -1.09
C HIS B 173 11.11 10.45 0.41
N ALA B 174 12.11 10.02 1.17
CA ALA B 174 12.12 10.16 2.62
C ALA B 174 12.96 11.33 3.10
N ILE B 175 13.43 12.18 2.19
CA ILE B 175 14.25 13.33 2.57
C ILE B 175 13.34 14.45 3.05
N LEU B 176 13.55 14.89 4.28
CA LEU B 176 12.80 15.99 4.85
C LEU B 176 13.74 17.18 5.07
N ARG B 177 13.26 18.37 4.70
CA ARG B 177 14.04 19.59 4.82
C ARG B 177 13.27 20.58 5.68
N LEU B 178 13.95 21.18 6.65
CA LEU B 178 13.36 22.16 7.55
C LEU B 178 14.14 23.46 7.44
N ASP B 179 13.43 24.56 7.21
CA ASP B 179 14.06 25.88 7.11
C ASP B 179 14.20 26.54 8.48
N LEU B 180 14.83 25.81 9.40
CA LEU B 180 15.06 26.30 10.76
C LEU B 180 16.43 25.82 11.19
N ALA B 181 17.34 26.76 11.44
CA ALA B 181 18.72 26.42 11.74
C ALA B 181 19.30 27.49 12.66
N GLY B 182 20.62 27.55 12.74
CA GLY B 182 21.27 28.43 13.70
C GLY B 182 20.95 29.90 13.49
N ARG B 183 20.80 30.31 12.23
CA ARG B 183 20.49 31.71 11.96
C ARG B 183 19.12 32.10 12.52
N ASP B 184 18.15 31.21 12.42
CA ASP B 184 16.83 31.51 12.98
C ASP B 184 16.85 31.51 14.50
N LEU B 185 17.66 30.65 15.11
CA LEU B 185 17.84 30.70 16.56
C LEU B 185 18.50 32.00 17.00
N THR B 186 19.46 32.50 16.20
CA THR B 186 20.08 33.77 16.51
C THR B 186 19.07 34.91 16.47
N ASP B 187 18.16 34.87 15.48
CA ASP B 187 17.09 35.87 15.43
C ASP B 187 16.15 35.75 16.62
N TYR B 188 15.91 34.52 17.08
CA TYR B 188 15.04 34.31 18.24
C TYR B 188 15.75 34.66 19.54
N LEU B 189 17.06 34.43 19.61
CA LEU B 189 17.80 34.72 20.84
C LEU B 189 17.82 36.22 21.13
N MET B 190 18.00 37.04 20.11
CA MET B 190 17.99 38.48 20.32
C MET B 190 16.59 39.00 20.60
N LYS B 191 15.55 38.24 20.23
CA LYS B 191 14.19 38.66 20.54
C LYS B 191 13.88 38.50 22.02
N ILE B 192 14.29 37.37 22.61
CA ILE B 192 14.05 37.14 24.04
C ILE B 192 15.09 37.81 24.92
N LEU B 193 16.18 38.30 24.34
CA LEU B 193 17.16 39.05 25.14
C LEU B 193 16.66 40.42 25.52
N THR B 194 15.61 40.92 24.86
CA THR B 194 15.00 42.17 25.26
C THR B 194 14.16 42.02 26.52
N GLU B 195 13.81 40.78 26.88
CA GLU B 195 13.06 40.55 28.11
C GLU B 195 13.87 40.87 29.36
N ARG B 196 15.20 40.96 29.23
CA ARG B 196 16.05 41.31 30.35
C ARG B 196 16.55 42.75 30.28
N GLY B 197 16.54 43.37 29.10
CA GLY B 197 16.95 44.76 28.99
C GLY B 197 18.10 44.98 28.02
N TYR B 198 18.39 43.99 27.19
CA TYR B 198 19.44 44.09 26.19
C TYR B 198 18.83 44.12 24.80
N SER B 199 19.15 45.15 24.03
CA SER B 199 18.58 45.37 22.71
C SER B 199 19.68 45.20 21.66
N PHE B 200 19.56 44.16 20.84
CA PHE B 200 20.44 43.93 19.70
C PHE B 200 19.58 43.95 18.44
N THR B 201 19.79 44.96 17.59
CA THR B 201 18.97 45.13 16.40
C THR B 201 19.77 45.17 15.10
N THR B 202 20.92 45.84 15.08
CA THR B 202 21.66 46.00 13.85
C THR B 202 22.30 44.67 13.43
N THR B 203 22.61 44.57 12.14
CA THR B 203 23.26 43.36 11.62
C THR B 203 24.66 43.19 12.19
N ALA B 204 25.33 44.27 12.57
CA ALA B 204 26.63 44.15 13.21
C ALA B 204 26.50 43.54 14.59
N GLU B 205 25.42 43.84 15.32
CA GLU B 205 25.20 43.27 16.65
C GLU B 205 24.69 41.84 16.61
N ARG B 206 24.25 41.35 15.45
CA ARG B 206 23.85 39.96 15.35
C ARG B 206 25.04 39.03 15.58
N GLU B 207 26.22 39.41 15.06
CA GLU B 207 27.42 38.61 15.28
C GLU B 207 27.80 38.56 16.75
N ILE B 208 27.42 39.58 17.52
CA ILE B 208 27.66 39.55 18.96
C ILE B 208 26.73 38.52 19.62
N VAL B 209 25.48 38.47 19.19
CA VAL B 209 24.55 37.48 19.72
C VAL B 209 24.99 36.06 19.34
N ARG B 210 25.47 35.89 18.11
CA ARG B 210 25.95 34.58 17.69
C ARG B 210 27.11 34.10 18.55
N ASP B 211 27.96 35.03 19.01
CA ASP B 211 29.03 34.65 19.92
C ASP B 211 28.49 34.23 21.28
N ILE B 212 27.41 34.86 21.73
CA ILE B 212 26.79 34.47 22.99
C ILE B 212 26.22 33.06 22.88
N LYS B 213 25.55 32.76 21.78
CA LYS B 213 24.93 31.45 21.60
C LYS B 213 25.98 30.34 21.54
N GLU B 214 27.12 30.61 20.91
CA GLU B 214 28.14 29.59 20.72
C GLU B 214 28.87 29.23 22.01
N LYS B 215 28.69 29.99 23.09
CA LYS B 215 29.44 29.75 24.31
C LYS B 215 28.59 29.41 25.52
N LEU B 216 27.37 29.96 25.61
CA LEU B 216 26.56 29.80 26.81
C LEU B 216 25.32 28.94 26.62
N CYS B 217 24.73 28.95 25.44
CA CYS B 217 23.49 28.21 25.21
C CYS B 217 23.73 26.72 25.26
N TYR B 218 22.76 25.98 25.79
CA TYR B 218 22.83 24.53 25.87
C TYR B 218 21.41 23.97 25.88
N VAL B 219 21.30 22.68 25.60
CA VAL B 219 20.01 22.00 25.49
C VAL B 219 19.73 21.32 26.81
N ALA B 220 18.60 21.67 27.44
CA ALA B 220 18.21 21.07 28.69
C ALA B 220 17.59 19.70 28.47
N LEU B 221 17.91 18.76 29.35
CA LEU B 221 17.35 17.41 29.24
C LEU B 221 15.84 17.42 29.45
N ASP B 222 15.36 18.19 30.43
CA ASP B 222 13.93 18.32 30.71
C ASP B 222 13.60 19.80 30.78
N PHE B 223 12.95 20.32 29.75
CA PHE B 223 12.66 21.74 29.69
C PHE B 223 11.72 22.18 30.81
N GLU B 224 10.68 21.39 31.07
CA GLU B 224 9.71 21.76 32.11
C GLU B 224 10.36 21.80 33.48
N GLN B 225 11.22 20.82 33.78
CA GLN B 225 11.89 20.80 35.08
C GLN B 225 12.92 21.92 35.19
N GLU B 226 13.71 22.14 34.13
CA GLU B 226 14.74 23.17 34.20
C GLU B 226 14.15 24.57 34.26
N MET B 227 12.96 24.78 33.70
CA MET B 227 12.34 26.09 33.75
C MET B 227 12.02 26.49 35.18
N ALA B 228 11.49 25.55 35.98
CA ALA B 228 11.21 25.85 37.38
C ALA B 228 12.49 26.10 38.17
N THR B 229 13.53 25.30 37.92
CA THR B 229 14.78 25.48 38.64
C THR B 229 15.41 26.83 38.36
N ALA B 230 15.40 27.25 37.09
CA ALA B 230 16.01 28.53 36.73
C ALA B 230 15.29 29.71 37.35
N ALA B 231 14.00 29.57 37.63
CA ALA B 231 13.20 30.63 38.23
C ALA B 231 13.22 30.61 39.75
N SER B 232 13.89 29.63 40.36
CA SER B 232 13.93 29.51 41.81
C SER B 232 15.32 29.76 42.41
N SER B 233 16.36 29.86 41.57
CA SER B 233 17.71 30.07 42.07
C SER B 233 18.48 30.89 41.04
N SER B 234 19.81 30.96 41.21
CA SER B 234 20.66 31.72 40.31
C SER B 234 21.92 30.93 39.94
N SER B 235 21.88 29.61 40.06
CA SER B 235 23.05 28.80 39.73
C SER B 235 23.23 28.68 38.22
N LEU B 236 22.15 28.82 37.45
CA LEU B 236 22.23 28.69 36.00
C LEU B 236 22.64 29.98 35.30
N GLU B 237 22.74 31.09 36.03
CA GLU B 237 23.09 32.35 35.41
C GLU B 237 24.57 32.37 35.04
N LYS B 238 24.86 32.93 33.87
CA LYS B 238 26.23 33.08 33.38
C LYS B 238 26.45 34.50 32.92
N SER B 239 27.68 34.97 33.06
CA SER B 239 28.06 36.33 32.71
C SER B 239 28.92 36.32 31.45
N TYR B 240 28.57 37.18 30.50
CA TYR B 240 29.31 37.32 29.25
C TYR B 240 29.75 38.76 29.10
N GLU B 241 30.95 38.95 28.52
CA GLU B 241 31.53 40.27 28.37
C GLU B 241 31.36 40.72 26.92
N LEU B 242 30.71 41.87 26.73
CA LEU B 242 30.54 42.43 25.41
C LEU B 242 31.86 43.01 24.90
N PRO B 243 31.99 43.16 23.58
CA PRO B 243 33.22 43.77 23.04
C PRO B 243 33.49 45.18 23.55
N ASP B 244 32.45 45.92 23.94
CA ASP B 244 32.65 47.27 24.45
C ASP B 244 33.00 47.31 25.93
N GLY B 245 33.05 46.16 26.60
CA GLY B 245 33.40 46.09 28.00
C GLY B 245 32.23 45.86 28.94
N GLN B 246 31.00 45.98 28.45
CA GLN B 246 29.83 45.73 29.29
C GLN B 246 29.71 44.25 29.62
N VAL B 247 29.20 43.98 30.82
CA VAL B 247 29.01 42.61 31.30
C VAL B 247 27.51 42.36 31.40
N ILE B 248 27.03 41.36 30.68
CA ILE B 248 25.62 41.00 30.66
C ILE B 248 25.44 39.64 31.31
N THR B 249 24.26 39.41 31.88
CA THR B 249 23.93 38.17 32.54
C THR B 249 22.66 37.59 31.94
N ILE B 250 22.72 36.33 31.51
CA ILE B 250 21.58 35.64 30.91
C ILE B 250 21.27 34.41 31.75
N GLY B 251 19.99 34.23 32.07
CA GLY B 251 19.57 33.13 32.92
C GLY B 251 18.88 32.01 32.19
N ASN B 252 17.54 31.99 32.25
CA ASN B 252 16.78 30.93 31.61
C ASN B 252 16.86 30.97 30.09
N GLU B 253 17.39 32.05 29.51
CA GLU B 253 17.55 32.12 28.06
C GLU B 253 18.63 31.17 27.55
N ARG B 254 19.44 30.59 28.43
CA ARG B 254 20.48 29.67 27.99
C ARG B 254 19.89 28.41 27.37
N PHE B 255 18.85 27.85 27.99
CA PHE B 255 18.21 26.64 27.48
C PHE B 255 16.94 26.92 26.70
N ARG B 256 16.57 28.18 26.51
CA ARG B 256 15.37 28.51 25.78
C ARG B 256 15.62 28.69 24.28
N CYS B 257 16.73 29.35 23.93
CA CYS B 257 17.06 29.52 22.52
C CYS B 257 17.28 28.19 21.80
N PRO B 258 18.06 27.23 22.33
CA PRO B 258 18.14 25.93 21.67
C PRO B 258 16.86 25.11 21.76
N GLU B 259 15.93 25.48 22.65
CA GLU B 259 14.68 24.75 22.77
C GLU B 259 13.76 24.96 21.59
N ALA B 260 13.95 26.04 20.83
CA ALA B 260 13.14 26.28 19.64
C ALA B 260 13.37 25.22 18.57
N LEU B 261 14.50 24.51 18.62
CA LEU B 261 14.73 23.43 17.66
C LEU B 261 13.74 22.29 17.85
N PHE B 262 13.43 21.94 19.10
CA PHE B 262 12.52 20.85 19.38
C PHE B 262 11.07 21.29 19.47
N GLN B 263 10.81 22.57 19.74
CA GLN B 263 9.46 23.13 19.81
C GLN B 263 9.42 24.38 18.93
N PRO B 264 9.32 24.21 17.61
CA PRO B 264 9.30 25.38 16.71
C PRO B 264 8.07 26.26 16.88
N SER B 265 7.12 25.90 17.75
CA SER B 265 5.96 26.76 17.98
C SER B 265 6.34 28.08 18.62
N PHE B 266 7.50 28.15 19.29
CA PHE B 266 7.95 29.42 19.84
C PHE B 266 8.19 30.45 18.74
N LEU B 267 8.76 30.01 17.62
CA LEU B 267 9.03 30.90 16.50
C LEU B 267 7.78 31.21 15.68
N GLY B 268 6.66 30.57 15.97
CA GLY B 268 5.45 30.73 15.19
C GLY B 268 5.33 29.79 14.01
N MET B 269 6.26 28.86 13.84
CA MET B 269 6.22 27.92 12.72
C MET B 269 5.38 26.71 13.08
N GLU B 270 4.74 26.14 12.06
CA GLU B 270 3.94 24.93 12.23
C GLU B 270 4.77 23.65 12.06
N SER B 271 6.02 23.75 11.62
CA SER B 271 6.83 22.57 11.41
C SER B 271 7.15 21.89 12.73
N ALA B 272 7.33 20.58 12.67
CA ALA B 272 7.66 19.80 13.85
C ALA B 272 9.11 20.02 14.26
N GLY B 273 9.46 19.55 15.44
CA GLY B 273 10.81 19.67 15.93
C GLY B 273 11.78 18.78 15.16
N ILE B 274 13.07 18.98 15.45
CA ILE B 274 14.09 18.19 14.77
C ILE B 274 14.02 16.73 15.20
N HIS B 275 13.57 16.46 16.43
CA HIS B 275 13.43 15.08 16.86
C HIS B 275 12.26 14.40 16.15
N GLU B 276 11.18 15.13 15.91
CA GLU B 276 10.04 14.58 15.17
C GLU B 276 10.31 14.50 13.68
N THR B 277 11.10 15.44 13.13
CA THR B 277 11.42 15.40 11.71
C THR B 277 12.26 14.17 11.37
N THR B 278 13.25 13.85 12.21
CA THR B 278 14.05 12.65 11.99
C THR B 278 13.20 11.39 12.09
N PHE B 279 12.32 11.34 13.10
CA PHE B 279 11.44 10.18 13.24
C PHE B 279 10.49 10.06 12.06
N ASN B 280 9.95 11.20 11.59
CA ASN B 280 9.07 11.16 10.43
C ASN B 280 9.81 10.71 9.18
N SER B 281 11.09 11.09 9.06
CA SER B 281 11.89 10.62 7.93
C SER B 281 12.09 9.12 7.97
N ILE B 282 12.33 8.57 9.16
CA ILE B 282 12.52 7.13 9.30
C ILE B 282 11.23 6.39 9.00
N MET B 283 10.08 6.94 9.44
CA MET B 283 8.81 6.28 9.19
C MET B 283 8.47 6.21 7.71
N LYS B 284 8.93 7.19 6.92
CA LYS B 284 8.72 7.14 5.48
C LYS B 284 9.47 5.98 4.85
N CYS B 285 10.58 5.55 5.46
CA CYS B 285 11.34 4.44 4.93
C CYS B 285 10.59 3.13 5.15
N ASP B 286 11.12 2.06 4.54
CA ASP B 286 10.49 0.76 4.64
C ASP B 286 10.72 0.14 6.02
N VAL B 287 9.91 -0.86 6.35
CA VAL B 287 9.98 -1.50 7.65
C VAL B 287 11.31 -2.24 7.82
N ASP B 288 11.78 -2.89 6.76
CA ASP B 288 12.95 -3.76 6.88
C ASP B 288 14.22 -2.98 7.16
N ILE B 289 14.29 -1.71 6.72
CA ILE B 289 15.48 -0.90 6.91
C ILE B 289 15.38 0.03 8.11
N ARG B 290 14.24 0.03 8.81
CA ARG B 290 14.09 0.90 9.97
C ARG B 290 14.98 0.49 11.13
N LYS B 291 15.23 -0.82 11.28
CA LYS B 291 16.04 -1.29 12.39
C LYS B 291 17.48 -0.79 12.29
N ASP B 292 18.05 -0.81 11.07
CA ASP B 292 19.41 -0.35 10.88
C ASP B 292 19.54 1.16 10.90
N LEU B 293 18.45 1.90 10.65
CA LEU B 293 18.51 3.35 10.68
C LEU B 293 18.38 3.90 12.10
N TYR B 294 17.75 3.15 13.00
CA TYR B 294 17.63 3.61 14.38
C TYR B 294 18.97 3.59 15.10
N ALA B 295 19.81 2.60 14.78
CA ALA B 295 21.09 2.41 15.46
C ALA B 295 22.25 3.09 14.76
N ASN B 296 21.99 3.88 13.72
CA ASN B 296 23.05 4.52 12.95
C ASN B 296 22.71 5.98 12.66
N THR B 297 22.07 6.66 13.61
CA THR B 297 21.76 8.06 13.42
C THR B 297 23.03 8.90 13.58
N VAL B 298 23.27 9.79 12.63
CA VAL B 298 24.47 10.61 12.60
C VAL B 298 24.07 12.08 12.63
N LEU B 299 24.68 12.83 13.53
CA LEU B 299 24.47 14.27 13.63
C LEU B 299 25.70 14.99 13.08
N SER B 300 25.46 16.13 12.43
CA SER B 300 26.54 16.94 11.90
C SER B 300 26.09 18.39 11.84
N GLY B 301 27.00 19.26 11.46
CA GLY B 301 26.72 20.68 11.37
C GLY B 301 26.98 21.40 12.68
N GLY B 302 27.15 22.72 12.58
CA GLY B 302 27.44 23.52 13.76
C GLY B 302 26.25 23.69 14.68
N THR B 303 25.03 23.53 14.18
CA THR B 303 23.86 23.70 15.02
C THR B 303 23.75 22.58 16.06
N THR B 304 24.20 21.38 15.72
CA THR B 304 24.12 20.24 16.62
C THR B 304 25.31 20.15 17.57
N MET B 305 25.98 21.27 17.84
CA MET B 305 27.12 21.30 18.73
C MET B 305 26.76 21.79 20.13
N TYR B 306 25.47 21.96 20.42
CA TYR B 306 25.07 22.39 21.76
C TYR B 306 25.39 21.30 22.78
N PRO B 307 25.84 21.68 23.97
CA PRO B 307 26.14 20.67 24.99
C PRO B 307 24.88 19.98 25.49
N GLY B 308 24.78 18.68 25.20
CA GLY B 308 23.64 17.89 25.64
C GLY B 308 22.57 17.66 24.60
N ILE B 309 22.80 18.09 23.35
CA ILE B 309 21.80 17.85 22.31
C ILE B 309 21.73 16.37 21.95
N ALA B 310 22.85 15.66 22.05
CA ALA B 310 22.83 14.22 21.77
C ALA B 310 21.97 13.47 22.79
N ASP B 311 22.10 13.82 24.07
CA ASP B 311 21.30 13.15 25.10
C ASP B 311 19.82 13.48 24.97
N ARG B 312 19.50 14.74 24.70
CA ARG B 312 18.10 15.13 24.54
C ARG B 312 17.48 14.46 23.31
N MET B 313 18.22 14.40 22.21
CA MET B 313 17.69 13.76 21.00
C MET B 313 17.45 12.27 21.22
N GLN B 314 18.35 11.61 21.95
CA GLN B 314 18.17 10.19 22.24
C GLN B 314 16.90 9.95 23.05
N LYS B 315 16.66 10.79 24.06
CA LYS B 315 15.47 10.63 24.90
C LYS B 315 14.20 10.90 24.10
N GLU B 316 14.20 11.95 23.28
CA GLU B 316 13.00 12.32 22.53
C GLU B 316 12.63 11.24 21.50
N ILE B 317 13.63 10.72 20.78
CA ILE B 317 13.35 9.70 19.78
C ILE B 317 12.93 8.39 20.45
N THR B 318 13.51 8.07 21.61
CA THR B 318 13.17 6.83 22.30
C THR B 318 11.70 6.79 22.68
N ALA B 319 11.14 7.93 23.07
CA ALA B 319 9.72 7.97 23.40
C ALA B 319 8.86 7.67 22.17
N LEU B 320 9.21 8.22 21.02
CA LEU B 320 8.43 7.98 19.81
C LEU B 320 8.70 6.58 19.25
N ALA B 321 9.95 6.14 19.27
CA ALA B 321 10.31 4.84 18.73
C ALA B 321 9.78 3.72 19.63
N PRO B 322 9.58 2.53 19.07
CA PRO B 322 9.17 1.39 19.89
C PRO B 322 10.22 1.06 20.95
N SER B 323 9.73 0.56 22.09
CA SER B 323 10.62 0.31 23.23
C SER B 323 11.66 -0.75 22.93
N THR B 324 11.34 -1.71 22.05
CA THR B 324 12.28 -2.79 21.77
C THR B 324 13.52 -2.29 21.03
N MET B 325 13.36 -1.28 20.17
CA MET B 325 14.48 -0.77 19.40
C MET B 325 15.49 -0.07 20.29
N LYS B 326 16.75 -0.10 19.87
CA LYS B 326 17.85 0.53 20.59
C LYS B 326 18.34 1.72 19.77
N ILE B 327 18.07 2.93 20.25
CA ILE B 327 18.48 4.14 19.56
C ILE B 327 19.92 4.48 19.94
N LYS B 328 20.78 4.65 18.95
CA LYS B 328 22.19 4.97 19.17
C LYS B 328 22.54 6.16 18.30
N ILE B 329 22.70 7.33 18.91
CA ILE B 329 23.02 8.56 18.19
C ILE B 329 24.54 8.72 18.18
N ILE B 330 25.10 8.92 16.99
CA ILE B 330 26.54 9.10 16.82
C ILE B 330 26.83 10.59 16.79
N ALA B 331 27.70 11.05 17.69
CA ALA B 331 28.07 12.45 17.81
C ALA B 331 29.59 12.56 17.82
N PRO B 332 30.23 12.52 16.65
CA PRO B 332 31.68 12.62 16.61
C PRO B 332 32.14 13.99 17.10
N PRO B 333 33.31 14.07 17.73
CA PRO B 333 33.79 15.37 18.22
C PRO B 333 34.06 16.38 17.12
N GLU B 334 34.32 15.94 15.89
CA GLU B 334 34.62 16.82 14.77
C GLU B 334 33.45 16.95 13.81
N ARG B 335 32.21 16.89 14.33
CA ARG B 335 31.04 16.92 13.48
C ARG B 335 30.81 18.28 12.82
N LYS B 336 31.53 19.33 13.24
CA LYS B 336 31.39 20.62 12.60
C LYS B 336 31.91 20.59 11.17
N TYR B 337 33.03 19.91 10.93
CA TYR B 337 33.63 19.82 9.61
C TYR B 337 33.41 18.46 8.96
N SER B 338 32.29 17.80 9.29
CA SER B 338 32.01 16.50 8.69
C SER B 338 31.74 16.62 7.19
N VAL B 339 31.07 17.70 6.77
CA VAL B 339 30.73 17.85 5.36
C VAL B 339 31.99 18.00 4.52
N TRP B 340 32.94 18.82 4.98
CA TRP B 340 34.16 19.02 4.22
C TRP B 340 35.04 17.76 4.23
N ILE B 341 35.19 17.14 5.40
CA ILE B 341 36.05 15.96 5.51
C ILE B 341 35.51 14.83 4.65
N GLY B 342 34.19 14.64 4.65
CA GLY B 342 33.59 13.64 3.77
C GLY B 342 33.84 13.94 2.31
N GLY B 343 33.85 15.22 1.94
CA GLY B 343 34.17 15.60 0.58
C GLY B 343 35.62 15.41 0.22
N SER B 344 36.52 15.44 1.20
CA SER B 344 37.93 15.17 0.93
C SER B 344 38.14 13.73 0.51
N ILE B 345 37.42 12.79 1.14
CA ILE B 345 37.54 11.39 0.78
C ILE B 345 36.98 11.13 -0.61
N LEU B 346 35.87 11.79 -0.95
CA LEU B 346 35.27 11.62 -2.27
C LEU B 346 36.21 12.06 -3.38
N ALA B 347 36.87 13.21 -3.20
CA ALA B 347 37.73 13.73 -4.27
C ALA B 347 38.99 12.89 -4.43
N SER B 348 39.45 12.23 -3.37
CA SER B 348 40.65 11.42 -3.44
C SER B 348 40.39 9.98 -3.86
N LEU B 349 39.14 9.57 -4.00
CA LEU B 349 38.83 8.21 -4.41
C LEU B 349 39.22 7.99 -5.86
N SER B 350 39.71 6.78 -6.16
CA SER B 350 40.09 6.45 -7.53
C SER B 350 38.87 6.22 -8.41
N THR B 351 37.79 5.70 -7.85
CA THR B 351 36.58 5.46 -8.64
C THR B 351 35.91 6.77 -9.04
N PHE B 352 36.04 7.81 -8.23
CA PHE B 352 35.35 9.06 -8.46
C PHE B 352 35.85 9.81 -9.70
N GLN B 353 37.00 9.41 -10.27
CA GLN B 353 37.55 10.13 -11.40
C GLN B 353 36.70 10.00 -12.66
N GLN B 354 35.74 9.07 -12.69
CA GLN B 354 34.88 8.89 -13.85
C GLN B 354 33.59 9.70 -13.77
N MET B 355 33.34 10.40 -12.67
CA MET B 355 32.11 11.16 -12.49
C MET B 355 32.32 12.66 -12.54
N TRP B 356 33.52 13.12 -12.89
CA TRP B 356 33.75 14.55 -13.03
C TRP B 356 33.00 15.08 -14.25
N ILE B 357 32.45 16.29 -14.10
CA ILE B 357 31.78 16.97 -15.20
C ILE B 357 32.87 17.69 -16.00
N SER B 358 33.27 17.09 -17.13
CA SER B 358 34.35 17.65 -17.92
C SER B 358 33.90 18.90 -18.66
N LYS B 359 34.87 19.68 -19.12
CA LYS B 359 34.56 20.89 -19.88
C LYS B 359 33.88 20.56 -21.20
N GLN B 360 34.32 19.49 -21.87
CA GLN B 360 33.72 19.12 -23.15
C GLN B 360 32.26 18.76 -23.00
N GLU B 361 31.91 18.03 -21.93
CA GLU B 361 30.53 17.64 -21.72
C GLU B 361 29.63 18.86 -21.50
N TYR B 362 30.14 19.85 -20.76
CA TYR B 362 29.38 21.07 -20.54
C TYR B 362 29.24 21.89 -21.82
N ASP B 363 30.25 21.84 -22.69
CA ASP B 363 30.22 22.64 -23.91
C ASP B 363 29.10 22.20 -24.85
N GLU B 364 28.89 20.90 -24.99
CA GLU B 364 27.93 20.41 -25.98
C GLU B 364 26.49 20.62 -25.52
N SER B 365 26.24 20.62 -24.22
CA SER B 365 24.88 20.71 -23.70
C SER B 365 24.60 22.04 -23.01
N GLY B 366 25.42 22.42 -22.03
CA GLY B 366 25.23 23.66 -21.32
C GLY B 366 25.09 23.46 -19.83
N PRO B 367 24.49 24.45 -19.15
CA PRO B 367 24.32 24.32 -17.69
C PRO B 367 23.42 23.18 -17.26
N SER B 368 22.59 22.65 -18.16
CA SER B 368 21.65 21.59 -17.79
C SER B 368 22.33 20.24 -17.62
N ILE B 369 23.62 20.12 -17.93
CA ILE B 369 24.31 18.83 -17.80
C ILE B 369 24.39 18.41 -16.33
N VAL B 370 24.39 19.37 -15.41
CA VAL B 370 24.56 19.04 -14.00
C VAL B 370 23.37 18.27 -13.46
N HIS B 371 22.19 18.47 -14.04
CA HIS B 371 20.99 17.78 -13.55
C HIS B 371 21.08 16.28 -13.77
N ARG B 372 21.56 15.85 -14.94
CA ARG B 372 21.60 14.44 -15.28
C ARG B 372 22.89 13.76 -14.88
N LYS B 373 23.88 14.49 -14.38
CA LYS B 373 25.14 13.90 -13.96
C LYS B 373 25.38 13.98 -12.46
N CYS B 374 24.56 14.70 -11.72
CA CYS B 374 24.70 14.82 -10.27
C CYS B 374 23.36 14.63 -9.60
N PHE B 375 23.39 14.03 -8.41
CA PHE B 375 22.18 13.81 -7.64
C PHE B 375 21.80 15.07 -6.86
N ALA C 6 -38.00 10.85 4.77
CA ALA C 6 -36.73 11.01 4.08
C ALA C 6 -35.58 10.51 4.95
N ALA C 7 -34.53 10.01 4.30
CA ALA C 7 -33.36 9.47 4.99
C ALA C 7 -32.14 10.28 4.60
N LEU C 8 -31.41 10.79 5.59
CA LEU C 8 -30.18 11.51 5.32
C LEU C 8 -29.14 10.58 4.75
N VAL C 9 -28.41 11.05 3.74
CA VAL C 9 -27.35 10.29 3.11
C VAL C 9 -26.06 11.08 3.32
N VAL C 10 -25.27 10.67 4.30
CA VAL C 10 -24.01 11.32 4.63
C VAL C 10 -22.88 10.48 4.04
N ASP C 11 -22.08 11.08 3.16
CA ASP C 11 -20.95 10.42 2.53
C ASP C 11 -19.67 11.09 3.03
N ASN C 12 -19.19 10.63 4.18
CA ASN C 12 -17.95 11.17 4.74
C ASN C 12 -16.78 10.77 3.87
N GLY C 13 -15.94 11.76 3.53
CA GLY C 13 -14.79 11.52 2.68
C GLY C 13 -13.52 12.05 3.33
N SER C 14 -12.39 11.58 2.79
CA SER C 14 -11.10 12.01 3.31
C SER C 14 -10.88 13.50 3.09
N GLY C 15 -11.27 14.01 1.92
CA GLY C 15 -11.09 15.42 1.63
C GLY C 15 -12.32 16.26 1.87
N MET C 16 -13.46 15.84 1.32
CA MET C 16 -14.72 16.55 1.48
C MET C 16 -15.81 15.56 1.85
N CYS C 17 -16.81 16.05 2.59
CA CYS C 17 -17.96 15.24 2.97
C CYS C 17 -19.22 15.86 2.39
N LYS C 18 -20.09 15.02 1.84
CA LYS C 18 -21.32 15.46 1.20
C LYS C 18 -22.50 14.92 1.97
N ALA C 19 -23.44 15.80 2.30
CA ALA C 19 -24.65 15.42 3.01
C ALA C 19 -25.86 16.02 2.32
N GLY C 20 -26.96 15.29 2.37
CA GLY C 20 -28.18 15.74 1.72
C GLY C 20 -29.40 14.95 2.14
N PHE C 21 -30.33 14.75 1.21
CA PHE C 21 -31.57 14.03 1.48
C PHE C 21 -31.78 12.99 0.39
N ALA C 22 -32.42 11.89 0.77
CA ALA C 22 -32.72 10.84 -0.20
C ALA C 22 -33.72 11.33 -1.23
N GLY C 23 -33.48 11.00 -2.49
CA GLY C 23 -34.32 11.40 -3.59
C GLY C 23 -33.87 12.65 -4.32
N ASP C 24 -33.02 13.46 -3.68
CA ASP C 24 -32.50 14.66 -4.32
C ASP C 24 -31.46 14.28 -5.37
N ASP C 25 -31.26 15.21 -6.32
CA ASP C 25 -30.31 15.01 -7.41
C ASP C 25 -28.94 15.62 -7.12
N ALA C 26 -28.75 16.26 -5.96
CA ALA C 26 -27.48 16.89 -5.64
C ALA C 26 -27.35 17.02 -4.14
N PRO C 27 -26.15 16.90 -3.59
CA PRO C 27 -25.98 17.09 -2.14
C PRO C 27 -26.37 18.50 -1.72
N ARG C 28 -26.98 18.61 -0.54
CA ARG C 28 -27.39 19.91 -0.04
C ARG C 28 -26.21 20.73 0.44
N ALA C 29 -25.29 20.10 1.16
CA ALA C 29 -24.14 20.80 1.73
C ALA C 29 -22.86 20.06 1.36
N VAL C 30 -21.88 20.78 0.83
CA VAL C 30 -20.58 20.23 0.47
C VAL C 30 -19.53 21.16 1.05
N PHE C 31 -18.84 20.71 2.09
CA PHE C 31 -17.82 21.50 2.76
C PHE C 31 -16.62 20.62 3.05
N PRO C 32 -15.42 21.20 3.12
CA PRO C 32 -14.22 20.39 3.42
C PRO C 32 -14.30 19.76 4.81
N SER C 33 -13.71 18.58 4.92
CA SER C 33 -13.70 17.83 6.17
C SER C 33 -12.40 18.11 6.92
N ILE C 34 -12.28 19.33 7.43
CA ILE C 34 -11.12 19.77 8.18
C ILE C 34 -11.58 20.37 9.50
N VAL C 35 -10.80 20.14 10.55
CA VAL C 35 -11.02 20.76 11.85
C VAL C 35 -9.74 21.49 12.22
N GLY C 36 -9.85 22.79 12.47
CA GLY C 36 -8.71 23.62 12.78
C GLY C 36 -8.81 24.24 14.15
N ARG C 37 -7.66 24.42 14.80
CA ARG C 37 -7.58 25.06 16.09
C ARG C 37 -6.56 26.19 16.04
N PRO C 38 -6.85 27.32 16.68
CA PRO C 38 -5.92 28.46 16.62
C PRO C 38 -4.67 28.21 17.45
N ARG C 39 -3.51 28.26 16.80
CA ARG C 39 -2.25 28.10 17.50
C ARG C 39 -1.87 29.36 18.27
N HIS C 40 -2.23 30.54 17.77
CA HIS C 40 -1.92 31.78 18.45
C HIS C 40 -2.85 32.00 19.63
N GLN C 41 -2.50 32.98 20.46
CA GLN C 41 -3.27 33.29 21.66
C GLN C 41 -4.24 34.43 21.38
N GLY C 42 -5.50 34.23 21.77
CA GLY C 42 -6.49 35.29 21.61
C GLY C 42 -6.09 36.53 22.38
N VAL C 43 -6.25 37.68 21.73
CA VAL C 43 -5.80 38.94 22.33
C VAL C 43 -7.02 39.84 22.58
N MET C 44 -8.03 39.72 21.73
CA MET C 44 -9.24 40.52 21.87
C MET C 44 -10.35 39.69 22.50
N VAL C 45 -11.35 40.40 23.02
CA VAL C 45 -12.49 39.78 23.71
C VAL C 45 -13.82 40.15 23.10
N GLY C 46 -13.84 40.97 22.05
CA GLY C 46 -15.10 41.38 21.46
C GLY C 46 -15.87 40.23 20.84
N MET C 47 -15.18 39.35 20.12
CA MET C 47 -15.82 38.26 19.41
C MET C 47 -15.77 36.98 20.22
N GLY C 48 -16.50 35.97 19.75
CA GLY C 48 -16.58 34.72 20.49
C GLY C 48 -15.27 33.97 20.56
N GLN C 49 -14.56 33.89 19.43
CA GLN C 49 -13.27 33.19 19.34
C GLN C 49 -13.42 31.73 19.81
N LYS C 50 -14.19 30.98 19.03
CA LYS C 50 -14.51 29.60 19.36
C LYS C 50 -13.24 28.76 19.47
N ASP C 51 -13.37 27.65 20.20
CA ASP C 51 -12.22 26.78 20.43
C ASP C 51 -11.76 26.16 19.12
N SER C 52 -12.69 25.67 18.29
CA SER C 52 -12.34 25.02 17.05
C SER C 52 -13.37 25.38 15.97
N TYR C 53 -12.92 25.33 14.72
CA TYR C 53 -13.76 25.63 13.57
C TYR C 53 -13.79 24.42 12.65
N VAL C 54 -14.99 24.09 12.15
CA VAL C 54 -15.21 22.89 11.36
C VAL C 54 -15.84 23.30 10.03
N GLY C 55 -15.31 22.76 8.94
CA GLY C 55 -15.90 22.98 7.63
C GLY C 55 -15.37 24.20 6.91
N ASP C 56 -16.23 24.83 6.11
CA ASP C 56 -15.83 26.01 5.35
C ASP C 56 -15.51 27.19 6.26
N GLU C 57 -15.97 27.17 7.51
CA GLU C 57 -15.60 28.21 8.45
C GLU C 57 -14.10 28.22 8.70
N ALA C 58 -13.50 27.03 8.81
CA ALA C 58 -12.05 26.95 8.99
C ALA C 58 -11.30 27.34 7.73
N GLN C 59 -11.87 27.08 6.56
CA GLN C 59 -11.20 27.43 5.32
C GLN C 59 -11.02 28.93 5.18
N SER C 60 -12.03 29.71 5.55
CA SER C 60 -11.93 31.17 5.43
C SER C 60 -10.84 31.71 6.35
N LYS C 61 -10.75 31.19 7.57
CA LYS C 61 -9.74 31.61 8.54
C LYS C 61 -8.57 30.64 8.61
N ARG C 62 -8.21 30.00 7.50
CA ARG C 62 -7.17 28.98 7.51
C ARG C 62 -5.78 29.55 7.76
N GLY C 63 -5.61 30.87 7.72
CA GLY C 63 -4.30 31.44 7.95
C GLY C 63 -3.81 31.25 9.38
N ILE C 64 -4.71 31.36 10.35
CA ILE C 64 -4.35 31.36 11.76
C ILE C 64 -4.71 30.04 12.43
N LEU C 65 -4.95 28.99 11.66
CA LEU C 65 -5.34 27.69 12.21
C LEU C 65 -4.42 26.60 11.67
N THR C 66 -4.32 25.53 12.44
CA THR C 66 -3.58 24.33 12.03
C THR C 66 -4.61 23.31 11.55
N LEU C 67 -4.82 23.26 10.24
CA LEU C 67 -5.83 22.38 9.68
C LEU C 67 -5.40 20.92 9.81
N LYS C 68 -6.29 20.10 10.37
CA LYS C 68 -6.03 18.69 10.57
C LYS C 68 -7.18 17.89 9.96
N TYR C 69 -6.84 16.87 9.19
CA TYR C 69 -7.85 16.02 8.58
C TYR C 69 -8.16 14.86 9.50
N PRO C 70 -9.40 14.72 10.00
CA PRO C 70 -9.72 13.58 10.85
C PRO C 70 -9.66 12.24 10.14
N ILE C 71 -9.74 12.21 8.81
CA ILE C 71 -9.73 10.98 8.05
C ILE C 71 -8.45 10.93 7.22
N GLU C 72 -7.72 9.83 7.33
CA GLU C 72 -6.53 9.62 6.53
C GLU C 72 -6.57 8.24 5.89
N GLY C 74 -8.92 6.96 4.32
CA GLY C 74 -10.23 6.38 4.51
C GLY C 74 -10.46 5.78 5.88
N ILE C 75 -9.56 6.05 6.81
CA ILE C 75 -9.63 5.54 8.18
C ILE C 75 -9.68 6.73 9.12
N VAL C 76 -10.68 6.75 9.99
CA VAL C 76 -10.86 7.86 10.92
C VAL C 76 -9.81 7.76 12.02
N THR C 77 -8.77 8.61 11.93
CA THR C 77 -7.70 8.55 12.91
C THR C 77 -8.09 9.20 14.23
N ASN C 78 -8.87 10.27 14.19
CA ASN C 78 -9.25 11.03 15.38
C ASN C 78 -10.77 11.03 15.49
N TRP C 79 -11.29 10.26 16.45
CA TRP C 79 -12.73 10.18 16.64
C TRP C 79 -13.31 11.37 17.40
N ASP C 80 -12.46 12.16 18.06
CA ASP C 80 -12.95 13.36 18.73
C ASP C 80 -13.32 14.44 17.72
N ASP C 81 -12.53 14.58 16.66
CA ASP C 81 -12.83 15.56 15.62
C ASP C 81 -13.95 15.10 14.71
N MET C 82 -14.08 13.79 14.48
CA MET C 82 -15.15 13.29 13.64
C MET C 82 -16.52 13.58 14.23
N GLU C 83 -16.64 13.48 15.57
CA GLU C 83 -17.89 13.85 16.21
C GLU C 83 -18.21 15.33 16.01
N LYS C 84 -17.18 16.17 15.91
CA LYS C 84 -17.40 17.59 15.64
C LYS C 84 -17.98 17.81 14.24
N ILE C 85 -17.48 17.08 13.25
CA ILE C 85 -17.93 17.28 11.88
C ILE C 85 -19.38 16.83 11.72
N TRP C 86 -19.72 15.66 12.25
CA TRP C 86 -21.08 15.16 12.13
C TRP C 86 -22.05 16.05 12.89
N HIS C 87 -21.64 16.54 14.08
CA HIS C 87 -22.46 17.49 14.80
C HIS C 87 -22.65 18.78 14.01
N HIS C 88 -21.65 19.15 13.19
CA HIS C 88 -21.78 20.33 12.35
C HIS C 88 -22.64 20.05 11.13
N THR C 89 -22.61 18.84 10.60
CA THR C 89 -23.42 18.52 9.43
C THR C 89 -24.90 18.56 9.74
N PHE C 90 -25.32 17.91 10.82
CA PHE C 90 -26.74 17.76 11.11
C PHE C 90 -27.36 19.04 11.66
N TYR C 91 -26.61 19.83 12.43
CA TYR C 91 -27.18 20.95 13.15
C TYR C 91 -26.90 22.30 12.51
N ASN C 92 -25.90 22.40 11.64
CA ASN C 92 -25.56 23.68 11.01
C ASN C 92 -25.79 23.70 9.50
N GLU C 93 -25.50 22.61 8.80
CA GLU C 93 -25.66 22.57 7.35
C GLU C 93 -27.03 22.01 6.96
N LEU C 94 -27.32 20.77 7.37
CA LEU C 94 -28.61 20.16 7.09
C LEU C 94 -29.72 20.72 7.97
N ARG C 95 -29.37 21.31 9.12
CA ARG C 95 -30.31 21.85 10.11
C ARG C 95 -31.54 20.96 10.28
N VAL C 96 -31.28 19.67 10.55
CA VAL C 96 -32.32 18.71 10.85
C VAL C 96 -31.91 17.91 12.08
N ALA C 97 -32.91 17.30 12.72
CA ALA C 97 -32.68 16.48 13.90
C ALA C 97 -32.41 15.05 13.49
N PRO C 98 -31.25 14.48 13.80
CA PRO C 98 -30.99 13.08 13.43
C PRO C 98 -31.90 12.09 14.13
N GLU C 99 -32.54 12.49 15.23
CA GLU C 99 -33.38 11.58 16.01
C GLU C 99 -34.63 11.12 15.26
N GLU C 100 -34.96 11.75 14.13
CA GLU C 100 -36.15 11.40 13.37
C GLU C 100 -35.87 10.76 12.03
N HIS C 101 -34.68 10.98 11.45
CA HIS C 101 -34.40 10.45 10.13
C HIS C 101 -33.28 9.42 10.18
N PRO C 102 -33.42 8.28 9.48
CA PRO C 102 -32.32 7.34 9.38
C PRO C 102 -31.16 7.93 8.58
N VAL C 103 -29.96 7.44 8.87
CA VAL C 103 -28.73 7.98 8.29
C VAL C 103 -28.03 6.86 7.54
N LEU C 104 -27.62 7.14 6.30
CA LEU C 104 -26.86 6.21 5.48
C LEU C 104 -25.44 6.71 5.35
N LEU C 105 -24.47 5.87 5.68
CA LEU C 105 -23.05 6.23 5.63
C LEU C 105 -22.34 5.39 4.58
N THR C 106 -21.11 5.79 4.27
CA THR C 106 -20.29 5.12 3.27
C THR C 106 -18.92 4.81 3.85
N GLU C 107 -18.40 3.62 3.56
CA GLU C 107 -17.08 3.21 4.02
C GLU C 107 -16.33 2.55 2.88
N ALA C 108 -15.03 2.84 2.79
CA ALA C 108 -14.21 2.26 1.74
C ALA C 108 -14.00 0.77 1.98
N PRO C 109 -13.84 -0.02 0.92
CA PRO C 109 -13.61 -1.45 1.10
C PRO C 109 -12.22 -1.74 1.65
N LEU C 110 -12.09 -2.93 2.23
CA LEU C 110 -10.84 -3.39 2.85
C LEU C 110 -10.37 -2.40 3.92
N ASN C 111 -11.26 -2.07 4.83
CA ASN C 111 -10.99 -1.16 5.92
C ASN C 111 -10.97 -1.92 7.24
N PRO C 112 -10.30 -1.38 8.27
CA PRO C 112 -10.29 -2.05 9.56
C PRO C 112 -11.70 -2.21 10.13
N LYS C 113 -11.94 -3.34 10.78
CA LYS C 113 -13.26 -3.61 11.35
C LYS C 113 -13.62 -2.62 12.45
N ALA C 114 -12.62 -2.06 13.12
CA ALA C 114 -12.89 -1.07 14.16
C ALA C 114 -13.36 0.25 13.60
N ASN C 115 -13.11 0.52 12.32
CA ASN C 115 -13.51 1.79 11.73
C ASN C 115 -15.04 1.89 11.61
N ARG C 116 -15.67 0.85 11.08
CA ARG C 116 -17.12 0.83 10.95
C ARG C 116 -17.82 0.35 12.21
N GLU C 117 -17.09 -0.20 13.17
CA GLU C 117 -17.69 -0.57 14.45
C GLU C 117 -17.92 0.65 15.32
N LYS C 118 -17.00 1.62 15.29
CA LYS C 118 -17.19 2.84 16.07
C LYS C 118 -18.22 3.76 15.41
N MET C 119 -18.38 3.67 14.09
CA MET C 119 -19.40 4.46 13.41
C MET C 119 -20.80 4.09 13.88
N THR C 120 -21.06 2.78 14.03
CA THR C 120 -22.34 2.33 14.55
C THR C 120 -22.53 2.80 15.99
N GLN C 121 -21.49 2.70 16.81
CA GLN C 121 -21.60 3.10 18.21
C GLN C 121 -21.89 4.59 18.35
N ILE C 122 -21.23 5.42 17.55
CA ILE C 122 -21.44 6.86 17.65
C ILE C 122 -22.84 7.25 17.19
N MET C 123 -23.30 6.66 16.08
CA MET C 123 -24.62 7.01 15.55
C MET C 123 -25.73 6.65 16.54
N PHE C 124 -25.63 5.47 17.16
CA PHE C 124 -26.71 4.97 18.00
C PHE C 124 -26.64 5.45 19.44
N GLU C 125 -25.58 6.14 19.84
CA GLU C 125 -25.43 6.59 21.22
C GLU C 125 -25.32 8.09 21.39
N THR C 126 -24.83 8.82 20.38
CA THR C 126 -24.70 10.26 20.47
C THR C 126 -25.85 11.00 19.77
N PHE C 127 -26.18 10.59 18.55
CA PHE C 127 -27.25 11.25 17.80
C PHE C 127 -28.57 10.52 17.90
N ASN C 128 -28.58 9.29 18.42
CA ASN C 128 -29.81 8.49 18.59
C ASN C 128 -30.61 8.42 17.31
N THR C 129 -29.95 8.04 16.23
CA THR C 129 -30.64 7.88 14.95
C THR C 129 -31.51 6.63 14.98
N PRO C 130 -32.74 6.70 14.45
CA PRO C 130 -33.61 5.51 14.44
C PRO C 130 -33.03 4.34 13.68
N ALA C 131 -32.28 4.57 12.62
CA ALA C 131 -31.73 3.50 11.81
C ALA C 131 -30.42 3.95 11.20
N MET C 132 -29.65 2.99 10.68
CA MET C 132 -28.35 3.27 10.11
C MET C 132 -27.99 2.17 9.12
N TYR C 133 -27.05 2.48 8.23
CA TYR C 133 -26.57 1.51 7.26
C TYR C 133 -25.24 1.99 6.70
N VAL C 134 -24.36 1.05 6.38
CA VAL C 134 -23.04 1.34 5.82
C VAL C 134 -22.92 0.62 4.48
N ALA C 135 -22.50 1.34 3.45
CA ALA C 135 -22.38 0.80 2.11
C ALA C 135 -21.01 1.13 1.54
N ILE C 136 -20.53 0.26 0.64
CA ILE C 136 -19.24 0.47 0.00
C ILE C 136 -19.31 1.67 -0.92
N GLN C 137 -18.26 2.51 -0.88
CA GLN C 137 -18.25 3.72 -1.70
C GLN C 137 -18.27 3.38 -3.19
N ALA C 138 -17.49 2.37 -3.60
CA ALA C 138 -17.40 2.05 -5.02
C ALA C 138 -18.69 1.45 -5.54
N VAL C 139 -19.40 0.67 -4.72
CA VAL C 139 -20.64 0.05 -5.17
C VAL C 139 -21.67 1.10 -5.54
N LEU C 140 -21.80 2.13 -4.70
CA LEU C 140 -22.77 3.18 -4.98
C LEU C 140 -22.39 3.99 -6.22
N SER C 141 -21.10 4.06 -6.55
CA SER C 141 -20.68 4.82 -7.73
C SER C 141 -21.22 4.19 -9.01
N LEU C 142 -21.42 2.87 -9.01
CA LEU C 142 -21.97 2.21 -10.19
C LEU C 142 -23.47 2.47 -10.33
N TYR C 143 -24.19 2.60 -9.21
CA TYR C 143 -25.63 2.83 -9.29
C TYR C 143 -25.95 4.18 -9.90
N ALA C 144 -25.11 5.19 -9.67
CA ALA C 144 -25.34 6.51 -10.23
C ALA C 144 -25.27 6.51 -11.75
N SER C 145 -24.56 5.56 -12.35
CA SER C 145 -24.46 5.47 -13.80
C SER C 145 -25.53 4.60 -14.42
N GLY C 146 -26.47 4.10 -13.62
CA GLY C 146 -27.51 3.23 -14.15
C GLY C 146 -27.01 1.91 -14.66
N ARG C 147 -26.06 1.28 -13.95
CA ARG C 147 -25.51 0.00 -14.33
C ARG C 147 -25.48 -0.91 -13.12
N THR C 148 -25.46 -2.22 -13.39
CA THR C 148 -25.32 -3.23 -12.36
C THR C 148 -24.28 -4.29 -12.73
N THR C 149 -23.44 -4.01 -13.71
CA THR C 149 -22.42 -4.96 -14.14
C THR C 149 -21.26 -4.17 -14.70
N GLY C 150 -20.15 -4.12 -13.97
CA GLY C 150 -18.98 -3.40 -14.43
C GLY C 150 -17.94 -3.31 -13.34
N ILE C 151 -16.88 -2.57 -13.64
CA ILE C 151 -15.79 -2.31 -12.71
C ILE C 151 -15.71 -0.82 -12.46
N VAL C 152 -15.65 -0.43 -11.19
CA VAL C 152 -15.65 0.97 -10.80
C VAL C 152 -14.25 1.35 -10.35
N MET C 153 -13.70 2.40 -10.96
CA MET C 153 -12.38 2.90 -10.60
C MET C 153 -12.54 4.18 -9.79
N ASP C 154 -12.73 4.01 -8.48
CA ASP C 154 -12.89 5.15 -7.59
C ASP C 154 -11.53 5.67 -7.15
N SER C 155 -11.45 6.98 -6.96
CA SER C 155 -10.20 7.61 -6.54
C SER C 155 -10.51 8.96 -5.90
N GLY C 156 -10.13 9.12 -4.63
CA GLY C 156 -10.38 10.36 -3.92
C GLY C 156 -9.13 10.97 -3.31
N ASP C 157 -9.15 11.17 -2.00
CA ASP C 157 -7.98 11.67 -1.27
C ASP C 157 -7.18 10.56 -0.60
N GLY C 158 -7.84 9.53 -0.10
CA GLY C 158 -7.11 8.51 0.63
C GLY C 158 -7.01 7.16 -0.06
N VAL C 159 -8.05 6.75 -0.77
CA VAL C 159 -8.16 5.40 -1.31
C VAL C 159 -8.39 5.49 -2.81
N THR C 160 -7.79 4.54 -3.54
CA THR C 160 -8.04 4.36 -4.96
C THR C 160 -8.29 2.86 -5.16
N HIS C 161 -9.55 2.45 -5.03
CA HIS C 161 -9.92 1.05 -5.01
C HIS C 161 -10.67 0.68 -6.29
N THR C 162 -10.34 -0.49 -6.84
CA THR C 162 -11.02 -1.04 -8.00
C THR C 162 -11.90 -2.19 -7.55
N VAL C 163 -13.20 -2.02 -7.68
CA VAL C 163 -14.18 -3.00 -7.21
C VAL C 163 -14.97 -3.50 -8.40
N PRO C 164 -14.67 -4.70 -8.91
CA PRO C 164 -15.47 -5.27 -10.00
C PRO C 164 -16.81 -5.78 -9.46
N ILE C 165 -17.89 -5.22 -9.99
CA ILE C 165 -19.24 -5.53 -9.54
C ILE C 165 -19.97 -6.19 -10.71
N TYR C 166 -20.06 -7.53 -10.67
CA TYR C 166 -20.77 -8.23 -11.73
C TYR C 166 -22.28 -8.09 -11.57
N GLU C 167 -22.78 -8.17 -10.33
CA GLU C 167 -24.21 -8.07 -10.07
C GLU C 167 -24.46 -6.98 -9.03
N GLY C 168 -25.65 -6.97 -8.44
CA GLY C 168 -25.96 -6.01 -7.40
C GLY C 168 -24.99 -6.04 -6.23
N TYR C 169 -24.33 -7.18 -6.00
CA TYR C 169 -23.35 -7.32 -4.95
C TYR C 169 -21.95 -7.38 -5.53
N ALA C 170 -21.01 -6.72 -4.86
CA ALA C 170 -19.64 -6.66 -5.34
C ALA C 170 -18.92 -7.98 -5.13
N LEU C 171 -17.88 -8.19 -5.94
CA LEU C 171 -17.03 -9.37 -5.78
C LEU C 171 -15.97 -9.09 -4.73
N PRO C 172 -15.95 -9.82 -3.62
CA PRO C 172 -15.03 -9.49 -2.53
C PRO C 172 -13.60 -9.94 -2.79
N HIS C 173 -13.42 -11.04 -3.51
CA HIS C 173 -12.10 -11.61 -3.70
C HIS C 173 -11.26 -10.88 -4.73
N ALA C 174 -11.88 -10.02 -5.56
CA ALA C 174 -11.16 -9.33 -6.63
C ALA C 174 -11.05 -7.82 -6.37
N ILE C 175 -11.22 -7.39 -5.12
CA ILE C 175 -11.14 -5.98 -4.79
C ILE C 175 -9.68 -5.62 -4.55
N LEU C 176 -9.18 -4.62 -5.27
CA LEU C 176 -7.81 -4.13 -5.12
C LEU C 176 -7.85 -2.69 -4.63
N ARG C 177 -7.10 -2.41 -3.58
CA ARG C 177 -7.08 -1.10 -2.94
C ARG C 177 -5.64 -0.60 -2.87
N LEU C 178 -5.43 0.65 -3.27
CA LEU C 178 -4.12 1.28 -3.25
C LEU C 178 -4.19 2.55 -2.42
N ASP C 179 -3.13 2.80 -1.65
CA ASP C 179 -3.05 4.03 -0.84
C ASP C 179 -2.35 5.14 -1.61
N LEU C 180 -2.83 5.42 -2.81
CA LEU C 180 -2.33 6.50 -3.66
C LEU C 180 -3.53 7.21 -4.25
N ALA C 181 -3.73 8.45 -3.85
CA ALA C 181 -4.93 9.19 -4.25
C ALA C 181 -4.59 10.68 -4.33
N GLY C 182 -5.62 11.52 -4.31
CA GLY C 182 -5.42 12.94 -4.55
C GLY C 182 -4.51 13.59 -3.53
N ARG C 183 -4.61 13.17 -2.26
CA ARG C 183 -3.76 13.78 -1.23
C ARG C 183 -2.29 13.44 -1.45
N ASP C 184 -2.00 12.22 -1.92
CA ASP C 184 -0.62 11.85 -2.18
C ASP C 184 -0.03 12.68 -3.32
N LEU C 185 -0.83 12.96 -4.35
CA LEU C 185 -0.35 13.79 -5.45
C LEU C 185 -0.09 15.23 -5.00
N THR C 186 -0.91 15.73 -4.07
CA THR C 186 -0.69 17.09 -3.57
C THR C 186 0.66 17.19 -2.85
N ASP C 187 1.03 16.19 -2.07
CA ASP C 187 2.33 16.18 -1.42
C ASP C 187 3.46 16.07 -2.43
N TYR C 188 3.21 15.39 -3.55
CA TYR C 188 4.22 15.30 -4.61
C TYR C 188 4.31 16.58 -5.42
N LEU C 189 3.18 17.27 -5.60
CA LEU C 189 3.20 18.51 -6.37
C LEU C 189 4.03 19.58 -5.67
N MET C 190 3.90 19.70 -4.35
CA MET C 190 4.69 20.68 -3.61
C MET C 190 6.13 20.26 -3.46
N LYS C 191 6.44 18.97 -3.65
CA LYS C 191 7.84 18.55 -3.62
C LYS C 191 8.58 18.96 -4.87
N ILE C 192 7.95 18.80 -6.05
CA ILE C 192 8.57 19.20 -7.30
C ILE C 192 8.35 20.67 -7.62
N LEU C 193 7.50 21.37 -6.87
CA LEU C 193 7.35 22.80 -7.05
C LEU C 193 8.55 23.57 -6.50
N THR C 194 9.28 22.99 -5.53
CA THR C 194 10.48 23.64 -5.03
C THR C 194 11.58 23.71 -6.08
N GLU C 195 11.52 22.88 -7.11
CA GLU C 195 12.50 22.95 -8.18
C GLU C 195 12.45 24.28 -8.92
N ARG C 196 11.29 24.92 -8.95
CA ARG C 196 11.15 26.23 -9.57
C ARG C 196 11.34 27.38 -8.59
N GLY C 197 11.54 27.09 -7.31
CA GLY C 197 11.74 28.13 -6.32
C GLY C 197 10.55 28.49 -5.46
N TYR C 198 9.48 27.70 -5.51
CA TYR C 198 8.29 27.95 -4.70
C TYR C 198 8.26 26.95 -3.55
N SER C 199 8.08 27.46 -2.32
CA SER C 199 8.12 26.64 -1.12
C SER C 199 6.77 26.74 -0.41
N PHE C 200 6.04 25.63 -0.39
CA PHE C 200 4.79 25.50 0.36
C PHE C 200 4.96 24.39 1.38
N THR C 201 4.96 24.74 2.66
CA THR C 201 5.23 23.78 3.73
C THR C 201 4.06 23.59 4.67
N THR C 202 3.51 24.67 5.23
CA THR C 202 2.50 24.54 6.27
C THR C 202 1.19 24.01 5.69
N THR C 203 0.33 23.53 6.59
CA THR C 203 -0.97 23.00 6.17
C THR C 203 -1.83 24.06 5.53
N ALA C 204 -1.69 25.33 5.96
CA ALA C 204 -2.40 26.41 5.30
C ALA C 204 -1.94 26.57 3.86
N GLU C 205 -0.63 26.41 3.61
CA GLU C 205 -0.12 26.46 2.24
C GLU C 205 -0.46 25.20 1.46
N ARG C 206 -0.83 24.11 2.14
CA ARG C 206 -1.23 22.90 1.43
C ARG C 206 -2.52 23.12 0.66
N GLU C 207 -3.45 23.91 1.21
CA GLU C 207 -4.70 24.18 0.52
C GLU C 207 -4.49 25.02 -0.74
N ILE C 208 -3.41 25.81 -0.78
CA ILE C 208 -3.10 26.56 -1.99
C ILE C 208 -2.65 25.62 -3.10
N VAL C 209 -1.85 24.61 -2.76
CA VAL C 209 -1.38 23.66 -3.77
C VAL C 209 -2.53 22.89 -4.38
N ARG C 210 -3.51 22.51 -3.54
CA ARG C 210 -4.66 21.76 -4.04
C ARG C 210 -5.43 22.57 -5.07
N ASP C 211 -5.52 23.89 -4.90
CA ASP C 211 -6.17 24.72 -5.90
C ASP C 211 -5.41 24.71 -7.21
N ILE C 212 -4.08 24.75 -7.15
CA ILE C 212 -3.27 24.69 -8.36
C ILE C 212 -3.48 23.36 -9.08
N LYS C 213 -3.51 22.26 -8.32
CA LYS C 213 -3.70 20.95 -8.91
C LYS C 213 -5.07 20.83 -9.57
N GLU C 214 -6.11 21.40 -8.94
CA GLU C 214 -7.46 21.27 -9.46
C GLU C 214 -7.68 22.05 -10.75
N LYS C 215 -6.87 23.05 -11.03
CA LYS C 215 -7.12 23.96 -12.15
C LYS C 215 -6.14 23.81 -13.31
N LEU C 216 -4.87 23.50 -13.03
CA LEU C 216 -3.86 23.50 -14.07
C LEU C 216 -3.34 22.11 -14.45
N CYS C 217 -3.37 21.15 -13.53
CA CYS C 217 -2.83 19.83 -13.81
C CYS C 217 -3.71 19.07 -14.80
N TYR C 218 -3.06 18.30 -15.67
CA TYR C 218 -3.76 17.48 -16.65
C TYR C 218 -2.90 16.27 -16.96
N VAL C 219 -3.54 15.23 -17.47
CA VAL C 219 -2.88 13.97 -17.80
C VAL C 219 -2.47 14.00 -19.27
N ALA C 220 -1.18 13.77 -19.53
CA ALA C 220 -0.68 13.76 -20.89
C ALA C 220 -0.91 12.40 -21.54
N LEU C 221 -1.29 12.42 -22.81
CA LEU C 221 -1.51 11.18 -23.54
C LEU C 221 -0.21 10.40 -23.70
N ASP C 222 0.89 11.09 -24.00
CA ASP C 222 2.20 10.47 -24.15
C ASP C 222 3.18 11.24 -23.28
N PHE C 223 3.57 10.65 -22.15
CA PHE C 223 4.43 11.36 -21.20
C PHE C 223 5.80 11.64 -21.80
N GLU C 224 6.39 10.67 -22.50
CA GLU C 224 7.72 10.86 -23.06
C GLU C 224 7.72 11.95 -24.12
N GLN C 225 6.71 11.96 -24.99
CA GLN C 225 6.65 12.98 -26.04
C GLN C 225 6.38 14.35 -25.45
N GLU C 226 5.52 14.43 -24.44
CA GLU C 226 5.17 15.72 -23.86
C GLU C 226 6.34 16.34 -23.10
N MET C 227 7.19 15.52 -22.49
CA MET C 227 8.36 16.05 -21.80
C MET C 227 9.31 16.74 -22.76
N ALA C 228 9.50 16.15 -23.95
CA ALA C 228 10.35 16.79 -24.95
C ALA C 228 9.74 18.10 -25.45
N THR C 229 8.41 18.13 -25.60
CA THR C 229 7.74 19.36 -26.04
C THR C 229 7.93 20.48 -25.03
N ALA C 230 7.80 20.17 -23.74
CA ALA C 230 8.00 21.17 -22.70
C ALA C 230 9.46 21.63 -22.61
N ALA C 231 10.39 20.83 -23.13
CA ALA C 231 11.80 21.22 -23.12
C ALA C 231 12.08 22.37 -24.07
N SER C 232 11.20 22.62 -25.04
CA SER C 232 11.38 23.72 -25.97
C SER C 232 10.84 25.04 -25.42
N SER C 233 10.28 25.04 -24.21
CA SER C 233 9.78 26.23 -23.52
C SER C 233 8.56 26.83 -24.22
N SER C 234 7.78 27.62 -23.48
CA SER C 234 6.60 28.30 -23.97
C SER C 234 5.51 27.33 -24.44
N SER C 235 4.33 27.85 -24.73
CA SER C 235 3.16 27.12 -25.22
C SER C 235 2.61 26.13 -24.20
N LEU C 236 3.23 26.00 -23.03
CA LEU C 236 2.75 25.08 -22.01
C LEU C 236 2.76 25.66 -20.61
N GLU C 237 3.42 26.79 -20.37
CA GLU C 237 3.47 27.37 -19.04
C GLU C 237 2.21 28.19 -18.77
N LYS C 238 1.60 27.97 -17.62
CA LYS C 238 0.40 28.68 -17.21
C LYS C 238 0.70 29.48 -15.94
N SER C 239 0.05 30.62 -15.81
CA SER C 239 0.26 31.53 -14.69
C SER C 239 -0.89 31.41 -13.71
N TYR C 240 -0.56 31.25 -12.43
CA TYR C 240 -1.55 31.18 -11.36
C TYR C 240 -1.28 32.28 -10.35
N GLU C 241 -2.35 32.83 -9.79
CA GLU C 241 -2.27 33.97 -8.88
C GLU C 241 -2.54 33.47 -7.47
N LEU C 242 -1.59 33.72 -6.57
CA LEU C 242 -1.70 33.30 -5.18
C LEU C 242 -2.52 34.28 -4.37
N PRO C 243 -3.08 33.84 -3.23
CA PRO C 243 -3.85 34.77 -2.40
C PRO C 243 -3.04 35.96 -1.91
N ASP C 244 -1.72 35.82 -1.79
CA ASP C 244 -0.88 36.97 -1.47
C ASP C 244 -0.95 38.00 -2.60
N GLY C 245 -0.81 37.54 -3.84
CA GLY C 245 -0.85 38.43 -4.98
C GLY C 245 0.20 38.11 -6.02
N GLN C 246 1.19 37.30 -5.64
CA GLN C 246 2.25 36.93 -6.57
C GLN C 246 1.73 36.00 -7.66
N VAL C 247 2.36 36.06 -8.82
CA VAL C 247 2.00 35.23 -9.97
C VAL C 247 3.10 34.20 -10.17
N ILE C 248 2.73 32.93 -10.16
CA ILE C 248 3.68 31.83 -10.34
C ILE C 248 3.38 31.14 -11.66
N THR C 249 4.44 30.62 -12.28
CA THR C 249 4.35 29.90 -13.54
C THR C 249 4.88 28.48 -13.37
N ILE C 250 4.15 27.51 -13.89
CA ILE C 250 4.53 26.11 -13.82
C ILE C 250 4.59 25.54 -15.23
N GLY C 251 5.66 24.83 -15.54
CA GLY C 251 5.87 24.28 -16.86
C GLY C 251 5.56 22.81 -16.95
N ASN C 252 6.60 21.97 -16.92
CA ASN C 252 6.40 20.53 -17.01
C ASN C 252 5.71 19.95 -15.77
N GLU C 253 5.57 20.72 -14.70
CA GLU C 253 4.86 20.26 -13.52
C GLU C 253 3.37 20.08 -13.75
N ARG C 254 2.84 20.60 -14.86
CA ARG C 254 1.41 20.46 -15.13
C ARG C 254 1.02 18.99 -15.32
N PHE C 255 1.82 18.23 -16.05
CA PHE C 255 1.52 16.83 -16.32
C PHE C 255 2.37 15.87 -15.51
N ARG C 256 3.42 16.35 -14.83
CA ARG C 256 4.24 15.45 -14.04
C ARG C 256 3.50 14.96 -12.81
N CYS C 257 2.75 15.85 -12.15
CA CYS C 257 2.00 15.44 -10.96
C CYS C 257 0.94 14.40 -11.25
N PRO C 258 0.06 14.56 -12.25
CA PRO C 258 -0.88 13.47 -12.56
C PRO C 258 -0.21 12.21 -13.09
N GLU C 259 1.01 12.31 -13.61
CA GLU C 259 1.70 11.12 -14.11
C GLU C 259 2.12 10.20 -12.99
N ALA C 260 2.16 10.67 -11.74
CA ALA C 260 2.46 9.80 -10.62
C ALA C 260 1.41 8.73 -10.42
N LEU C 261 0.20 8.93 -10.94
CA LEU C 261 -0.85 7.91 -10.84
C LEU C 261 -0.46 6.66 -11.63
N PHE C 262 -0.09 6.85 -12.90
CA PHE C 262 0.22 5.71 -13.75
C PHE C 262 1.64 5.18 -13.54
N GLN C 263 2.51 5.96 -12.90
CA GLN C 263 3.87 5.54 -12.58
C GLN C 263 4.14 5.84 -11.12
N PRO C 264 3.68 4.98 -10.20
CA PRO C 264 3.89 5.23 -8.77
C PRO C 264 5.34 5.15 -8.35
N SER C 265 6.25 4.76 -9.23
CA SER C 265 7.68 4.71 -8.87
C SER C 265 8.24 6.09 -8.56
N PHE C 266 7.58 7.16 -9.03
CA PHE C 266 8.04 8.50 -8.70
C PHE C 266 7.88 8.79 -7.22
N LEU C 267 6.89 8.20 -6.56
CA LEU C 267 6.67 8.38 -5.14
C LEU C 267 7.37 7.34 -4.29
N GLY C 268 8.15 6.45 -4.90
CA GLY C 268 8.83 5.43 -4.14
C GLY C 268 7.95 4.31 -3.65
N MET C 269 6.82 4.07 -4.31
CA MET C 269 5.91 2.99 -3.95
C MET C 269 6.02 1.87 -4.98
N GLU C 270 6.19 0.64 -4.50
CA GLU C 270 6.31 -0.51 -5.39
C GLU C 270 4.99 -0.91 -6.03
N SER C 271 3.88 -0.32 -5.60
CA SER C 271 2.57 -0.70 -6.13
C SER C 271 2.45 -0.31 -7.60
N ALA C 272 1.61 -1.05 -8.32
CA ALA C 272 1.41 -0.80 -9.73
C ALA C 272 0.55 0.44 -9.94
N GLY C 273 0.53 0.93 -11.18
CA GLY C 273 -0.19 2.14 -11.50
C GLY C 273 -1.70 1.92 -11.50
N ILE C 274 -2.41 3.02 -11.72
CA ILE C 274 -3.87 2.96 -11.75
C ILE C 274 -4.37 2.27 -13.01
N HIS C 275 -3.53 2.11 -14.03
CA HIS C 275 -3.94 1.39 -15.23
C HIS C 275 -3.70 -0.10 -15.10
N GLU C 276 -2.61 -0.50 -14.46
CA GLU C 276 -2.34 -1.93 -14.27
C GLU C 276 -3.22 -2.53 -13.19
N THR C 277 -3.52 -1.76 -12.14
CA THR C 277 -4.35 -2.28 -11.07
C THR C 277 -5.78 -2.53 -11.54
N THR C 278 -6.22 -1.85 -12.60
CA THR C 278 -7.53 -2.16 -13.18
C THR C 278 -7.47 -3.46 -13.96
N PHE C 279 -6.42 -3.66 -14.75
CA PHE C 279 -6.27 -4.91 -15.49
C PHE C 279 -6.07 -6.09 -14.56
N ASN C 280 -5.30 -5.91 -13.49
CA ASN C 280 -5.07 -7.00 -12.54
C ASN C 280 -6.37 -7.40 -11.84
N SER C 281 -7.21 -6.42 -11.50
CA SER C 281 -8.46 -6.71 -10.83
C SER C 281 -9.40 -7.52 -11.73
N ILE C 282 -9.44 -7.19 -13.02
CA ILE C 282 -10.29 -7.92 -13.95
C ILE C 282 -9.80 -9.35 -14.12
N MET C 283 -8.48 -9.55 -14.13
CA MET C 283 -7.92 -10.88 -14.32
C MET C 283 -8.27 -11.84 -13.19
N LYS C 284 -8.68 -11.33 -12.03
CA LYS C 284 -9.05 -12.17 -10.91
C LYS C 284 -10.49 -12.68 -11.00
N CYS C 285 -11.26 -12.25 -11.99
CA CYS C 285 -12.65 -12.66 -12.13
C CYS C 285 -12.75 -13.86 -13.07
N ASP C 286 -13.96 -14.36 -13.24
CA ASP C 286 -14.20 -15.50 -14.11
C ASP C 286 -14.00 -15.11 -15.57
N VAL C 287 -13.71 -16.12 -16.40
CA VAL C 287 -13.46 -15.86 -17.82
C VAL C 287 -14.71 -15.33 -18.51
N ASP C 288 -15.88 -15.87 -18.15
CA ASP C 288 -17.12 -15.45 -18.78
C ASP C 288 -17.44 -14.00 -18.44
N ILE C 289 -17.15 -13.57 -17.21
CA ILE C 289 -17.50 -12.23 -16.78
C ILE C 289 -16.54 -11.17 -17.30
N ARG C 290 -15.33 -11.56 -17.73
CA ARG C 290 -14.34 -10.58 -18.14
C ARG C 290 -14.80 -9.75 -19.33
N LYS C 291 -15.63 -10.33 -20.20
CA LYS C 291 -16.11 -9.58 -21.36
C LYS C 291 -16.98 -8.39 -20.95
N ASP C 292 -17.86 -8.59 -19.97
CA ASP C 292 -18.74 -7.50 -19.54
C ASP C 292 -17.97 -6.43 -18.79
N LEU C 293 -17.03 -6.82 -17.92
CA LEU C 293 -16.30 -5.84 -17.12
C LEU C 293 -15.42 -4.96 -17.98
N TYR C 294 -14.88 -5.49 -19.08
CA TYR C 294 -14.02 -4.69 -19.95
C TYR C 294 -14.78 -3.54 -20.59
N ALA C 295 -16.01 -3.79 -21.03
CA ALA C 295 -16.78 -2.81 -21.78
C ALA C 295 -17.63 -1.91 -20.89
N ASN C 296 -17.57 -2.08 -19.57
CA ASN C 296 -18.38 -1.29 -18.64
C ASN C 296 -17.51 -0.72 -17.52
N THR C 297 -16.35 -0.20 -17.88
CA THR C 297 -15.49 0.45 -16.90
C THR C 297 -16.04 1.84 -16.59
N VAL C 298 -16.14 2.15 -15.30
CA VAL C 298 -16.70 3.41 -14.84
C VAL C 298 -15.70 4.09 -13.92
N LEU C 299 -15.43 5.37 -14.18
CA LEU C 299 -14.59 6.17 -13.31
C LEU C 299 -15.44 6.96 -12.34
N SER C 300 -14.85 7.31 -11.20
CA SER C 300 -15.55 8.09 -10.19
C SER C 300 -14.51 8.77 -9.31
N GLY C 301 -14.97 9.72 -8.50
CA GLY C 301 -14.11 10.44 -7.59
C GLY C 301 -13.49 11.67 -8.22
N GLY C 302 -13.01 12.56 -7.37
CA GLY C 302 -12.43 13.81 -7.85
C GLY C 302 -11.06 13.67 -8.48
N THR C 303 -10.32 12.62 -8.14
CA THR C 303 -8.99 12.44 -8.72
C THR C 303 -9.08 12.15 -10.21
N THR C 304 -10.10 11.41 -10.64
CA THR C 304 -10.27 11.08 -12.04
C THR C 304 -10.96 12.19 -12.84
N MET C 305 -10.93 13.43 -12.34
CA MET C 305 -11.51 14.57 -13.04
C MET C 305 -10.48 15.36 -13.82
N TYR C 306 -9.26 14.85 -13.96
CA TYR C 306 -8.24 15.54 -14.74
C TYR C 306 -8.63 15.56 -16.21
N PRO C 307 -8.25 16.62 -16.94
CA PRO C 307 -8.53 16.65 -18.38
C PRO C 307 -7.68 15.67 -19.15
N GLY C 308 -8.31 14.62 -19.69
CA GLY C 308 -7.61 13.64 -20.50
C GLY C 308 -7.26 12.34 -19.81
N ILE C 309 -7.71 12.14 -18.56
CA ILE C 309 -7.41 10.89 -17.87
C ILE C 309 -8.16 9.73 -18.51
N ALA C 310 -9.39 9.98 -18.98
CA ALA C 310 -10.15 8.92 -19.63
C ALA C 310 -9.47 8.46 -20.92
N ASP C 311 -8.96 9.41 -21.70
CA ASP C 311 -8.26 9.06 -22.94
C ASP C 311 -6.97 8.30 -22.66
N ARG C 312 -6.19 8.75 -21.67
CA ARG C 312 -4.94 8.08 -21.35
C ARG C 312 -5.19 6.68 -20.79
N MET C 313 -6.20 6.54 -19.93
CA MET C 313 -6.48 5.24 -19.33
C MET C 313 -6.87 4.22 -20.39
N GLN C 314 -7.65 4.64 -21.39
CA GLN C 314 -8.09 3.72 -22.43
C GLN C 314 -6.91 3.16 -23.21
N LYS C 315 -5.93 4.01 -23.53
CA LYS C 315 -4.77 3.55 -24.28
C LYS C 315 -3.94 2.54 -23.48
N GLU C 316 -3.74 2.80 -22.18
CA GLU C 316 -2.91 1.91 -21.38
C GLU C 316 -3.56 0.53 -21.23
N ILE C 317 -4.87 0.49 -20.99
CA ILE C 317 -5.55 -0.78 -20.80
C ILE C 317 -5.56 -1.57 -22.10
N THR C 318 -5.72 -0.88 -23.23
CA THR C 318 -5.78 -1.58 -24.52
C THR C 318 -4.50 -2.34 -24.80
N ALA C 319 -3.34 -1.75 -24.50
CA ALA C 319 -2.08 -2.45 -24.73
C ALA C 319 -1.96 -3.69 -23.85
N LEU C 320 -2.39 -3.59 -22.59
CA LEU C 320 -2.29 -4.75 -21.70
C LEU C 320 -3.36 -5.79 -22.03
N ALA C 321 -4.59 -5.35 -22.28
CA ALA C 321 -5.67 -6.29 -22.55
C ALA C 321 -5.49 -6.94 -23.92
N PRO C 322 -6.01 -8.15 -24.11
CA PRO C 322 -5.96 -8.77 -25.44
C PRO C 322 -6.70 -7.94 -26.47
N SER C 323 -6.19 -7.96 -27.70
CA SER C 323 -6.76 -7.13 -28.76
C SER C 323 -8.18 -7.55 -29.14
N THR C 324 -8.58 -8.78 -28.82
CA THR C 324 -9.94 -9.22 -29.13
C THR C 324 -10.97 -8.41 -28.34
N MET C 325 -10.71 -8.19 -27.06
CA MET C 325 -11.64 -7.45 -26.22
C MET C 325 -11.66 -5.97 -26.58
N LYS C 326 -12.81 -5.35 -26.39
CA LYS C 326 -12.98 -3.92 -26.61
C LYS C 326 -13.05 -3.20 -25.27
N ILE C 327 -12.41 -2.04 -25.19
CA ILE C 327 -12.33 -1.25 -23.97
C ILE C 327 -13.17 0.02 -24.16
N LYS C 328 -14.08 0.26 -23.23
CA LYS C 328 -14.92 1.45 -23.25
C LYS C 328 -14.96 2.05 -21.84
N ILE C 329 -14.26 3.16 -21.65
CA ILE C 329 -14.21 3.84 -20.37
C ILE C 329 -15.34 4.85 -20.31
N ILE C 330 -16.20 4.72 -19.30
CA ILE C 330 -17.35 5.61 -19.13
C ILE C 330 -16.98 6.66 -18.08
N ALA C 331 -17.06 7.93 -18.46
CA ALA C 331 -16.73 9.05 -17.58
C ALA C 331 -17.93 9.98 -17.53
N PRO C 332 -18.85 9.77 -16.58
CA PRO C 332 -20.01 10.64 -16.49
C PRO C 332 -19.59 12.05 -16.13
N PRO C 333 -20.34 13.05 -16.60
CA PRO C 333 -19.95 14.45 -16.31
C PRO C 333 -19.96 14.79 -14.84
N GLU C 334 -20.84 14.17 -14.06
CA GLU C 334 -20.98 14.46 -12.63
C GLU C 334 -20.34 13.38 -11.76
N ARG C 335 -19.20 12.84 -12.19
CA ARG C 335 -18.57 11.76 -11.44
C ARG C 335 -17.99 12.21 -10.10
N LYS C 336 -17.90 13.51 -9.85
CA LYS C 336 -17.45 13.97 -8.54
C LYS C 336 -18.43 13.58 -7.44
N TYR C 337 -19.73 13.70 -7.71
CA TYR C 337 -20.78 13.36 -6.76
C TYR C 337 -21.43 12.01 -7.06
N SER C 338 -20.71 11.11 -7.73
CA SER C 338 -21.28 9.82 -8.07
C SER C 338 -21.54 8.96 -6.82
N VAL C 339 -20.68 9.08 -5.81
CA VAL C 339 -20.86 8.27 -4.61
C VAL C 339 -22.14 8.65 -3.89
N TRP C 340 -22.41 9.96 -3.77
CA TRP C 340 -23.62 10.39 -3.09
C TRP C 340 -24.87 10.09 -3.90
N ILE C 341 -24.81 10.33 -5.21
CA ILE C 341 -25.99 10.13 -6.05
C ILE C 341 -26.42 8.67 -6.03
N GLY C 342 -25.46 7.74 -6.08
CA GLY C 342 -25.80 6.34 -5.97
C GLY C 342 -26.44 6.00 -4.64
N GLY C 343 -25.96 6.62 -3.56
CA GLY C 343 -26.59 6.40 -2.26
C GLY C 343 -28.00 6.93 -2.19
N SER C 344 -28.28 8.04 -2.88
CA SER C 344 -29.63 8.58 -2.90
C SER C 344 -30.61 7.62 -3.56
N ILE C 345 -30.18 6.97 -4.65
CA ILE C 345 -31.03 6.00 -5.32
C ILE C 345 -31.30 4.80 -4.42
N LEU C 346 -30.26 4.31 -3.75
CA LEU C 346 -30.42 3.14 -2.88
C LEU C 346 -31.36 3.43 -1.72
N ALA C 347 -31.23 4.60 -1.10
CA ALA C 347 -32.07 4.94 0.04
C ALA C 347 -33.53 5.09 -0.36
N SER C 348 -33.80 5.65 -1.54
CA SER C 348 -35.16 5.87 -1.98
C SER C 348 -35.88 4.60 -2.41
N LEU C 349 -35.15 3.50 -2.59
CA LEU C 349 -35.77 2.25 -3.01
C LEU C 349 -36.68 1.70 -1.92
N SER C 350 -37.81 1.11 -2.34
CA SER C 350 -38.74 0.54 -1.39
C SER C 350 -38.21 -0.77 -0.79
N THR C 351 -37.41 -1.51 -1.56
CA THR C 351 -36.86 -2.76 -1.05
C THR C 351 -35.83 -2.52 0.03
N PHE C 352 -35.17 -1.35 0.02
CA PHE C 352 -34.14 -1.06 0.99
C PHE C 352 -34.68 -0.82 2.40
N GLN C 353 -36.00 -0.67 2.54
CA GLN C 353 -36.58 -0.39 3.86
C GLN C 353 -36.39 -1.55 4.84
N GLN C 354 -36.14 -2.75 4.35
CA GLN C 354 -35.93 -3.90 5.22
C GLN C 354 -34.46 -4.10 5.56
N MET C 355 -33.55 -3.33 4.97
CA MET C 355 -32.12 -3.45 5.24
C MET C 355 -31.63 -2.52 6.33
N TRP C 356 -32.50 -1.67 6.87
CA TRP C 356 -32.09 -0.75 7.92
C TRP C 356 -31.78 -1.52 9.20
N ILE C 357 -30.83 -0.99 9.98
CA ILE C 357 -30.51 -1.54 11.29
C ILE C 357 -31.34 -0.77 12.31
N SER C 358 -32.33 -1.44 12.89
CA SER C 358 -33.17 -0.79 13.88
C SER C 358 -32.41 -0.54 15.17
N LYS C 359 -32.90 0.42 15.95
CA LYS C 359 -32.26 0.75 17.23
C LYS C 359 -32.31 -0.44 18.19
N GLN C 360 -33.43 -1.16 18.22
CA GLN C 360 -33.53 -2.33 19.09
C GLN C 360 -32.57 -3.44 18.67
N GLU C 361 -32.35 -3.59 17.35
CA GLU C 361 -31.44 -4.61 16.88
C GLU C 361 -30.01 -4.35 17.34
N TYR C 362 -29.58 -3.09 17.30
CA TYR C 362 -28.23 -2.75 17.75
C TYR C 362 -28.07 -3.01 19.25
N ASP C 363 -29.11 -2.75 20.03
CA ASP C 363 -29.01 -2.91 21.48
C ASP C 363 -28.76 -4.36 21.86
N GLU C 364 -29.40 -5.30 21.16
CA GLU C 364 -29.31 -6.70 21.55
C GLU C 364 -27.94 -7.30 21.20
N SER C 365 -27.26 -6.74 20.20
CA SER C 365 -26.00 -7.30 19.73
C SER C 365 -24.82 -6.36 19.88
N GLY C 366 -25.04 -5.10 20.24
CA GLY C 366 -23.97 -4.15 20.37
C GLY C 366 -23.45 -3.70 19.01
N PRO C 367 -22.28 -3.05 19.01
CA PRO C 367 -21.71 -2.55 17.76
C PRO C 367 -21.33 -3.63 16.76
N SER C 368 -21.18 -4.89 17.20
CA SER C 368 -20.73 -5.95 16.31
C SER C 368 -21.74 -6.32 15.24
N ILE C 369 -22.98 -5.83 15.34
CA ILE C 369 -23.99 -6.16 14.35
C ILE C 369 -23.70 -5.52 13.00
N VAL C 370 -22.83 -4.52 12.96
CA VAL C 370 -22.56 -3.82 11.70
C VAL C 370 -21.84 -4.73 10.72
N HIS C 371 -21.03 -5.66 11.20
CA HIS C 371 -20.31 -6.55 10.30
C HIS C 371 -21.24 -7.56 9.65
N ARG C 372 -22.16 -8.13 10.43
CA ARG C 372 -23.01 -9.21 9.92
C ARG C 372 -24.09 -8.69 8.98
N LYS C 373 -24.67 -7.52 9.27
CA LYS C 373 -25.77 -7.00 8.47
C LYS C 373 -25.29 -6.22 7.25
N CYS C 374 -24.51 -5.18 7.47
CA CYS C 374 -24.05 -4.33 6.38
C CYS C 374 -22.91 -4.99 5.61
N PHE C 375 -22.67 -4.48 4.41
CA PHE C 375 -21.56 -4.95 3.58
C PHE C 375 -20.97 -3.79 2.78
N ALA D 6 30.79 -37.49 -6.89
CA ALA D 6 29.62 -37.00 -6.18
C ALA D 6 28.72 -36.20 -7.10
N ALA D 7 27.51 -36.71 -7.34
CA ALA D 7 26.58 -36.04 -8.24
C ALA D 7 25.77 -35.00 -7.48
N LEU D 8 25.75 -33.78 -8.00
CA LEU D 8 24.96 -32.72 -7.38
C LEU D 8 23.48 -33.00 -7.52
N VAL D 9 22.72 -32.62 -6.50
CA VAL D 9 21.26 -32.76 -6.49
C VAL D 9 20.71 -31.36 -6.26
N VAL D 10 20.41 -30.66 -7.34
CA VAL D 10 19.89 -29.30 -7.28
C VAL D 10 18.39 -29.37 -7.54
N ASP D 11 17.59 -29.01 -6.52
CA ASP D 11 16.14 -29.03 -6.61
C ASP D 11 15.65 -27.59 -6.67
N ASN D 12 15.46 -27.09 -7.88
CA ASN D 12 14.89 -25.76 -8.06
C ASN D 12 13.42 -25.74 -7.64
N GLY D 13 13.01 -24.63 -7.07
CA GLY D 13 11.64 -24.49 -6.61
C GLY D 13 11.19 -23.05 -6.69
N SER D 14 9.86 -22.87 -6.60
CA SER D 14 9.30 -21.53 -6.65
C SER D 14 9.71 -20.72 -5.43
N GLY D 15 9.64 -21.32 -4.24
CA GLY D 15 9.98 -20.62 -3.02
C GLY D 15 11.43 -20.70 -2.64
N MET D 16 11.94 -21.93 -2.48
CA MET D 16 13.32 -22.14 -2.09
C MET D 16 13.92 -23.24 -2.95
N CYS D 17 15.22 -23.12 -3.22
CA CYS D 17 15.96 -24.12 -3.98
C CYS D 17 17.00 -24.76 -3.08
N LYS D 18 17.02 -26.09 -3.05
CA LYS D 18 17.90 -26.85 -2.19
C LYS D 18 18.99 -27.50 -3.03
N ALA D 19 20.24 -27.34 -2.61
CA ALA D 19 21.37 -27.90 -3.31
C ALA D 19 22.29 -28.62 -2.33
N GLY D 20 22.97 -29.65 -2.82
CA GLY D 20 23.86 -30.42 -1.98
C GLY D 20 24.67 -31.44 -2.75
N PHE D 21 24.89 -32.60 -2.13
CA PHE D 21 25.66 -33.68 -2.75
C PHE D 21 24.93 -34.99 -2.53
N ALA D 22 25.18 -35.94 -3.43
CA ALA D 22 24.56 -37.25 -3.33
C ALA D 22 25.10 -37.99 -2.11
N GLY D 23 24.18 -38.61 -1.36
CA GLY D 23 24.51 -39.38 -0.19
C GLY D 23 24.32 -38.63 1.12
N ASP D 24 24.26 -37.31 1.08
CA ASP D 24 24.04 -36.52 2.28
C ASP D 24 22.58 -36.63 2.72
N ASP D 25 22.35 -36.41 4.01
CA ASP D 25 21.02 -36.46 4.59
C ASP D 25 20.38 -35.09 4.73
N ALA D 26 21.05 -34.02 4.27
CA ALA D 26 20.49 -32.68 4.39
C ALA D 26 21.10 -31.81 3.31
N PRO D 27 20.34 -30.92 2.69
CA PRO D 27 20.92 -30.03 1.67
C PRO D 27 21.98 -29.12 2.27
N ARG D 28 23.03 -28.86 1.48
CA ARG D 28 24.12 -28.01 1.95
C ARG D 28 23.72 -26.54 1.95
N ALA D 29 23.00 -26.09 0.93
CA ALA D 29 22.60 -24.70 0.80
C ALA D 29 21.10 -24.64 0.54
N VAL D 30 20.38 -23.90 1.38
CA VAL D 30 18.95 -23.69 1.24
C VAL D 30 18.72 -22.18 1.33
N PHE D 31 18.48 -21.53 0.20
CA PHE D 31 18.30 -20.09 0.16
C PHE D 31 17.07 -19.74 -0.68
N PRO D 32 16.43 -18.62 -0.40
CA PRO D 32 15.25 -18.23 -1.18
C PRO D 32 15.58 -18.02 -2.65
N SER D 33 14.63 -18.38 -3.51
CA SER D 33 14.81 -18.30 -4.96
C SER D 33 14.21 -17.00 -5.48
N ILE D 34 14.92 -15.90 -5.21
CA ILE D 34 14.51 -14.58 -5.65
C ILE D 34 15.68 -13.89 -6.31
N VAL D 35 15.36 -12.93 -7.18
CA VAL D 35 16.35 -12.10 -7.87
C VAL D 35 15.87 -10.66 -7.75
N GLY D 36 16.48 -9.89 -6.86
CA GLY D 36 16.09 -8.52 -6.63
C GLY D 36 17.05 -7.53 -7.27
N ARG D 37 16.51 -6.40 -7.71
CA ARG D 37 17.29 -5.34 -8.32
C ARG D 37 16.97 -4.02 -7.63
N PRO D 38 17.96 -3.14 -7.48
CA PRO D 38 17.73 -1.89 -6.75
C PRO D 38 16.83 -0.95 -7.55
N ARG D 39 15.83 -0.42 -6.87
CA ARG D 39 14.92 0.55 -7.49
C ARG D 39 15.33 2.00 -7.24
N HIS D 40 16.34 2.24 -6.42
CA HIS D 40 16.83 3.57 -6.12
C HIS D 40 18.24 3.74 -6.69
N GLN D 41 18.53 4.94 -7.18
CA GLN D 41 19.86 5.23 -7.69
C GLN D 41 20.87 5.27 -6.56
N GLY D 42 22.10 4.86 -6.85
CA GLY D 42 23.16 4.83 -5.86
C GLY D 42 23.90 6.16 -5.80
N VAL D 43 24.14 6.62 -4.58
CA VAL D 43 24.85 7.88 -4.35
C VAL D 43 26.27 7.67 -3.85
N MET D 44 26.54 6.60 -3.10
CA MET D 44 27.87 6.36 -2.57
C MET D 44 28.70 5.64 -3.63
N VAL D 45 29.77 6.29 -4.08
CA VAL D 45 30.63 5.73 -5.10
C VAL D 45 31.73 4.90 -4.43
N GLY D 46 32.33 4.01 -5.20
CA GLY D 46 33.41 3.18 -4.71
C GLY D 46 33.00 1.96 -3.92
N MET D 47 31.70 1.75 -3.71
CA MET D 47 31.24 0.57 -2.98
C MET D 47 31.24 -0.68 -3.83
N GLY D 48 31.27 -0.54 -5.15
CA GLY D 48 31.20 -1.70 -6.02
C GLY D 48 29.91 -2.47 -5.91
N GLN D 49 28.78 -1.76 -5.79
CA GLN D 49 27.49 -2.42 -5.64
C GLN D 49 27.12 -3.19 -6.90
N LYS D 50 26.59 -4.38 -6.73
CA LYS D 50 26.22 -5.23 -7.83
C LYS D 50 24.94 -4.72 -8.49
N ASP D 51 24.60 -5.29 -9.65
CA ASP D 51 23.39 -4.91 -10.36
C ASP D 51 22.20 -5.76 -9.94
N SER D 52 22.42 -7.03 -9.62
CA SER D 52 21.34 -7.92 -9.20
C SER D 52 21.82 -8.76 -8.02
N TYR D 53 20.93 -8.94 -7.05
CA TYR D 53 21.22 -9.73 -5.86
C TYR D 53 20.37 -10.99 -5.89
N VAL D 54 21.01 -12.14 -5.65
CA VAL D 54 20.36 -13.44 -5.74
C VAL D 54 20.48 -14.14 -4.39
N GLY D 55 19.37 -14.70 -3.92
CA GLY D 55 19.40 -15.55 -2.74
C GLY D 55 19.39 -14.81 -1.43
N ASP D 56 20.24 -15.24 -0.49
CA ASP D 56 20.26 -14.67 0.84
C ASP D 56 20.68 -13.20 0.83
N GLU D 57 21.52 -12.81 -0.14
CA GLU D 57 21.92 -11.41 -0.24
C GLU D 57 20.72 -10.52 -0.53
N ALA D 58 19.81 -10.97 -1.41
CA ALA D 58 18.61 -10.20 -1.70
C ALA D 58 17.71 -10.08 -0.49
N GLN D 59 17.55 -11.17 0.27
CA GLN D 59 16.69 -11.14 1.44
C GLN D 59 17.21 -10.20 2.51
N SER D 60 18.53 -10.17 2.71
CA SER D 60 19.11 -9.30 3.73
C SER D 60 18.89 -7.82 3.39
N LYS D 61 18.99 -7.47 2.11
CA LYS D 61 18.81 -6.10 1.65
C LYS D 61 17.48 -5.89 0.95
N ARG D 62 16.44 -6.62 1.36
CA ARG D 62 15.16 -6.60 0.66
C ARG D 62 14.43 -5.28 0.80
N GLY D 63 14.87 -4.38 1.68
CA GLY D 63 14.20 -3.10 1.84
C GLY D 63 14.30 -2.21 0.63
N ILE D 64 15.42 -2.27 -0.10
CA ILE D 64 15.66 -1.37 -1.22
C ILE D 64 15.72 -2.16 -2.52
N LEU D 65 14.99 -3.26 -2.58
CA LEU D 65 14.98 -4.12 -3.77
C LEU D 65 13.54 -4.46 -4.14
N THR D 66 13.35 -4.76 -5.42
CA THR D 66 12.06 -5.25 -5.93
C THR D 66 12.22 -6.74 -6.17
N LEU D 67 11.82 -7.55 -5.19
CA LEU D 67 12.01 -8.99 -5.27
C LEU D 67 11.04 -9.58 -6.30
N LYS D 68 11.60 -10.24 -7.32
CA LYS D 68 10.81 -10.91 -8.34
C LYS D 68 11.14 -12.39 -8.34
N TYR D 69 10.11 -13.22 -8.24
CA TYR D 69 10.31 -14.66 -8.27
C TYR D 69 10.41 -15.14 -9.71
N PRO D 70 11.53 -15.73 -10.12
CA PRO D 70 11.65 -16.18 -11.52
C PRO D 70 10.65 -17.25 -11.89
N ILE D 71 10.19 -18.05 -10.94
CA ILE D 71 9.25 -19.14 -11.19
C ILE D 71 7.92 -18.76 -10.57
N GLU D 72 6.88 -18.71 -11.38
CA GLU D 72 5.54 -18.40 -10.91
C GLU D 72 4.54 -19.44 -11.40
N GLY D 74 4.77 -22.54 -11.18
CA GLY D 74 5.47 -23.71 -11.69
C GLY D 74 6.06 -23.60 -13.08
N ILE D 75 5.90 -22.44 -13.71
CA ILE D 75 6.45 -22.18 -15.04
C ILE D 75 7.42 -21.01 -14.94
N VAL D 76 8.61 -21.19 -15.51
CA VAL D 76 9.65 -20.18 -15.44
C VAL D 76 9.33 -19.06 -16.42
N THR D 77 8.83 -17.95 -15.90
CA THR D 77 8.48 -16.80 -16.74
C THR D 77 9.68 -15.96 -17.12
N ASN D 78 10.86 -16.23 -16.58
CA ASN D 78 12.06 -15.45 -16.91
C ASN D 78 13.23 -16.41 -16.95
N TRP D 79 13.68 -16.76 -18.15
CA TRP D 79 14.79 -17.70 -18.29
C TRP D 79 16.14 -17.05 -18.16
N ASP D 80 16.20 -15.72 -18.04
CA ASP D 80 17.46 -15.04 -17.77
C ASP D 80 17.78 -15.00 -16.28
N ASP D 81 16.76 -14.83 -15.43
CA ASP D 81 16.99 -14.86 -13.99
C ASP D 81 17.20 -16.29 -13.49
N MET D 82 16.62 -17.28 -14.17
CA MET D 82 16.82 -18.67 -13.75
C MET D 82 18.28 -19.08 -13.90
N GLU D 83 18.95 -18.60 -14.96
CA GLU D 83 20.37 -18.85 -15.10
C GLU D 83 21.18 -18.18 -14.00
N LYS D 84 20.71 -17.02 -13.53
CA LYS D 84 21.41 -16.31 -12.46
C LYS D 84 21.38 -17.13 -11.16
N ILE D 85 20.24 -17.73 -10.84
CA ILE D 85 20.12 -18.50 -9.61
C ILE D 85 20.99 -19.75 -9.67
N TRP D 86 20.97 -20.45 -10.81
CA TRP D 86 21.81 -21.64 -10.95
C TRP D 86 23.28 -21.29 -10.87
N HIS D 87 23.67 -20.15 -11.46
CA HIS D 87 25.05 -19.70 -11.35
C HIS D 87 25.41 -19.42 -9.90
N HIS D 88 24.50 -18.81 -9.15
CA HIS D 88 24.76 -18.54 -7.74
C HIS D 88 24.78 -19.82 -6.91
N THR D 89 23.99 -20.82 -7.29
CA THR D 89 23.95 -22.06 -6.53
C THR D 89 25.28 -22.79 -6.59
N PHE D 90 25.89 -22.87 -7.78
CA PHE D 90 27.11 -23.66 -7.95
C PHE D 90 28.34 -22.93 -7.41
N TYR D 91 28.62 -21.75 -7.96
CA TYR D 91 29.91 -21.10 -7.68
C TYR D 91 29.94 -20.49 -6.28
N ASN D 92 28.81 -19.92 -5.82
CA ASN D 92 28.83 -19.17 -4.57
C ASN D 92 28.44 -20.03 -3.36
N GLU D 93 27.23 -20.59 -3.39
CA GLU D 93 26.74 -21.31 -2.20
C GLU D 93 27.43 -22.65 -2.05
N LEU D 94 27.58 -23.40 -3.14
CA LEU D 94 28.21 -24.72 -3.07
C LEU D 94 29.71 -24.67 -3.31
N ARG D 95 30.20 -23.66 -4.02
CA ARG D 95 31.64 -23.50 -4.28
C ARG D 95 32.23 -24.73 -4.96
N VAL D 96 31.47 -25.30 -5.90
CA VAL D 96 31.91 -26.46 -6.67
C VAL D 96 31.68 -26.18 -8.15
N ALA D 97 32.70 -26.42 -8.97
CA ALA D 97 32.56 -26.24 -10.40
C ALA D 97 31.83 -27.43 -11.00
N PRO D 98 30.76 -27.21 -11.77
CA PRO D 98 30.02 -28.35 -12.36
C PRO D 98 30.78 -29.06 -13.46
N GLU D 99 32.04 -28.71 -13.71
CA GLU D 99 32.79 -29.35 -14.79
C GLU D 99 33.04 -30.82 -14.49
N GLU D 100 33.23 -31.18 -13.22
CA GLU D 100 33.59 -32.54 -12.84
C GLU D 100 32.52 -33.21 -11.99
N HIS D 101 31.31 -32.66 -11.95
CA HIS D 101 30.22 -33.22 -11.14
C HIS D 101 28.93 -33.25 -11.96
N PRO D 102 28.35 -34.42 -12.18
CA PRO D 102 27.04 -34.46 -12.85
C PRO D 102 25.97 -33.82 -11.98
N VAL D 103 24.97 -33.23 -12.65
CA VAL D 103 23.92 -32.46 -11.99
C VAL D 103 22.59 -33.14 -12.21
N LEU D 104 21.83 -33.31 -11.13
CA LEU D 104 20.49 -33.85 -11.18
C LEU D 104 19.49 -32.72 -10.96
N LEU D 105 18.53 -32.60 -11.89
CA LEU D 105 17.49 -31.58 -11.79
C LEU D 105 16.15 -32.24 -11.54
N THR D 106 15.20 -31.44 -11.05
CA THR D 106 13.86 -31.90 -10.73
C THR D 106 12.83 -31.09 -11.51
N GLU D 107 11.91 -31.77 -12.16
CA GLU D 107 10.83 -31.12 -12.89
C GLU D 107 9.60 -30.93 -12.01
N ALA D 108 8.47 -30.59 -12.65
CA ALA D 108 7.19 -30.50 -11.97
C ALA D 108 6.21 -31.39 -12.72
N PRO D 109 5.20 -31.93 -12.06
CA PRO D 109 4.22 -32.77 -12.76
C PRO D 109 3.54 -32.01 -13.88
N LEU D 110 3.30 -32.70 -15.00
CA LEU D 110 2.67 -32.13 -16.19
C LEU D 110 3.45 -30.90 -16.68
N ASN D 111 4.75 -31.08 -16.82
CA ASN D 111 5.56 -29.95 -17.26
C ASN D 111 5.53 -29.83 -18.79
N PRO D 112 5.49 -28.61 -19.31
CA PRO D 112 5.53 -28.43 -20.77
C PRO D 112 6.85 -28.92 -21.34
N LYS D 113 6.80 -29.40 -22.58
CA LYS D 113 8.00 -29.94 -23.22
C LYS D 113 9.05 -28.87 -23.46
N ALA D 114 8.61 -27.61 -23.61
CA ALA D 114 9.55 -26.52 -23.86
C ALA D 114 10.50 -26.32 -22.69
N ASN D 115 9.97 -26.39 -21.46
CA ASN D 115 10.82 -26.24 -20.28
C ASN D 115 11.79 -27.39 -20.15
N ARG D 116 11.37 -28.60 -20.52
CA ARG D 116 12.21 -29.78 -20.41
C ARG D 116 13.47 -29.65 -21.26
N GLU D 117 13.30 -29.19 -22.50
CA GLU D 117 14.45 -29.04 -23.40
C GLU D 117 15.28 -27.81 -23.02
N LYS D 118 14.62 -26.75 -22.55
CA LYS D 118 15.33 -25.53 -22.19
C LYS D 118 16.28 -25.77 -21.02
N MET D 119 15.84 -26.54 -20.02
CA MET D 119 16.70 -26.84 -18.89
C MET D 119 17.94 -27.63 -19.32
N THR D 120 17.75 -28.61 -20.21
CA THR D 120 18.88 -29.38 -20.70
C THR D 120 19.82 -28.50 -21.53
N GLN D 121 19.26 -27.68 -22.41
CA GLN D 121 20.10 -26.85 -23.27
C GLN D 121 20.89 -25.82 -22.48
N ILE D 122 20.26 -25.21 -21.48
CA ILE D 122 20.93 -24.15 -20.72
C ILE D 122 22.14 -24.70 -19.98
N MET D 123 21.96 -25.82 -19.28
CA MET D 123 23.03 -26.34 -18.43
C MET D 123 24.11 -27.05 -19.24
N PHE D 124 23.75 -27.71 -20.35
CA PHE D 124 24.74 -28.44 -21.13
C PHE D 124 25.67 -27.51 -21.91
N GLU D 125 25.32 -26.24 -22.05
CA GLU D 125 26.14 -25.29 -22.78
C GLU D 125 26.74 -24.22 -21.89
N THR D 126 25.93 -23.53 -21.09
CA THR D 126 26.47 -22.51 -20.19
C THR D 126 27.33 -23.13 -19.11
N PHE D 127 26.93 -24.27 -18.56
CA PHE D 127 27.68 -24.94 -17.51
C PHE D 127 28.38 -26.21 -17.97
N ASN D 128 27.95 -26.80 -19.09
CA ASN D 128 28.60 -27.95 -19.73
C ASN D 128 28.94 -29.06 -18.72
N THR D 129 27.94 -29.44 -17.93
CA THR D 129 28.10 -30.55 -17.02
C THR D 129 28.22 -31.86 -17.79
N PRO D 130 29.06 -32.79 -17.30
CA PRO D 130 29.27 -34.05 -18.06
C PRO D 130 28.01 -34.89 -18.23
N ALA D 131 27.11 -34.90 -17.26
CA ALA D 131 25.95 -35.77 -17.30
C ALA D 131 24.77 -35.09 -16.63
N MET D 132 23.58 -35.62 -16.90
CA MET D 132 22.36 -35.05 -16.35
C MET D 132 21.28 -36.12 -16.28
N TYR D 133 20.40 -35.97 -15.28
CA TYR D 133 19.17 -36.74 -15.21
C TYR D 133 18.12 -35.85 -14.56
N VAL D 134 16.90 -35.91 -15.07
CA VAL D 134 15.80 -35.05 -14.63
C VAL D 134 14.65 -35.95 -14.19
N ALA D 135 14.13 -35.70 -12.98
CA ALA D 135 13.08 -36.52 -12.41
C ALA D 135 11.96 -35.63 -11.87
N ILE D 136 10.80 -36.26 -11.66
CA ILE D 136 9.64 -35.53 -11.15
C ILE D 136 9.80 -35.28 -9.66
N GLN D 137 9.41 -34.08 -9.21
CA GLN D 137 9.48 -33.76 -7.79
C GLN D 137 8.58 -34.66 -6.97
N ALA D 138 7.36 -34.90 -7.45
CA ALA D 138 6.43 -35.75 -6.71
C ALA D 138 6.94 -37.18 -6.60
N VAL D 139 7.59 -37.68 -7.66
CA VAL D 139 8.13 -39.04 -7.63
C VAL D 139 9.19 -39.16 -6.54
N LEU D 140 10.08 -38.18 -6.45
CA LEU D 140 11.13 -38.22 -5.44
C LEU D 140 10.59 -38.09 -4.03
N SER D 141 9.40 -37.51 -3.85
CA SER D 141 8.85 -37.34 -2.52
C SER D 141 8.60 -38.68 -1.85
N LEU D 142 8.07 -39.65 -2.59
CA LEU D 142 7.84 -40.96 -1.99
C LEU D 142 9.14 -41.73 -1.80
N TYR D 143 10.16 -41.46 -2.62
CA TYR D 143 11.41 -42.17 -2.49
C TYR D 143 12.07 -41.87 -1.16
N ALA D 144 11.98 -40.62 -0.69
CA ALA D 144 12.56 -40.26 0.59
C ALA D 144 11.86 -40.99 1.73
N SER D 145 10.55 -41.16 1.64
CA SER D 145 9.80 -41.87 2.68
C SER D 145 10.11 -43.35 2.71
N GLY D 146 10.68 -43.90 1.63
CA GLY D 146 11.04 -45.30 1.58
C GLY D 146 10.02 -46.22 0.95
N ARG D 147 8.97 -45.68 0.36
CA ARG D 147 7.94 -46.49 -0.31
C ARG D 147 7.82 -46.03 -1.75
N THR D 148 7.65 -46.99 -2.66
CA THR D 148 7.61 -46.70 -4.09
C THR D 148 6.20 -46.55 -4.64
N THR D 149 5.19 -47.05 -3.92
CA THR D 149 3.80 -47.00 -4.39
C THR D 149 2.97 -46.17 -3.42
N GLY D 150 2.22 -45.22 -3.95
CA GLY D 150 1.38 -44.38 -3.14
C GLY D 150 0.99 -43.12 -3.88
N ILE D 151 0.28 -42.25 -3.17
CA ILE D 151 -0.18 -40.98 -3.71
C ILE D 151 0.46 -39.86 -2.91
N VAL D 152 1.07 -38.90 -3.62
CA VAL D 152 1.80 -37.81 -3.00
C VAL D 152 0.95 -36.55 -3.11
N MET D 153 0.76 -35.88 -1.98
CA MET D 153 0.04 -34.60 -1.94
C MET D 153 1.06 -33.47 -1.99
N ASP D 154 1.73 -33.37 -3.14
CA ASP D 154 2.78 -32.38 -3.34
C ASP D 154 2.19 -30.98 -3.27
N SER D 155 2.68 -30.18 -2.32
CA SER D 155 2.27 -28.80 -2.16
C SER D 155 3.49 -27.95 -1.90
N GLY D 156 3.38 -26.66 -2.20
CA GLY D 156 4.50 -25.77 -2.00
C GLY D 156 4.17 -24.32 -2.25
N ASP D 157 5.14 -23.56 -2.77
CA ASP D 157 4.95 -22.16 -3.10
C ASP D 157 4.51 -21.97 -4.55
N GLY D 158 4.36 -23.07 -5.29
CA GLY D 158 3.98 -23.01 -6.69
C GLY D 158 2.55 -23.40 -6.92
N VAL D 159 2.32 -24.66 -7.29
CA VAL D 159 0.97 -25.19 -7.47
C VAL D 159 0.90 -26.56 -6.81
N THR D 160 -0.19 -26.82 -6.10
CA THR D 160 -0.38 -28.10 -5.43
C THR D 160 -0.64 -29.20 -6.45
N HIS D 161 0.08 -30.31 -6.33
CA HIS D 161 -0.05 -31.44 -7.22
C HIS D 161 -0.34 -32.71 -6.42
N THR D 162 -1.24 -33.53 -6.93
CA THR D 162 -1.55 -34.83 -6.33
C THR D 162 -1.21 -35.90 -7.36
N VAL D 163 -0.09 -36.58 -7.17
CA VAL D 163 0.42 -37.54 -8.15
C VAL D 163 0.42 -38.94 -7.56
N PRO D 164 -0.54 -39.79 -7.91
CA PRO D 164 -0.56 -41.18 -7.40
C PRO D 164 0.37 -42.11 -8.20
N ILE D 165 1.64 -42.11 -7.81
CA ILE D 165 2.65 -42.88 -8.51
C ILE D 165 2.50 -44.35 -8.16
N TYR D 166 2.90 -45.21 -9.09
CA TYR D 166 2.84 -46.66 -8.90
C TYR D 166 4.10 -47.29 -9.46
N GLU D 167 4.72 -48.16 -8.67
CA GLU D 167 5.98 -48.80 -9.02
C GLU D 167 7.05 -47.78 -9.41
N GLY D 168 7.02 -46.62 -8.76
CA GLY D 168 7.97 -45.58 -9.05
C GLY D 168 7.72 -44.83 -10.34
N TYR D 169 6.58 -45.04 -10.99
CA TYR D 169 6.26 -44.39 -12.25
C TYR D 169 5.03 -43.51 -12.07
N ALA D 170 5.10 -42.29 -12.59
CA ALA D 170 3.99 -41.36 -12.46
C ALA D 170 2.88 -41.70 -13.44
N LEU D 171 1.66 -41.77 -12.93
CA LEU D 171 0.50 -41.96 -13.79
C LEU D 171 0.14 -40.62 -14.45
N PRO D 172 0.16 -40.53 -15.78
CA PRO D 172 -0.06 -39.22 -16.41
C PRO D 172 -1.50 -38.76 -16.37
N HIS D 173 -2.46 -39.68 -16.51
CA HIS D 173 -3.86 -39.29 -16.57
C HIS D 173 -4.42 -38.95 -15.19
N ALA D 174 -3.88 -39.56 -14.13
CA ALA D 174 -4.44 -39.39 -12.79
C ALA D 174 -3.92 -38.16 -12.07
N ILE D 175 -3.01 -37.40 -12.67
CA ILE D 175 -2.47 -36.21 -12.00
C ILE D 175 -3.51 -35.10 -12.06
N LEU D 176 -3.83 -34.54 -10.89
CA LEU D 176 -4.76 -33.42 -10.77
C LEU D 176 -4.01 -32.20 -10.26
N ARG D 177 -4.19 -31.08 -10.96
CA ARG D 177 -3.53 -29.84 -10.58
C ARG D 177 -4.37 -29.08 -9.55
N LEU D 178 -3.72 -28.16 -8.85
CA LEU D 178 -4.40 -27.30 -7.89
C LEU D 178 -3.56 -26.06 -7.64
N ASP D 179 -4.12 -24.89 -7.95
CA ASP D 179 -3.37 -23.64 -7.85
C ASP D 179 -3.22 -23.15 -6.40
N LEU D 180 -3.92 -23.75 -5.46
CA LEU D 180 -3.83 -23.38 -4.04
C LEU D 180 -2.45 -23.76 -3.52
N ALA D 181 -1.65 -22.76 -3.20
CA ALA D 181 -0.30 -22.98 -2.72
C ALA D 181 0.04 -21.99 -1.60
N GLY D 182 1.32 -21.97 -1.22
CA GLY D 182 1.75 -21.08 -0.15
C GLY D 182 1.66 -19.61 -0.52
N ARG D 183 1.91 -19.27 -1.79
CA ARG D 183 1.81 -17.89 -2.20
C ARG D 183 0.37 -17.38 -2.13
N ASP D 184 -0.59 -18.21 -2.50
CA ASP D 184 -2.00 -17.81 -2.40
C ASP D 184 -2.40 -17.55 -0.95
N LEU D 185 -1.97 -18.42 -0.04
CA LEU D 185 -2.26 -18.21 1.37
C LEU D 185 -1.57 -16.96 1.90
N THR D 186 -0.34 -16.71 1.45
CA THR D 186 0.36 -15.49 1.85
C THR D 186 -0.36 -14.26 1.36
N ASP D 187 -0.84 -14.27 0.12
CA ASP D 187 -1.62 -13.15 -0.39
C ASP D 187 -2.97 -13.04 0.31
N TYR D 188 -3.56 -14.19 0.68
CA TYR D 188 -4.83 -14.16 1.40
C TYR D 188 -4.64 -13.73 2.84
N LEU D 189 -3.49 -14.03 3.45
CA LEU D 189 -3.27 -13.66 4.83
C LEU D 189 -3.22 -12.14 5.00
N MET D 190 -2.54 -11.44 4.10
CA MET D 190 -2.49 -9.99 4.18
C MET D 190 -3.82 -9.33 3.84
N LYS D 191 -4.65 -10.01 3.04
CA LYS D 191 -5.97 -9.47 2.75
C LYS D 191 -6.88 -9.51 3.96
N ILE D 192 -6.79 -10.56 4.78
CA ILE D 192 -7.59 -10.64 6.00
C ILE D 192 -6.89 -10.01 7.19
N LEU D 193 -5.59 -9.76 7.12
CA LEU D 193 -4.91 -9.06 8.19
C LEU D 193 -5.25 -7.58 8.22
N THR D 194 -5.71 -7.03 7.10
CA THR D 194 -6.12 -5.63 7.06
C THR D 194 -7.37 -5.36 7.89
N GLU D 195 -8.08 -6.40 8.31
CA GLU D 195 -9.26 -6.20 9.15
C GLU D 195 -8.88 -5.75 10.55
N ARG D 196 -7.67 -6.08 11.00
CA ARG D 196 -7.19 -5.65 12.31
C ARG D 196 -6.40 -4.35 12.24
N GLY D 197 -6.17 -3.82 11.04
CA GLY D 197 -5.44 -2.58 10.89
C GLY D 197 -4.01 -2.69 10.47
N TYR D 198 -3.55 -3.87 10.04
CA TYR D 198 -2.19 -4.06 9.57
C TYR D 198 -2.19 -4.09 8.05
N SER D 199 -1.38 -3.24 7.44
CA SER D 199 -1.35 -3.08 5.99
C SER D 199 0.03 -3.45 5.47
N PHE D 200 0.14 -4.67 4.92
CA PHE D 200 1.33 -5.11 4.21
C PHE D 200 1.00 -5.16 2.73
N THR D 201 1.68 -4.36 1.93
CA THR D 201 1.35 -4.28 0.51
C THR D 201 2.55 -4.50 -0.40
N THR D 202 3.73 -4.03 -0.02
CA THR D 202 4.89 -4.12 -0.90
C THR D 202 5.46 -5.53 -0.91
N THR D 203 6.31 -5.79 -1.91
CA THR D 203 6.93 -7.11 -2.02
C THR D 203 7.94 -7.35 -0.90
N ALA D 204 8.55 -6.28 -0.38
CA ALA D 204 9.44 -6.44 0.77
C ALA D 204 8.68 -6.90 2.00
N GLU D 205 7.46 -6.37 2.19
CA GLU D 205 6.64 -6.76 3.33
C GLU D 205 5.93 -8.09 3.11
N ARG D 206 5.93 -8.62 1.90
CA ARG D 206 5.38 -9.96 1.68
C ARG D 206 6.23 -11.02 2.39
N GLU D 207 7.55 -10.82 2.41
CA GLU D 207 8.42 -11.73 3.16
C GLU D 207 8.11 -11.70 4.64
N ILE D 208 7.72 -10.54 5.18
CA ILE D 208 7.37 -10.45 6.59
C ILE D 208 6.12 -11.28 6.89
N VAL D 209 5.12 -11.22 6.01
CA VAL D 209 3.90 -12.00 6.22
C VAL D 209 4.19 -13.49 6.14
N ARG D 210 5.12 -13.88 5.26
CA ARG D 210 5.48 -15.29 5.15
C ARG D 210 6.09 -15.81 6.45
N ASP D 211 6.87 -14.97 7.14
CA ASP D 211 7.41 -15.36 8.43
C ASP D 211 6.31 -15.55 9.45
N ILE D 212 5.29 -14.69 9.43
CA ILE D 212 4.16 -14.84 10.34
C ILE D 212 3.42 -16.14 10.08
N LYS D 213 3.21 -16.47 8.80
CA LYS D 213 2.47 -17.68 8.46
C LYS D 213 3.19 -18.94 8.93
N GLU D 214 4.52 -18.95 8.83
CA GLU D 214 5.28 -20.15 9.19
C GLU D 214 5.36 -20.36 10.69
N LYS D 215 5.16 -19.33 11.49
CA LYS D 215 5.37 -19.40 12.93
C LYS D 215 4.07 -19.52 13.72
N LEU D 216 3.04 -18.77 13.34
CA LEU D 216 1.82 -18.68 14.14
C LEU D 216 0.63 -19.41 13.55
N CYS D 217 0.52 -19.48 12.22
CA CYS D 217 -0.63 -20.10 11.60
C CYS D 217 -0.67 -21.60 11.89
N TYR D 218 -1.89 -22.12 11.99
CA TYR D 218 -2.10 -23.55 12.22
C TYR D 218 -3.49 -23.92 11.71
N VAL D 219 -3.74 -25.21 11.58
CA VAL D 219 -5.00 -25.74 11.08
C VAL D 219 -5.83 -26.21 12.26
N ALA D 220 -7.05 -25.69 12.36
CA ALA D 220 -7.97 -26.09 13.42
C ALA D 220 -8.72 -27.35 13.00
N LEU D 221 -8.94 -28.24 13.98
CA LEU D 221 -9.65 -29.48 13.70
C LEU D 221 -11.09 -29.22 13.28
N ASP D 222 -11.76 -28.30 13.97
CA ASP D 222 -13.13 -27.93 13.65
C ASP D 222 -13.18 -26.42 13.45
N PHE D 223 -13.65 -26.00 12.27
CA PHE D 223 -13.68 -24.56 11.98
C PHE D 223 -14.78 -23.85 12.75
N GLU D 224 -15.98 -24.42 12.78
CA GLU D 224 -17.10 -23.76 13.44
C GLU D 224 -16.89 -23.67 14.94
N GLN D 225 -16.35 -24.73 15.55
CA GLN D 225 -16.10 -24.70 17.00
C GLN D 225 -15.00 -23.71 17.34
N GLU D 226 -13.94 -23.65 16.53
CA GLU D 226 -12.84 -22.75 16.81
C GLU D 226 -13.23 -21.29 16.64
N MET D 227 -14.15 -21.01 15.71
CA MET D 227 -14.55 -19.62 15.47
C MET D 227 -15.23 -19.02 16.68
N ALA D 228 -16.14 -19.77 17.32
CA ALA D 228 -16.83 -19.27 18.50
C ALA D 228 -15.86 -19.09 19.67
N THR D 229 -14.93 -20.03 19.85
CA THR D 229 -13.98 -19.94 20.94
C THR D 229 -13.06 -18.73 20.79
N ALA D 230 -12.61 -18.46 19.57
CA ALA D 230 -11.70 -17.34 19.33
C ALA D 230 -12.38 -16.01 19.66
N ALA D 231 -13.65 -15.87 19.28
CA ALA D 231 -14.36 -14.62 19.55
C ALA D 231 -14.63 -14.43 21.04
N SER D 232 -14.95 -15.52 21.74
CA SER D 232 -15.34 -15.41 23.14
C SER D 232 -14.15 -15.09 24.05
N SER D 233 -13.02 -15.76 23.85
CA SER D 233 -11.88 -15.64 24.73
C SER D 233 -10.65 -15.20 23.95
N SER D 234 -9.69 -14.63 24.67
CA SER D 234 -8.45 -14.12 24.10
C SER D 234 -7.30 -15.11 24.23
N SER D 235 -7.60 -16.38 24.51
CA SER D 235 -6.54 -17.38 24.68
C SER D 235 -5.80 -17.64 23.37
N LEU D 236 -6.52 -17.62 22.24
CA LEU D 236 -5.92 -17.97 20.96
C LEU D 236 -5.01 -16.87 20.41
N GLU D 237 -5.12 -15.64 20.92
CA GLU D 237 -4.32 -14.56 20.39
C GLU D 237 -2.84 -14.74 20.74
N LYS D 238 -1.98 -14.43 19.77
CA LYS D 238 -0.54 -14.50 19.95
C LYS D 238 0.08 -13.22 19.41
N SER D 239 1.23 -12.87 19.97
CA SER D 239 1.93 -11.64 19.62
C SER D 239 3.14 -11.94 18.74
N TYR D 240 3.35 -11.10 17.73
CA TYR D 240 4.49 -11.19 16.84
C TYR D 240 5.14 -9.83 16.72
N GLU D 241 6.47 -9.83 16.60
CA GLU D 241 7.25 -8.60 16.56
C GLU D 241 7.78 -8.36 15.16
N LEU D 242 7.49 -7.19 14.61
CA LEU D 242 7.99 -6.81 13.30
C LEU D 242 9.46 -6.44 13.40
N PRO D 243 10.17 -6.42 12.26
CA PRO D 243 11.59 -6.04 12.29
C PRO D 243 11.82 -4.63 12.82
N ASP D 244 10.85 -3.73 12.70
CA ASP D 244 11.00 -2.37 13.19
C ASP D 244 10.70 -2.23 14.67
N GLY D 245 10.31 -3.31 15.35
CA GLY D 245 10.04 -3.27 16.77
C GLY D 245 8.58 -3.26 17.15
N GLN D 246 7.68 -3.01 16.20
CA GLN D 246 6.25 -3.00 16.50
C GLN D 246 5.75 -4.41 16.81
N VAL D 247 4.79 -4.48 17.73
CA VAL D 247 4.20 -5.74 18.16
C VAL D 247 2.78 -5.81 17.62
N ILE D 248 2.46 -6.91 16.94
CA ILE D 248 1.14 -7.11 16.36
C ILE D 248 0.48 -8.29 17.07
N THR D 249 -0.84 -8.36 16.96
CA THR D 249 -1.63 -9.42 17.60
C THR D 249 -2.64 -9.95 16.59
N ILE D 250 -2.70 -11.27 16.46
CA ILE D 250 -3.67 -11.92 15.59
C ILE D 250 -4.53 -12.85 16.43
N GLY D 251 -5.84 -12.67 16.34
CA GLY D 251 -6.75 -13.43 17.18
C GLY D 251 -7.29 -14.70 16.55
N ASN D 252 -7.91 -14.57 15.37
CA ASN D 252 -8.51 -15.72 14.70
C ASN D 252 -7.97 -15.93 13.29
N GLU D 253 -7.03 -15.09 12.84
CA GLU D 253 -6.38 -15.32 11.56
C GLU D 253 -5.44 -16.52 11.58
N ARG D 254 -5.15 -17.06 12.76
CA ARG D 254 -4.23 -18.20 12.85
C ARG D 254 -4.80 -19.42 12.14
N PHE D 255 -6.09 -19.69 12.32
CA PHE D 255 -6.73 -20.85 11.72
C PHE D 255 -7.65 -20.49 10.57
N ARG D 256 -7.61 -19.25 10.09
CA ARG D 256 -8.42 -18.85 8.95
C ARG D 256 -7.67 -18.82 7.64
N CYS D 257 -6.36 -18.57 7.69
CA CYS D 257 -5.54 -18.58 6.48
C CYS D 257 -5.22 -20.01 6.03
N PRO D 258 -4.74 -20.90 6.92
CA PRO D 258 -4.55 -22.29 6.50
C PRO D 258 -5.85 -23.01 6.15
N GLU D 259 -6.99 -22.53 6.65
CA GLU D 259 -8.27 -23.16 6.33
C GLU D 259 -8.64 -23.00 4.86
N ALA D 260 -8.07 -22.00 4.18
CA ALA D 260 -8.37 -21.80 2.77
C ALA D 260 -7.96 -22.99 1.91
N LEU D 261 -7.05 -23.82 2.40
CA LEU D 261 -6.67 -25.02 1.65
C LEU D 261 -7.86 -25.97 1.50
N PHE D 262 -8.62 -26.16 2.58
CA PHE D 262 -9.74 -27.10 2.55
C PHE D 262 -11.03 -26.48 2.03
N GLN D 263 -11.15 -25.16 2.06
CA GLN D 263 -12.33 -24.46 1.56
C GLN D 263 -11.86 -23.36 0.61
N PRO D 264 -11.60 -23.71 -0.66
CA PRO D 264 -11.12 -22.71 -1.61
C PRO D 264 -12.13 -21.61 -1.92
N SER D 265 -13.40 -21.78 -1.55
CA SER D 265 -14.39 -20.75 -1.80
C SER D 265 -14.08 -19.44 -1.07
N PHE D 266 -13.21 -19.48 -0.06
CA PHE D 266 -12.80 -18.26 0.60
C PHE D 266 -12.05 -17.33 -0.35
N LEU D 267 -11.17 -17.90 -1.19
CA LEU D 267 -10.44 -17.14 -2.18
C LEU D 267 -11.23 -16.94 -3.47
N GLY D 268 -12.42 -17.53 -3.58
CA GLY D 268 -13.22 -17.38 -4.77
C GLY D 268 -12.94 -18.39 -5.87
N MET D 269 -12.31 -19.51 -5.56
CA MET D 269 -12.00 -20.54 -6.54
C MET D 269 -13.07 -21.63 -6.49
N GLU D 270 -13.60 -22.00 -7.66
CA GLU D 270 -14.61 -23.03 -7.73
C GLU D 270 -14.07 -24.42 -7.41
N SER D 271 -12.77 -24.63 -7.61
CA SER D 271 -12.19 -25.95 -7.40
C SER D 271 -12.29 -26.36 -5.93
N ALA D 272 -12.31 -27.67 -5.70
CA ALA D 272 -12.43 -28.20 -4.36
C ALA D 272 -11.09 -28.13 -3.63
N GLY D 273 -11.13 -28.40 -2.32
CA GLY D 273 -9.95 -28.34 -1.49
C GLY D 273 -9.03 -29.52 -1.70
N ILE D 274 -7.90 -29.48 -0.99
CA ILE D 274 -6.92 -30.56 -1.10
C ILE D 274 -7.45 -31.86 -0.54
N HIS D 275 -8.47 -31.82 0.32
CA HIS D 275 -9.05 -33.05 0.84
C HIS D 275 -9.83 -33.78 -0.25
N GLU D 276 -10.55 -33.04 -1.10
CA GLU D 276 -11.34 -33.64 -2.16
C GLU D 276 -10.53 -33.93 -3.41
N THR D 277 -9.50 -33.12 -3.69
CA THR D 277 -8.64 -33.39 -4.83
C THR D 277 -7.89 -34.71 -4.67
N THR D 278 -7.43 -35.00 -3.45
CA THR D 278 -6.77 -36.28 -3.19
C THR D 278 -7.72 -37.44 -3.41
N PHE D 279 -8.96 -37.31 -2.94
CA PHE D 279 -9.94 -38.36 -3.15
C PHE D 279 -10.29 -38.50 -4.63
N ASN D 280 -10.39 -37.38 -5.34
CA ASN D 280 -10.71 -37.43 -6.76
C ASN D 280 -9.61 -38.11 -7.56
N SER D 281 -8.35 -37.82 -7.21
CA SER D 281 -7.22 -38.43 -7.93
C SER D 281 -7.21 -39.94 -7.75
N ILE D 282 -7.53 -40.41 -6.54
CA ILE D 282 -7.53 -41.85 -6.28
C ILE D 282 -8.59 -42.54 -7.11
N MET D 283 -9.77 -41.92 -7.24
CA MET D 283 -10.86 -42.53 -8.00
C MET D 283 -10.49 -42.71 -9.47
N LYS D 284 -9.63 -41.84 -10.00
CA LYS D 284 -9.21 -41.96 -11.39
C LYS D 284 -8.36 -43.19 -11.66
N CYS D 285 -7.74 -43.75 -10.62
CA CYS D 285 -6.91 -44.93 -10.78
C CYS D 285 -7.77 -46.19 -10.87
N ASP D 286 -7.11 -47.32 -11.12
CA ASP D 286 -7.82 -48.58 -11.27
C ASP D 286 -8.35 -49.07 -9.93
N VAL D 287 -9.36 -49.95 -10.01
CA VAL D 287 -10.03 -50.43 -8.80
C VAL D 287 -9.11 -51.32 -7.98
N ASP D 288 -8.33 -52.18 -8.64
CA ASP D 288 -7.53 -53.15 -7.92
C ASP D 288 -6.42 -52.49 -7.10
N ILE D 289 -5.86 -51.40 -7.61
CA ILE D 289 -4.72 -50.76 -6.95
C ILE D 289 -5.23 -49.66 -6.03
N ARG D 290 -6.54 -49.54 -5.89
CA ARG D 290 -7.10 -48.52 -5.01
C ARG D 290 -6.82 -48.83 -3.54
N LYS D 291 -6.74 -50.11 -3.18
CA LYS D 291 -6.48 -50.47 -1.79
C LYS D 291 -5.11 -49.99 -1.33
N ASP D 292 -4.09 -50.15 -2.18
CA ASP D 292 -2.73 -49.80 -1.77
C ASP D 292 -2.55 -48.29 -1.62
N LEU D 293 -3.16 -47.51 -2.52
CA LEU D 293 -2.95 -46.06 -2.49
C LEU D 293 -3.55 -45.42 -1.25
N TYR D 294 -4.66 -45.97 -0.74
CA TYR D 294 -5.32 -45.37 0.41
C TYR D 294 -4.45 -45.41 1.65
N ALA D 295 -3.72 -46.50 1.85
CA ALA D 295 -2.91 -46.68 3.05
C ALA D 295 -1.48 -46.18 2.89
N ASN D 296 -1.12 -45.62 1.74
CA ASN D 296 0.23 -45.15 1.48
C ASN D 296 0.21 -43.74 0.89
N THR D 297 -0.56 -42.85 1.51
CA THR D 297 -0.58 -41.45 1.11
C THR D 297 0.45 -40.68 1.93
N VAL D 298 1.26 -39.87 1.24
CA VAL D 298 2.36 -39.15 1.86
C VAL D 298 2.26 -37.68 1.49
N LEU D 299 2.27 -36.81 2.50
CA LEU D 299 2.32 -35.38 2.28
C LEU D 299 3.76 -34.93 2.06
N SER D 300 3.92 -33.84 1.32
CA SER D 300 5.24 -33.32 1.01
C SER D 300 5.16 -31.81 0.80
N GLY D 301 6.33 -31.18 0.88
CA GLY D 301 6.42 -29.74 0.66
C GLY D 301 6.20 -28.94 1.93
N GLY D 302 6.56 -27.66 1.84
CA GLY D 302 6.45 -26.78 3.00
C GLY D 302 5.05 -26.34 3.35
N THR D 303 4.12 -26.41 2.39
CA THR D 303 2.76 -25.97 2.66
C THR D 303 2.06 -26.92 3.63
N THR D 304 2.36 -28.21 3.55
CA THR D 304 1.74 -29.20 4.41
C THR D 304 2.43 -29.35 5.77
N MET D 305 3.14 -28.32 6.21
CA MET D 305 3.86 -28.34 7.48
C MET D 305 3.07 -27.70 8.62
N TYR D 306 1.83 -27.30 8.37
CA TYR D 306 1.04 -26.67 9.42
C TYR D 306 0.76 -27.67 10.53
N PRO D 307 0.79 -27.24 11.79
CA PRO D 307 0.40 -28.15 12.88
C PRO D 307 -1.05 -28.56 12.75
N GLY D 308 -1.31 -29.84 12.98
CA GLY D 308 -2.66 -30.37 12.93
C GLY D 308 -3.20 -30.64 11.54
N ILE D 309 -2.40 -30.43 10.49
CA ILE D 309 -2.90 -30.70 9.14
C ILE D 309 -3.03 -32.21 8.90
N ALA D 310 -2.21 -33.02 9.57
CA ALA D 310 -2.33 -34.47 9.41
C ALA D 310 -3.65 -34.97 9.95
N ASP D 311 -4.08 -34.45 11.11
CA ASP D 311 -5.34 -34.91 11.70
C ASP D 311 -6.54 -34.40 10.93
N ARG D 312 -6.51 -33.13 10.51
CA ARG D 312 -7.63 -32.57 9.76
C ARG D 312 -7.81 -33.27 8.43
N MET D 313 -6.71 -33.56 7.73
CA MET D 313 -6.81 -34.25 6.45
C MET D 313 -7.36 -35.66 6.63
N GLN D 314 -6.89 -36.38 7.66
CA GLN D 314 -7.35 -37.75 7.88
C GLN D 314 -8.85 -37.79 8.18
N LYS D 315 -9.31 -36.89 9.05
CA LYS D 315 -10.73 -36.90 9.42
C LYS D 315 -11.62 -36.57 8.23
N GLU D 316 -11.24 -35.59 7.42
CA GLU D 316 -12.11 -35.13 6.35
C GLU D 316 -12.11 -36.09 5.17
N ILE D 317 -10.97 -36.75 4.90
CA ILE D 317 -10.93 -37.71 3.81
C ILE D 317 -11.60 -39.01 4.22
N THR D 318 -11.70 -39.29 5.53
CA THR D 318 -12.34 -40.50 5.99
C THR D 318 -13.82 -40.51 5.64
N ALA D 319 -14.51 -39.38 5.84
CA ALA D 319 -15.93 -39.31 5.52
C ALA D 319 -16.17 -39.49 4.03
N LEU D 320 -15.35 -38.86 3.19
CA LEU D 320 -15.51 -38.99 1.75
C LEU D 320 -15.24 -40.42 1.29
N ALA D 321 -14.21 -41.05 1.84
CA ALA D 321 -13.87 -42.41 1.46
C ALA D 321 -14.90 -43.39 2.04
N PRO D 322 -15.06 -44.55 1.40
CA PRO D 322 -15.98 -45.56 1.96
C PRO D 322 -15.48 -46.07 3.30
N SER D 323 -16.44 -46.52 4.12
CA SER D 323 -16.10 -47.00 5.46
C SER D 323 -15.19 -48.22 5.42
N THR D 324 -15.25 -49.00 4.34
CA THR D 324 -14.37 -50.15 4.21
C THR D 324 -12.91 -49.72 4.10
N MET D 325 -12.65 -48.62 3.39
CA MET D 325 -11.28 -48.16 3.20
C MET D 325 -10.67 -47.69 4.51
N LYS D 326 -9.36 -47.92 4.64
CA LYS D 326 -8.59 -47.47 5.79
C LYS D 326 -7.68 -46.32 5.39
N ILE D 327 -7.63 -45.29 6.22
CA ILE D 327 -6.86 -44.08 5.96
C ILE D 327 -5.62 -44.08 6.84
N LYS D 328 -4.47 -43.82 6.23
CA LYS D 328 -3.20 -43.69 6.96
C LYS D 328 -2.40 -42.57 6.31
N ILE D 329 -2.54 -41.36 6.84
CA ILE D 329 -1.82 -40.20 6.33
C ILE D 329 -0.41 -40.24 6.92
N ILE D 330 0.58 -40.45 6.06
CA ILE D 330 1.98 -40.49 6.48
C ILE D 330 2.56 -39.09 6.36
N ALA D 331 3.03 -38.55 7.48
CA ALA D 331 3.58 -37.19 7.53
C ALA D 331 4.94 -37.24 8.20
N PRO D 332 5.99 -37.57 7.44
CA PRO D 332 7.33 -37.59 8.02
C PRO D 332 7.75 -36.21 8.46
N PRO D 333 8.57 -36.09 9.50
CA PRO D 333 9.00 -34.76 9.97
C PRO D 333 9.94 -34.06 9.02
N GLU D 334 10.57 -34.78 8.10
CA GLU D 334 11.49 -34.21 7.13
C GLU D 334 10.80 -33.87 5.81
N ARG D 335 9.48 -33.71 5.81
CA ARG D 335 8.74 -33.50 4.57
C ARG D 335 9.06 -32.19 3.89
N LYS D 336 9.72 -31.24 4.58
CA LYS D 336 10.14 -30.01 3.91
C LYS D 336 11.19 -30.30 2.85
N TYR D 337 12.14 -31.18 3.14
CA TYR D 337 13.21 -31.54 2.22
C TYR D 337 13.00 -32.94 1.64
N SER D 338 11.75 -33.39 1.56
CA SER D 338 11.47 -34.72 1.03
C SER D 338 11.87 -34.81 -0.44
N VAL D 339 11.67 -33.74 -1.21
CA VAL D 339 12.03 -33.75 -2.62
C VAL D 339 13.54 -33.89 -2.78
N TRP D 340 14.32 -33.14 -1.99
CA TRP D 340 15.77 -33.21 -2.11
C TRP D 340 16.32 -34.53 -1.60
N ILE D 341 15.81 -35.01 -0.47
CA ILE D 341 16.32 -36.26 0.11
C ILE D 341 16.07 -37.42 -0.84
N GLY D 342 14.88 -37.48 -1.44
CA GLY D 342 14.60 -38.51 -2.42
C GLY D 342 15.54 -38.45 -3.61
N GLY D 343 15.89 -37.23 -4.04
CA GLY D 343 16.84 -37.10 -5.13
C GLY D 343 18.21 -37.62 -4.79
N SER D 344 18.66 -37.39 -3.55
CA SER D 344 19.96 -37.90 -3.12
C SER D 344 19.98 -39.42 -3.09
N ILE D 345 18.87 -40.03 -2.69
CA ILE D 345 18.78 -41.49 -2.65
C ILE D 345 18.89 -42.06 -4.07
N LEU D 346 18.19 -41.45 -5.02
CA LEU D 346 18.23 -41.95 -6.40
C LEU D 346 19.61 -41.76 -7.01
N ALA D 347 20.26 -40.63 -6.73
CA ALA D 347 21.57 -40.36 -7.32
C ALA D 347 22.62 -41.35 -6.83
N SER D 348 22.58 -41.70 -5.54
CA SER D 348 23.59 -42.58 -4.96
C SER D 348 23.47 -44.03 -5.42
N LEU D 349 22.40 -44.39 -6.11
CA LEU D 349 22.21 -45.77 -6.53
C LEU D 349 23.27 -46.17 -7.55
N SER D 350 23.75 -47.41 -7.45
CA SER D 350 24.72 -47.90 -8.40
C SER D 350 24.13 -48.04 -9.80
N THR D 351 22.89 -48.52 -9.89
CA THR D 351 22.22 -48.68 -11.18
C THR D 351 21.84 -47.34 -11.82
N PHE D 352 21.96 -46.24 -11.08
CA PHE D 352 21.62 -44.93 -11.62
C PHE D 352 22.55 -44.48 -12.73
N GLN D 353 23.73 -45.08 -12.85
CA GLN D 353 24.66 -44.73 -13.92
C GLN D 353 24.11 -45.06 -15.30
N GLN D 354 23.16 -45.99 -15.40
CA GLN D 354 22.69 -46.43 -16.71
C GLN D 354 21.94 -45.33 -17.45
N MET D 355 21.09 -44.57 -16.75
CA MET D 355 20.27 -43.55 -17.38
C MET D 355 20.83 -42.15 -17.20
N TRP D 356 22.16 -42.02 -17.22
CA TRP D 356 22.77 -40.71 -17.38
C TRP D 356 22.58 -40.20 -18.80
N ILE D 357 22.51 -38.87 -18.94
CA ILE D 357 22.49 -38.22 -20.25
C ILE D 357 23.90 -37.68 -20.46
N SER D 358 24.74 -38.47 -21.11
CA SER D 358 26.14 -38.11 -21.28
C SER D 358 26.28 -36.93 -22.24
N LYS D 359 27.35 -36.15 -22.04
CA LYS D 359 27.61 -35.01 -22.90
C LYS D 359 27.85 -35.45 -24.34
N GLN D 360 28.58 -36.54 -24.53
CA GLN D 360 28.84 -37.05 -25.88
C GLN D 360 27.55 -37.44 -26.58
N GLU D 361 26.64 -38.09 -25.86
CA GLU D 361 25.37 -38.51 -26.47
C GLU D 361 24.49 -37.31 -26.79
N TYR D 362 24.57 -36.25 -25.99
CA TYR D 362 23.72 -35.08 -26.22
C TYR D 362 24.04 -34.42 -27.56
N ASP D 363 25.33 -34.30 -27.90
CA ASP D 363 25.69 -33.61 -29.13
C ASP D 363 25.16 -34.33 -30.37
N GLU D 364 25.27 -35.66 -30.39
CA GLU D 364 24.82 -36.42 -31.56
C GLU D 364 23.31 -36.43 -31.69
N SER D 365 22.59 -36.42 -30.57
CA SER D 365 21.13 -36.48 -30.61
C SER D 365 20.49 -35.10 -30.57
N GLY D 366 21.06 -34.15 -29.84
CA GLY D 366 20.50 -32.84 -29.72
C GLY D 366 19.66 -32.69 -28.46
N PRO D 367 19.05 -31.52 -28.28
CA PRO D 367 18.21 -31.31 -27.08
C PRO D 367 17.00 -32.23 -27.00
N SER D 368 16.59 -32.84 -28.11
CA SER D 368 15.43 -33.71 -28.11
C SER D 368 15.67 -35.03 -27.38
N ILE D 369 16.92 -35.34 -27.01
CA ILE D 369 17.21 -36.58 -26.31
C ILE D 369 16.58 -36.63 -24.94
N VAL D 370 16.28 -35.47 -24.33
CA VAL D 370 15.77 -35.44 -22.97
C VAL D 370 14.38 -36.07 -22.89
N HIS D 371 13.59 -35.98 -23.97
CA HIS D 371 12.23 -36.52 -23.95
C HIS D 371 12.25 -38.04 -23.91
N ARG D 372 13.16 -38.68 -24.64
CA ARG D 372 13.16 -40.13 -24.80
C ARG D 372 14.14 -40.84 -23.88
N LYS D 373 15.21 -40.18 -23.43
CA LYS D 373 16.20 -40.85 -22.61
C LYS D 373 15.74 -40.98 -21.17
N CYS D 374 15.53 -39.84 -20.50
CA CYS D 374 15.14 -39.83 -19.09
C CYS D 374 13.64 -39.72 -18.88
N PHE D 375 12.87 -39.52 -19.94
CA PHE D 375 11.41 -39.35 -19.86
C PHE D 375 11.01 -38.21 -18.93
N ARG E 13 -61.18 -41.39 18.33
CA ARG E 13 -61.68 -40.16 17.73
C ARG E 13 -61.18 -39.99 16.30
N ARG E 14 -62.10 -39.72 15.38
CA ARG E 14 -61.78 -39.54 13.97
C ARG E 14 -62.02 -38.10 13.55
N PRO E 15 -61.21 -37.56 12.63
CA PRO E 15 -61.43 -36.17 12.19
C PRO E 15 -62.67 -36.05 11.33
N THR E 16 -63.25 -34.84 11.36
CA THR E 16 -64.46 -34.58 10.60
C THR E 16 -64.18 -34.39 9.11
N ARG E 17 -62.93 -34.13 8.73
CA ARG E 17 -62.55 -33.94 7.35
C ARG E 17 -61.37 -34.82 7.00
N ARG E 18 -61.26 -35.19 5.73
CA ARG E 18 -60.12 -35.97 5.26
C ARG E 18 -58.86 -35.12 5.35
N LEU E 19 -57.79 -35.71 5.88
CA LEU E 19 -56.53 -35.01 6.08
C LEU E 19 -55.42 -35.72 5.31
N LYS E 20 -54.21 -35.16 5.40
CA LYS E 20 -53.07 -35.72 4.70
C LYS E 20 -52.80 -37.14 5.19
N GLN E 21 -52.61 -38.06 4.25
CA GLN E 21 -52.39 -39.46 4.57
C GLN E 21 -50.90 -39.77 4.52
N MET E 22 -50.35 -40.21 5.65
CA MET E 22 -48.96 -40.62 5.75
C MET E 22 -48.89 -42.14 5.57
N HIS E 23 -47.97 -42.60 4.72
CA HIS E 23 -47.86 -44.01 4.42
C HIS E 23 -46.65 -44.63 5.11
N TRP E 24 -46.89 -45.72 5.80
CA TRP E 24 -45.84 -46.47 6.50
C TRP E 24 -45.68 -47.84 5.83
N GLU E 25 -44.67 -48.57 6.28
CA GLU E 25 -44.40 -49.92 5.78
C GLU E 25 -44.80 -50.91 6.87
N LYS E 26 -45.72 -51.81 6.53
CA LYS E 26 -46.19 -52.79 7.50
C LYS E 26 -45.08 -53.78 7.83
N LEU E 27 -45.04 -54.21 9.10
CA LEU E 27 -44.01 -55.13 9.56
C LEU E 27 -44.29 -56.52 9.01
N ASN E 28 -43.41 -57.01 8.15
CA ASN E 28 -43.57 -58.35 7.60
C ASN E 28 -43.47 -59.41 8.69
N SER E 29 -42.55 -59.23 9.62
CA SER E 29 -42.42 -60.16 10.74
C SER E 29 -43.61 -60.03 11.68
N GLY E 30 -43.83 -61.08 12.47
CA GLY E 30 -44.94 -61.08 13.40
C GLY E 30 -44.81 -59.95 14.42
N LEU E 31 -45.93 -59.29 14.69
CA LEU E 31 -45.93 -58.19 15.64
C LEU E 31 -45.70 -58.64 17.07
N GLU E 32 -45.82 -59.94 17.35
CA GLU E 32 -45.59 -60.43 18.71
C GLU E 32 -44.14 -60.22 19.14
N PHE E 33 -43.19 -60.42 18.20
CA PHE E 33 -41.79 -60.18 18.53
C PHE E 33 -41.52 -58.70 18.74
N THR E 34 -42.22 -57.85 17.99
CA THR E 34 -42.03 -56.41 18.11
C THR E 34 -42.59 -55.90 19.45
N PHE E 35 -42.10 -54.72 19.85
CA PHE E 35 -42.55 -54.09 21.08
C PHE E 35 -43.95 -53.49 20.97
N TRP E 36 -44.52 -53.44 19.76
CA TRP E 36 -45.86 -52.88 19.59
C TRP E 36 -46.91 -53.71 20.31
N THR E 37 -46.72 -55.03 20.38
CA THR E 37 -47.71 -55.89 21.02
C THR E 37 -47.83 -55.60 22.51
N GLY E 38 -46.71 -55.33 23.18
CA GLY E 38 -46.70 -55.08 24.60
C GLY E 38 -47.58 -53.90 24.99
N PRO E 39 -48.65 -54.18 25.73
CA PRO E 39 -49.61 -53.12 26.12
C PRO E 39 -49.21 -52.44 27.43
N SER E 40 -48.10 -51.71 27.39
CA SER E 40 -47.62 -50.99 28.56
C SER E 40 -48.56 -49.83 28.87
N ASP E 41 -48.66 -49.51 30.16
CA ASP E 41 -49.52 -48.42 30.60
C ASP E 41 -49.03 -47.06 30.11
N GLU E 42 -47.74 -46.95 29.75
CA GLU E 42 -47.23 -45.69 29.22
C GLU E 42 -47.88 -45.36 27.89
N ALA E 43 -48.11 -46.38 27.04
CA ALA E 43 -48.75 -46.15 25.76
C ALA E 43 -50.18 -45.66 25.94
N ASN E 44 -50.89 -46.18 26.95
CA ASN E 44 -52.25 -45.74 27.21
C ASN E 44 -52.29 -44.27 27.64
N LYS E 45 -51.26 -43.81 28.34
CA LYS E 45 -51.20 -42.40 28.73
C LYS E 45 -51.07 -41.49 27.52
N ILE E 46 -50.39 -41.96 26.46
CA ILE E 46 -50.23 -41.15 25.26
C ILE E 46 -51.58 -40.87 24.60
N LEU E 47 -52.42 -41.90 24.49
CA LEU E 47 -53.72 -41.74 23.88
C LEU E 47 -54.60 -40.79 24.69
N GLU E 48 -54.59 -40.95 26.02
CA GLU E 48 -55.41 -40.08 26.86
C GLU E 48 -54.96 -38.63 26.78
N THR E 49 -53.64 -38.40 26.81
CA THR E 49 -53.13 -37.04 26.71
C THR E 49 -53.42 -36.42 25.34
N LEU E 50 -53.27 -37.22 24.28
CA LEU E 50 -53.50 -36.69 22.93
C LEU E 50 -54.95 -36.30 22.74
N HIS E 51 -55.88 -37.09 23.27
CA HIS E 51 -57.31 -36.80 23.11
C HIS E 51 -57.74 -35.55 23.86
N THR E 52 -56.95 -35.09 24.83
CA THR E 52 -57.31 -33.94 25.64
C THR E 52 -56.39 -32.75 25.45
N SER E 53 -55.22 -32.93 24.84
CA SER E 53 -54.29 -31.81 24.65
C SER E 53 -54.77 -30.83 23.59
N GLY E 54 -55.71 -31.23 22.73
CA GLY E 54 -56.18 -30.36 21.68
C GLY E 54 -55.34 -30.33 20.43
N VAL E 55 -54.33 -31.20 20.33
CA VAL E 55 -53.46 -31.22 19.16
C VAL E 55 -54.23 -31.71 17.94
N LEU E 56 -55.14 -32.67 18.14
CA LEU E 56 -55.86 -33.25 17.01
C LEU E 56 -56.74 -32.22 16.30
N ASP E 57 -57.29 -31.26 17.05
CA ASP E 57 -58.13 -30.24 16.42
C ASP E 57 -57.35 -29.38 15.45
N GLU E 58 -56.11 -29.02 15.81
CA GLU E 58 -55.28 -28.24 14.91
C GLU E 58 -54.93 -29.02 13.65
N LEU E 59 -54.87 -30.36 13.74
CA LEU E 59 -54.54 -31.17 12.57
C LEU E 59 -55.60 -31.06 11.49
N ASP E 60 -56.88 -31.01 11.89
CA ASP E 60 -57.96 -30.94 10.91
C ASP E 60 -57.90 -29.64 10.10
N GLU E 61 -57.64 -28.52 10.78
CA GLU E 61 -57.65 -27.22 10.10
C GLU E 61 -56.46 -27.08 9.16
N SER E 62 -55.28 -27.54 9.59
CA SER E 62 -54.05 -27.27 8.85
C SER E 62 -53.78 -28.30 7.75
N PHE E 63 -53.95 -29.59 8.05
CA PHE E 63 -53.54 -30.66 7.15
C PHE E 63 -54.67 -31.14 6.25
N ALA E 64 -55.62 -30.27 5.92
CA ALA E 64 -56.68 -30.64 5.00
C ALA E 64 -56.32 -30.22 3.57
N MET E 65 -56.53 -31.13 2.63
CA MET E 65 -56.22 -30.85 1.23
C MET E 65 -57.17 -29.81 0.65
N THR E 79 -48.64 -7.86 -1.36
CA THR E 79 -49.00 -8.80 -2.42
C THR E 79 -48.08 -8.62 -3.63
N ASP E 80 -46.77 -8.69 -3.39
CA ASP E 80 -45.76 -8.45 -4.41
C ASP E 80 -45.18 -9.78 -4.88
N TYR E 81 -45.54 -10.19 -6.08
CA TYR E 81 -45.09 -11.48 -6.59
C TYR E 81 -43.61 -11.47 -6.94
N MET E 82 -43.07 -10.31 -7.28
CA MET E 82 -41.66 -10.21 -7.66
C MET E 82 -40.75 -10.50 -6.47
N SER E 83 -39.61 -11.11 -6.76
CA SER E 83 -38.65 -11.39 -5.70
C SER E 83 -38.05 -10.09 -5.17
N SER E 84 -37.61 -10.12 -3.91
CA SER E 84 -37.05 -8.94 -3.28
C SER E 84 -35.77 -8.49 -3.97
N GLU E 85 -34.91 -9.45 -4.34
CA GLU E 85 -33.65 -9.10 -4.98
C GLU E 85 -33.87 -8.46 -6.34
N LEU E 86 -34.79 -9.02 -7.14
CA LEU E 86 -34.99 -8.50 -8.49
C LEU E 86 -35.57 -7.09 -8.48
N GLN E 87 -36.29 -6.73 -7.41
CA GLN E 87 -36.83 -5.37 -7.32
C GLN E 87 -35.71 -4.33 -7.25
N LYS E 88 -34.65 -4.64 -6.50
CA LYS E 88 -33.54 -3.70 -6.39
C LYS E 88 -32.86 -3.47 -7.73
N LEU E 89 -32.72 -4.54 -8.52
CA LEU E 89 -32.09 -4.41 -9.83
C LEU E 89 -32.89 -3.50 -10.75
N PHE E 90 -34.22 -3.66 -10.77
CA PHE E 90 -35.06 -2.83 -11.63
C PHE E 90 -35.00 -1.37 -11.23
N GLY E 91 -34.99 -1.09 -9.92
CA GLY E 91 -34.97 0.29 -9.47
C GLY E 91 -33.71 1.03 -9.88
N ILE E 92 -32.57 0.33 -9.89
CA ILE E 92 -31.32 0.98 -10.27
C ILE E 92 -31.30 1.30 -11.76
N HIS E 93 -31.73 0.36 -12.60
CA HIS E 93 -31.68 0.58 -14.04
C HIS E 93 -32.69 1.62 -14.49
N PHE E 94 -33.92 1.55 -13.98
CA PHE E 94 -35.00 2.42 -14.41
C PHE E 94 -35.20 3.60 -13.46
N HIS E 95 -34.14 4.08 -12.82
CA HIS E 95 -34.27 5.22 -11.93
C HIS E 95 -34.58 6.50 -12.69
N LYS E 96 -34.00 6.67 -13.88
CA LYS E 96 -34.26 7.87 -14.67
C LYS E 96 -35.72 7.97 -15.09
N LEU E 97 -36.44 6.86 -15.13
CA LEU E 97 -37.85 6.84 -15.50
C LEU E 97 -38.76 6.71 -14.28
N SER E 98 -38.30 7.19 -13.12
CA SER E 98 -39.10 7.05 -11.90
C SER E 98 -40.39 7.85 -11.99
N HIS E 99 -40.33 9.06 -12.53
CA HIS E 99 -41.50 9.94 -12.59
C HIS E 99 -42.48 9.55 -13.69
N LYS E 100 -42.11 8.63 -14.58
CA LYS E 100 -42.99 8.20 -15.66
C LYS E 100 -43.80 6.98 -15.22
N ASN E 101 -45.07 6.96 -15.60
CA ASN E 101 -45.92 5.83 -15.30
C ASN E 101 -45.48 4.61 -16.12
N PRO E 102 -45.77 3.40 -15.63
CA PRO E 102 -45.34 2.20 -16.36
C PRO E 102 -45.88 2.11 -17.78
N ASN E 103 -47.06 2.68 -18.04
CA ASN E 103 -47.59 2.67 -19.41
C ASN E 103 -46.71 3.47 -20.35
N GLU E 104 -46.18 4.60 -19.89
CA GLU E 104 -45.28 5.39 -20.72
C GLU E 104 -43.97 4.66 -21.00
N ILE E 105 -43.46 3.93 -19.99
CA ILE E 105 -42.20 3.22 -20.16
C ILE E 105 -42.31 2.14 -21.23
N ILE E 106 -43.41 1.39 -21.24
CA ILE E 106 -43.57 0.31 -22.19
C ILE E 106 -43.63 0.84 -23.62
N ARG E 107 -44.13 2.07 -23.81
CA ARG E 107 -44.15 2.65 -25.14
C ARG E 107 -42.76 3.11 -25.58
N MET E 108 -41.97 3.64 -24.65
CA MET E 108 -40.62 4.08 -25.00
C MET E 108 -39.72 2.89 -25.30
N ILE E 109 -39.85 1.80 -24.54
CA ILE E 109 -39.01 0.64 -24.75
C ILE E 109 -39.30 -0.02 -26.09
N LEU E 110 -40.59 -0.19 -26.41
CA LEU E 110 -40.97 -0.81 -27.67
C LEU E 110 -40.72 0.09 -28.88
N HIS E 111 -40.44 1.38 -28.66
CA HIS E 111 -40.17 2.30 -29.75
C HIS E 111 -38.73 2.25 -30.22
N CYS E 112 -37.86 1.50 -29.53
CA CYS E 112 -36.44 1.40 -29.88
C CYS E 112 -35.78 2.79 -29.94
N ASP E 113 -36.12 3.62 -28.95
CA ASP E 113 -35.58 4.96 -28.89
C ASP E 113 -34.11 4.94 -28.46
N ASP E 114 -33.42 6.05 -28.73
CA ASP E 114 -32.00 6.14 -28.40
C ASP E 114 -31.77 6.08 -26.90
N SER E 115 -32.61 6.78 -26.13
CA SER E 115 -32.42 6.88 -24.69
C SER E 115 -32.59 5.55 -23.96
N MET E 116 -33.16 4.54 -24.60
CA MET E 116 -33.42 3.26 -23.96
C MET E 116 -32.38 2.20 -24.32
N ASN E 117 -31.30 2.60 -25.01
CA ASN E 117 -30.29 1.62 -25.44
C ASN E 117 -29.56 1.01 -24.26
N GLU E 118 -29.20 1.82 -23.27
CA GLU E 118 -28.39 1.32 -22.16
C GLU E 118 -29.17 0.34 -21.29
N CYS E 119 -30.43 0.66 -20.99
CA CYS E 119 -31.21 -0.17 -20.07
C CYS E 119 -31.86 -1.37 -20.74
N VAL E 120 -31.88 -1.43 -22.09
CA VAL E 120 -32.45 -2.59 -22.76
C VAL E 120 -31.51 -3.78 -22.69
N GLU E 121 -30.21 -3.55 -22.45
CA GLU E 121 -29.28 -4.65 -22.25
C GLU E 121 -29.57 -5.39 -20.95
N PHE E 122 -30.11 -4.70 -19.95
CA PHE E 122 -30.46 -5.34 -18.70
C PHE E 122 -31.56 -6.37 -18.90
N LEU E 123 -32.57 -6.05 -19.71
CA LEU E 123 -33.65 -6.97 -19.98
C LEU E 123 -33.22 -8.20 -20.77
N SER E 124 -32.07 -8.15 -21.43
CA SER E 124 -31.56 -9.29 -22.17
C SER E 124 -30.71 -10.22 -21.32
N SER E 125 -30.42 -9.86 -20.08
CA SER E 125 -29.59 -10.69 -19.23
C SER E 125 -30.35 -11.93 -18.77
N ASP E 126 -29.60 -12.97 -18.43
CA ASP E 126 -30.20 -14.22 -17.99
C ASP E 126 -30.91 -14.09 -16.66
N LYS E 127 -30.50 -13.14 -15.81
CA LYS E 127 -31.12 -12.99 -14.50
C LYS E 127 -32.59 -12.63 -14.62
N VAL E 128 -32.92 -11.71 -15.52
CA VAL E 128 -34.31 -11.28 -15.67
C VAL E 128 -35.15 -12.39 -16.29
N LEU E 129 -34.62 -13.06 -17.32
CA LEU E 129 -35.42 -14.03 -18.06
C LEU E 129 -35.65 -15.30 -17.26
N ASN E 130 -34.62 -15.79 -16.57
CA ASN E 130 -34.69 -17.06 -15.85
C ASN E 130 -35.35 -16.84 -14.49
N GLN E 131 -36.68 -16.69 -14.52
CA GLN E 131 -37.50 -16.56 -13.32
C GLN E 131 -38.67 -17.52 -13.43
N PRO E 132 -38.43 -18.83 -13.29
CA PRO E 132 -39.53 -19.80 -13.45
C PRO E 132 -40.66 -19.61 -12.46
N LYS E 133 -40.36 -19.23 -11.22
CA LYS E 133 -41.42 -19.04 -10.23
C LYS E 133 -42.19 -17.75 -10.49
N LEU E 134 -41.47 -16.67 -10.86
CA LEU E 134 -42.13 -15.40 -11.10
C LEU E 134 -43.03 -15.47 -12.33
N LYS E 135 -42.58 -16.16 -13.38
CA LYS E 135 -43.37 -16.24 -14.62
C LYS E 135 -44.68 -16.98 -14.38
N ALA E 136 -44.65 -18.05 -13.58
CA ALA E 136 -45.87 -18.81 -13.32
C ALA E 136 -46.90 -17.96 -12.58
N ASP E 137 -46.46 -17.17 -11.60
CA ASP E 137 -47.38 -16.35 -10.84
C ASP E 137 -48.01 -15.25 -11.69
N LEU E 138 -47.24 -14.70 -12.64
CA LEU E 138 -47.74 -13.64 -13.51
C LEU E 138 -48.48 -14.17 -14.73
N GLU E 139 -48.57 -15.49 -14.88
CA GLU E 139 -49.27 -16.05 -16.03
C GLU E 139 -50.75 -15.65 -16.10
N PRO E 140 -51.54 -15.72 -15.02
CA PRO E 140 -52.95 -15.33 -15.14
C PRO E 140 -53.16 -13.88 -15.54
N TYR E 141 -52.20 -12.99 -15.28
CA TYR E 141 -52.34 -11.58 -15.59
C TYR E 141 -51.88 -11.22 -17.00
N ARG E 142 -51.38 -12.19 -17.77
CA ARG E 142 -50.86 -11.89 -19.09
C ARG E 142 -51.99 -11.63 -20.07
N ILE E 143 -51.63 -11.04 -21.21
CA ILE E 143 -52.56 -10.80 -22.32
C ILE E 143 -52.08 -11.59 -23.52
N ASP E 144 -52.97 -12.42 -24.08
CA ASP E 144 -52.64 -13.25 -25.24
C ASP E 144 -52.62 -12.36 -26.48
N TRP E 145 -51.54 -11.60 -26.61
CA TRP E 145 -51.39 -10.69 -27.74
C TRP E 145 -51.16 -11.42 -29.06
N ALA E 146 -50.77 -12.69 -29.00
CA ALA E 146 -50.58 -13.46 -30.23
C ALA E 146 -51.88 -13.63 -31.00
N ASN E 147 -52.97 -13.89 -30.29
CA ASN E 147 -54.28 -14.06 -30.90
C ASN E 147 -55.34 -13.43 -30.02
N GLY E 148 -56.07 -12.46 -30.55
CA GLY E 148 -57.16 -11.81 -29.84
C GLY E 148 -56.77 -10.60 -29.02
N GLY E 149 -55.64 -10.66 -28.32
CA GLY E 149 -55.24 -9.57 -27.45
C GLY E 149 -56.19 -9.34 -26.29
N ASP E 150 -56.59 -10.42 -25.63
CA ASP E 150 -57.55 -10.36 -24.54
C ASP E 150 -56.95 -11.05 -23.31
N LEU E 151 -57.51 -10.70 -22.15
CA LEU E 151 -57.06 -11.30 -20.90
C LEU E 151 -57.32 -12.80 -20.90
N VAL E 152 -56.32 -13.56 -20.44
CA VAL E 152 -56.48 -15.01 -20.36
C VAL E 152 -57.54 -15.38 -19.33
N ASN E 153 -57.48 -14.76 -18.16
CA ASN E 153 -58.48 -14.97 -17.11
C ASN E 153 -59.56 -13.89 -17.21
N SER E 154 -60.53 -13.98 -16.30
CA SER E 154 -61.70 -13.12 -16.39
C SER E 154 -61.38 -11.66 -16.04
N GLU E 155 -61.06 -11.39 -14.78
CA GLU E 155 -60.74 -10.02 -14.40
C GLU E 155 -59.25 -9.75 -14.37
N LYS E 156 -58.55 -10.42 -13.46
CA LYS E 156 -57.11 -10.28 -13.23
C LYS E 156 -56.65 -8.84 -13.44
N ASP E 157 -57.22 -7.94 -12.64
CA ASP E 157 -56.92 -6.53 -12.78
C ASP E 157 -55.44 -6.26 -12.58
N ALA E 158 -54.84 -5.51 -13.50
CA ALA E 158 -53.42 -5.20 -13.43
C ALA E 158 -53.11 -4.03 -12.52
N SER E 159 -54.11 -3.25 -12.12
CA SER E 159 -53.86 -2.13 -11.22
C SER E 159 -53.41 -2.59 -9.84
N GLU E 160 -53.85 -3.77 -9.41
CA GLU E 160 -53.43 -4.30 -8.13
C GLU E 160 -51.93 -4.59 -8.11
N LEU E 161 -51.35 -4.93 -9.25
CA LEU E 161 -49.92 -5.21 -9.32
C LEU E 161 -49.12 -3.95 -9.05
N SER E 162 -47.92 -4.13 -8.49
CA SER E 162 -47.04 -3.02 -8.20
C SER E 162 -46.47 -2.43 -9.49
N ARG E 163 -45.62 -1.41 -9.34
CA ARG E 163 -45.04 -0.76 -10.51
C ARG E 163 -44.13 -1.71 -11.28
N TRP E 164 -43.29 -2.45 -10.57
CA TRP E 164 -42.36 -3.35 -11.25
C TRP E 164 -43.03 -4.63 -11.73
N ASP E 165 -44.03 -5.14 -11.01
CA ASP E 165 -44.75 -6.30 -11.50
C ASP E 165 -45.49 -5.99 -12.79
N TYR E 166 -46.08 -4.79 -12.88
CA TYR E 166 -46.80 -4.39 -14.08
C TYR E 166 -45.88 -4.33 -15.29
N LEU E 167 -44.67 -3.81 -15.10
CA LEU E 167 -43.72 -3.71 -16.21
C LEU E 167 -43.24 -5.09 -16.65
N TYR E 168 -43.00 -5.99 -15.71
CA TYR E 168 -42.44 -7.30 -16.07
C TYR E 168 -43.45 -8.15 -16.83
N VAL E 169 -44.69 -8.23 -16.34
CA VAL E 169 -45.68 -9.08 -16.98
C VAL E 169 -46.04 -8.56 -18.36
N ARG E 170 -46.07 -7.23 -18.54
CA ARG E 170 -46.44 -6.64 -19.81
C ARG E 170 -45.33 -6.76 -20.86
N LEU E 171 -44.08 -6.92 -20.44
CA LEU E 171 -42.95 -6.99 -21.37
C LEU E 171 -42.43 -8.41 -21.55
N ILE E 172 -42.08 -9.07 -20.44
CA ILE E 172 -41.45 -10.40 -20.54
C ILE E 172 -42.51 -11.48 -20.72
N VAL E 173 -43.49 -11.54 -19.83
CA VAL E 173 -44.50 -12.59 -19.90
C VAL E 173 -45.39 -12.42 -21.12
N ASP E 174 -45.80 -11.18 -21.40
CA ASP E 174 -46.71 -10.93 -22.52
C ASP E 174 -46.06 -11.24 -23.85
N LEU E 175 -44.83 -10.76 -24.06
CA LEU E 175 -44.15 -10.89 -25.34
C LEU E 175 -43.13 -12.03 -25.35
N GLY E 176 -43.26 -13.00 -24.46
CA GLY E 176 -42.29 -14.09 -24.37
C GLY E 176 -42.20 -14.94 -25.62
N GLY E 177 -43.20 -14.87 -26.51
CA GLY E 177 -43.13 -15.65 -27.73
C GLY E 177 -42.01 -15.21 -28.65
N TYR E 178 -41.83 -13.90 -28.80
CA TYR E 178 -40.82 -13.36 -29.70
C TYR E 178 -39.84 -12.43 -29.01
N TRP E 179 -39.80 -12.41 -27.68
CA TRP E 179 -38.88 -11.52 -26.97
C TRP E 179 -37.43 -11.93 -27.21
N ASN E 180 -37.15 -13.23 -27.09
CA ASN E 180 -35.77 -13.70 -27.25
C ASN E 180 -35.26 -13.45 -28.67
N GLN E 181 -36.12 -13.71 -29.67
CA GLN E 181 -35.72 -13.44 -31.05
C GLN E 181 -35.51 -11.95 -31.29
N ARG E 182 -36.37 -11.11 -30.72
CA ARG E 182 -36.21 -9.67 -30.86
C ARG E 182 -34.92 -9.19 -30.18
N MET E 183 -34.61 -9.73 -29.00
CA MET E 183 -33.39 -9.34 -28.31
C MET E 183 -32.15 -9.77 -29.09
N ASN E 184 -32.19 -10.96 -29.69
CA ASN E 184 -31.06 -11.41 -30.50
C ASN E 184 -30.89 -10.55 -31.73
N ALA E 185 -31.97 -9.98 -32.27
CA ALA E 185 -31.87 -9.10 -33.42
C ALA E 185 -31.15 -7.81 -33.07
N LEU E 186 -31.36 -7.29 -31.86
CA LEU E 186 -30.72 -6.04 -31.46
C LEU E 186 -29.29 -6.24 -30.97
N LYS E 187 -28.98 -7.40 -30.36
CA LYS E 187 -27.62 -7.66 -29.93
C LYS E 187 -26.66 -7.73 -31.11
N VAL E 188 -27.08 -8.41 -32.19
CA VAL E 188 -26.21 -8.55 -33.36
C VAL E 188 -26.01 -7.19 -34.03
N LYS E 189 -27.06 -6.39 -34.12
CA LYS E 189 -26.95 -5.09 -34.78
C LYS E 189 -25.98 -4.18 -34.03
N ASN E 190 -26.02 -4.18 -32.70
CA ASN E 190 -25.11 -3.34 -31.93
C ASN E 190 -23.66 -3.77 -32.11
N ILE E 191 -23.41 -5.08 -32.15
CA ILE E 191 -22.04 -5.57 -32.30
C ILE E 191 -21.48 -5.19 -33.66
N ILE E 192 -22.27 -5.34 -34.72
CA ILE E 192 -21.80 -5.02 -36.07
C ILE E 192 -21.51 -3.53 -36.20
N GLU E 193 -22.33 -2.69 -35.54
CA GLU E 193 -22.14 -1.26 -35.65
C GLU E 193 -20.80 -0.80 -35.10
N THR E 194 -20.20 -1.57 -34.19
CA THR E 194 -18.96 -1.18 -33.54
C THR E 194 -17.79 -2.11 -33.87
N ASN E 195 -17.97 -3.41 -33.69
CA ASN E 195 -16.84 -4.34 -33.82
C ASN E 195 -16.43 -4.57 -35.27
N TYR E 196 -17.28 -4.23 -36.23
CA TYR E 196 -16.94 -4.46 -37.63
C TYR E 196 -15.83 -3.54 -38.11
N GLU E 197 -15.81 -2.31 -37.61
CA GLU E 197 -14.81 -1.35 -38.07
C GLU E 197 -13.41 -1.76 -37.69
N ASN E 198 -13.22 -2.20 -36.44
CA ASN E 198 -11.88 -2.63 -36.02
C ASN E 198 -11.51 -4.00 -36.57
N LEU E 199 -12.51 -4.83 -36.87
CA LEU E 199 -12.23 -6.16 -37.40
C LEU E 199 -11.59 -6.09 -38.78
N VAL E 200 -12.05 -5.15 -39.62
CA VAL E 200 -11.47 -4.98 -40.94
C VAL E 200 -10.01 -4.55 -40.83
N ARG E 201 -9.72 -3.63 -39.91
CA ARG E 201 -8.36 -3.17 -39.72
C ARG E 201 -7.45 -4.30 -39.26
N GLN E 202 -7.94 -5.15 -38.36
CA GLN E 202 -7.12 -6.24 -37.84
C GLN E 202 -6.77 -7.24 -38.94
N THR E 203 -7.74 -7.57 -39.80
CA THR E 203 -7.45 -8.50 -40.89
C THR E 203 -6.46 -7.91 -41.88
N LYS E 204 -6.59 -6.62 -42.18
CA LYS E 204 -5.64 -5.97 -43.09
C LYS E 204 -4.24 -5.98 -42.53
N LEU E 205 -4.09 -5.70 -41.24
CA LEU E 205 -2.76 -5.65 -40.64
C LEU E 205 -2.09 -7.02 -40.66
N ILE E 206 -2.84 -8.08 -40.35
CA ILE E 206 -2.26 -9.43 -40.36
C ILE E 206 -1.85 -9.82 -41.78
N GLY E 207 -2.71 -9.55 -42.76
CA GLY E 207 -2.36 -9.87 -44.13
C GLY E 207 -1.18 -9.06 -44.64
N ARG E 208 -1.10 -7.78 -44.27
CA ARG E 208 0.02 -6.95 -44.69
C ARG E 208 1.33 -7.45 -44.08
N ALA E 209 1.30 -7.85 -42.81
CA ALA E 209 2.51 -8.32 -42.15
C ALA E 209 3.05 -9.59 -42.81
N ALA E 210 2.15 -10.51 -43.18
CA ALA E 210 2.59 -11.74 -43.84
C ALA E 210 3.21 -11.44 -45.19
N LEU E 211 2.61 -10.53 -45.95
CA LEU E 211 3.18 -10.16 -47.25
C LEU E 211 4.52 -9.46 -47.10
N GLU E 212 4.65 -8.59 -46.10
CA GLU E 212 5.91 -7.89 -45.88
C GLU E 212 7.04 -8.85 -45.57
N LEU E 213 6.79 -9.83 -44.71
CA LEU E 213 7.81 -10.81 -44.38
C LEU E 213 8.18 -11.65 -45.60
N ARG E 214 7.17 -12.05 -46.39
CA ARG E 214 7.44 -12.87 -47.56
C ARG E 214 8.22 -12.12 -48.63
N ASP E 215 8.00 -10.81 -48.76
CA ASP E 215 8.64 -10.00 -49.78
C ASP E 215 9.76 -9.15 -49.20
N SER E 216 10.49 -9.68 -48.22
CA SER E 216 11.61 -8.98 -47.60
C SER E 216 12.89 -9.74 -47.93
N LYS E 217 13.76 -9.12 -48.73
CA LYS E 217 15.04 -9.74 -49.06
C LYS E 217 16.04 -9.66 -47.92
N VAL E 218 15.91 -8.65 -47.05
CA VAL E 218 16.82 -8.51 -45.92
C VAL E 218 16.67 -9.69 -44.97
N PHE E 219 15.43 -10.07 -44.66
CA PHE E 219 15.21 -11.19 -43.76
C PHE E 219 15.74 -12.49 -44.34
N LYS E 220 15.53 -12.71 -45.64
CA LYS E 220 16.06 -13.91 -46.28
C LYS E 220 17.58 -13.92 -46.28
N GLY E 221 18.19 -12.77 -46.56
CA GLY E 221 19.65 -12.71 -46.54
C GLY E 221 20.23 -12.98 -45.17
N LEU E 222 19.60 -12.43 -44.12
CA LEU E 222 20.05 -12.70 -42.76
C LEU E 222 19.88 -14.17 -42.41
N LEU E 223 18.77 -14.78 -42.83
CA LEU E 223 18.56 -16.20 -42.59
C LEU E 223 19.61 -17.06 -43.29
N TYR E 224 19.96 -16.67 -44.52
CA TYR E 224 20.99 -17.41 -45.25
C TYR E 224 22.34 -17.32 -44.55
N LEU E 225 22.66 -16.15 -43.99
CA LEU E 225 23.93 -15.98 -43.29
C LEU E 225 24.03 -16.89 -42.07
N ILE E 226 22.93 -17.01 -41.32
CA ILE E 226 22.94 -17.84 -40.12
C ILE E 226 23.14 -19.31 -40.49
N LEU E 227 22.48 -19.76 -41.56
CA LEU E 227 22.61 -21.16 -41.97
C LEU E 227 24.04 -21.51 -42.31
N TYR E 228 24.74 -20.62 -43.03
CA TYR E 228 26.14 -20.89 -43.37
C TYR E 228 27.01 -20.92 -42.12
N LEU E 229 26.76 -20.00 -41.18
CA LEU E 229 27.51 -20.02 -39.93
C LEU E 229 27.22 -21.29 -39.13
N GLY E 230 25.95 -21.70 -39.09
CA GLY E 230 25.60 -22.92 -38.37
C GLY E 230 26.18 -24.17 -39.01
N ASN E 231 26.13 -24.24 -40.35
CA ASN E 231 26.66 -25.40 -41.04
C ASN E 231 28.17 -25.53 -40.90
N TYR E 232 28.88 -24.41 -40.72
CA TYR E 232 30.32 -24.48 -40.52
C TYR E 232 30.68 -25.22 -39.24
N MET E 233 29.95 -24.94 -38.16
CA MET E 233 30.22 -25.60 -36.88
C MET E 233 29.69 -27.02 -36.83
N ASN E 234 28.58 -27.29 -37.53
CA ASN E 234 27.93 -28.59 -37.42
C ASN E 234 28.79 -29.69 -38.04
N ASP E 235 28.50 -30.92 -37.63
CA ASP E 235 29.22 -32.08 -38.15
C ASP E 235 28.87 -32.32 -39.60
N TYR E 236 29.70 -33.13 -40.27
CA TYR E 236 29.49 -33.43 -41.67
C TYR E 236 28.23 -34.26 -41.88
N VAL E 237 27.79 -35.00 -40.86
CA VAL E 237 26.60 -35.84 -40.99
C VAL E 237 25.30 -35.07 -40.79
N ARG E 238 25.37 -33.84 -40.30
CA ARG E 238 24.19 -33.01 -40.06
C ARG E 238 24.31 -31.67 -40.79
N GLN E 239 24.87 -31.68 -41.99
CA GLN E 239 25.04 -30.46 -42.78
C GLN E 239 23.75 -30.17 -43.54
N ALA E 240 22.75 -29.71 -42.81
CA ALA E 240 21.45 -29.42 -43.38
C ALA E 240 21.49 -28.13 -44.19
N LYS E 241 20.63 -28.05 -45.20
CA LYS E 241 20.51 -26.89 -46.06
C LYS E 241 19.33 -26.00 -45.69
N GLY E 242 18.63 -26.30 -44.60
CA GLY E 242 17.49 -25.50 -44.19
C GLY E 242 17.06 -25.86 -42.79
N PHE E 243 16.31 -24.94 -42.18
CA PHE E 243 15.82 -25.15 -40.82
C PHE E 243 14.54 -24.37 -40.64
N ALA E 244 13.76 -24.78 -39.64
CA ALA E 244 12.51 -24.11 -39.33
C ALA E 244 12.79 -22.78 -38.62
N ILE E 245 11.77 -21.92 -38.61
CA ILE E 245 11.90 -20.61 -37.97
C ILE E 245 12.09 -20.77 -36.47
N GLY E 246 11.44 -21.78 -35.87
CA GLY E 246 11.54 -22.00 -34.44
C GLY E 246 12.94 -22.35 -33.96
N SER E 247 13.85 -22.69 -34.86
CA SER E 247 15.23 -22.99 -34.49
C SER E 247 16.04 -21.74 -34.19
N LEU E 248 15.49 -20.55 -34.40
CA LEU E 248 16.21 -19.31 -34.12
C LEU E 248 16.39 -19.06 -32.62
N GLN E 249 15.69 -19.81 -31.77
CA GLN E 249 15.81 -19.63 -30.33
C GLN E 249 17.08 -20.25 -29.74
N ARG E 250 17.78 -21.08 -30.50
CA ARG E 250 19.00 -21.71 -29.99
C ARG E 250 20.19 -20.76 -29.97
N LEU E 251 20.11 -19.62 -30.65
CA LEU E 251 21.25 -18.71 -30.69
C LEU E 251 21.66 -18.16 -29.34
N PRO E 252 20.76 -17.58 -28.52
CA PRO E 252 21.22 -16.99 -27.25
C PRO E 252 21.75 -18.00 -26.25
N LEU E 253 21.45 -19.29 -26.41
CA LEU E 253 21.80 -20.30 -25.42
C LEU E 253 23.15 -20.94 -25.66
N ILE E 254 23.92 -20.46 -26.63
CA ILE E 254 25.27 -20.95 -26.90
C ILE E 254 26.26 -19.89 -26.45
N LYS E 255 27.24 -20.30 -25.65
CA LYS E 255 28.20 -19.39 -25.06
C LYS E 255 29.62 -19.83 -25.42
N ASN E 256 30.54 -18.87 -25.36
CA ASN E 256 31.95 -19.12 -25.61
C ASN E 256 32.60 -19.67 -24.33
N ALA E 257 33.94 -19.69 -24.30
CA ALA E 257 34.65 -20.27 -23.18
C ALA E 257 34.36 -19.53 -21.88
N ASN E 258 34.38 -18.20 -21.92
CA ASN E 258 34.16 -17.39 -20.73
C ASN E 258 32.71 -16.98 -20.54
N ASN E 259 31.81 -17.44 -21.42
CA ASN E 259 30.38 -17.13 -21.36
C ASN E 259 30.10 -15.64 -21.47
N THR E 260 31.06 -14.87 -21.97
CA THR E 260 30.86 -13.43 -22.10
C THR E 260 29.94 -13.09 -23.26
N LYS E 261 30.11 -13.78 -24.40
CA LYS E 261 29.33 -13.49 -25.60
C LYS E 261 28.69 -14.77 -26.10
N SER E 262 27.57 -14.60 -26.79
CA SER E 262 26.81 -15.69 -27.40
C SER E 262 27.02 -15.69 -28.90
N LEU E 263 26.41 -16.67 -29.58
CA LEU E 263 26.45 -16.70 -31.03
C LEU E 263 25.76 -15.48 -31.62
N LEU E 264 24.63 -15.07 -31.02
CA LEU E 264 23.96 -13.86 -31.48
C LEU E 264 24.79 -12.62 -31.20
N HIS E 265 25.54 -12.61 -30.10
CA HIS E 265 26.35 -11.46 -29.76
C HIS E 265 27.44 -11.21 -30.82
N ILE E 266 28.12 -12.28 -31.25
CA ILE E 266 29.14 -12.12 -32.27
C ILE E 266 28.55 -11.94 -33.65
N LEU E 267 27.28 -12.33 -33.86
CA LEU E 267 26.64 -12.08 -35.13
C LEU E 267 26.42 -10.60 -35.37
N ASP E 268 26.23 -9.83 -34.29
CA ASP E 268 26.05 -8.39 -34.44
C ASP E 268 27.32 -7.73 -34.96
N ILE E 269 28.47 -8.09 -34.41
CA ILE E 269 29.73 -7.51 -34.88
C ILE E 269 30.00 -7.92 -36.32
N THR E 270 29.79 -9.19 -36.65
CA THR E 270 30.02 -9.66 -38.02
C THR E 270 29.12 -8.93 -39.01
N ILE E 271 27.85 -8.76 -38.66
CA ILE E 271 26.92 -8.06 -39.55
C ILE E 271 27.34 -6.60 -39.71
N ARG E 272 27.67 -5.93 -38.61
CA ARG E 272 28.03 -4.52 -38.64
C ARG E 272 29.49 -4.27 -39.01
N LYS E 273 30.15 -5.25 -39.60
CA LYS E 273 31.51 -5.08 -40.09
C LYS E 273 31.66 -5.47 -41.55
N HIS E 274 30.95 -6.49 -42.02
CA HIS E 274 31.07 -6.95 -43.39
C HIS E 274 29.73 -7.06 -44.11
N PHE E 275 28.62 -6.74 -43.45
CA PHE E 275 27.29 -6.81 -44.06
C PHE E 275 26.49 -5.58 -43.67
N PRO E 276 26.83 -4.42 -44.25
CA PRO E 276 26.10 -3.19 -43.90
C PRO E 276 24.63 -3.20 -44.29
N GLN E 277 24.23 -4.06 -45.25
CA GLN E 277 22.84 -4.08 -45.67
C GLN E 277 21.91 -4.55 -44.55
N PHE E 278 22.34 -5.55 -43.78
CA PHE E 278 21.54 -6.09 -42.70
C PHE E 278 21.82 -5.41 -41.36
N ASP E 279 22.25 -4.14 -41.37
CA ASP E 279 22.64 -3.47 -40.14
C ASP E 279 21.44 -3.31 -39.20
N ASN E 280 20.28 -2.94 -39.73
CA ASN E 280 19.11 -2.70 -38.90
C ASN E 280 17.88 -3.08 -39.70
N PHE E 281 17.27 -4.23 -39.38
CA PHE E 281 16.07 -4.69 -40.06
C PHE E 281 14.80 -4.45 -39.26
N SER E 282 14.90 -4.04 -38.00
CA SER E 282 13.73 -3.79 -37.16
C SER E 282 12.85 -2.69 -37.75
N PRO E 283 13.38 -1.52 -38.12
CA PRO E 283 12.50 -0.52 -38.77
C PRO E 283 11.93 -1.01 -40.10
N GLU E 284 12.68 -1.83 -40.84
CA GLU E 284 12.19 -2.33 -42.12
C GLU E 284 10.98 -3.24 -41.92
N LEU E 285 11.01 -4.09 -40.89
CA LEU E 285 9.92 -5.00 -40.58
C LEU E 285 9.32 -4.58 -39.24
N SER E 286 8.34 -3.69 -39.29
CA SER E 286 7.66 -3.21 -38.08
C SER E 286 6.26 -3.81 -37.92
N THR E 287 5.59 -4.11 -39.04
CA THR E 287 4.27 -4.72 -39.00
C THR E 287 4.32 -6.10 -38.37
N VAL E 288 5.46 -6.77 -38.47
CA VAL E 288 5.62 -8.08 -37.85
C VAL E 288 5.53 -7.94 -36.34
N THR E 289 6.17 -6.93 -35.77
CA THR E 289 6.11 -6.71 -34.33
C THR E 289 4.69 -6.41 -33.87
N GLU E 290 3.97 -5.56 -34.61
CA GLU E 290 2.59 -5.26 -34.25
C GLU E 290 1.70 -6.48 -34.38
N ALA E 291 1.89 -7.28 -35.44
CA ALA E 291 1.06 -8.46 -35.66
C ALA E 291 1.31 -9.53 -34.62
N ALA E 292 2.44 -9.49 -33.90
CA ALA E 292 2.73 -10.50 -32.90
C ALA E 292 1.79 -10.41 -31.71
N LYS E 293 1.22 -9.22 -31.45
CA LYS E 293 0.33 -9.03 -30.32
C LYS E 293 -1.09 -9.50 -30.58
N LEU E 294 -1.40 -9.92 -31.81
CA LEU E 294 -2.74 -10.36 -32.16
C LEU E 294 -2.82 -11.88 -32.17
N ASN E 295 -3.96 -12.41 -31.75
CA ASN E 295 -4.22 -13.85 -31.77
C ASN E 295 -5.01 -14.16 -33.04
N ILE E 296 -4.37 -14.83 -34.00
CA ILE E 296 -5.03 -15.12 -35.27
C ILE E 296 -6.20 -16.07 -35.06
N GLU E 297 -6.05 -17.07 -34.20
CA GLU E 297 -7.13 -18.01 -33.96
C GLU E 297 -8.32 -17.33 -33.28
N ALA E 298 -8.05 -16.37 -32.39
CA ALA E 298 -9.13 -15.65 -31.74
C ALA E 298 -9.84 -14.71 -32.70
N ILE E 299 -9.07 -14.04 -33.56
CA ILE E 299 -9.67 -13.14 -34.56
C ILE E 299 -10.54 -13.94 -35.52
N GLU E 300 -10.04 -15.09 -35.98
CA GLU E 300 -10.82 -15.93 -36.88
C GLU E 300 -12.10 -16.42 -36.20
N GLN E 301 -12.00 -16.86 -34.94
CA GLN E 301 -13.18 -17.33 -34.22
C GLN E 301 -14.17 -16.20 -33.98
N GLU E 302 -13.66 -15.02 -33.61
CA GLU E 302 -14.53 -13.88 -33.35
C GLU E 302 -15.23 -13.43 -34.63
N CYS E 303 -14.49 -13.29 -35.72
CA CYS E 303 -15.08 -12.81 -36.96
C CYS E 303 -16.07 -13.81 -37.53
N SER E 304 -15.71 -15.08 -37.56
CA SER E 304 -16.59 -16.11 -38.10
C SER E 304 -17.88 -16.25 -37.31
N GLU E 305 -17.87 -15.85 -36.04
CA GLU E 305 -19.11 -15.84 -35.26
C GLU E 305 -20.11 -14.84 -35.82
N LEU E 306 -19.62 -13.72 -36.35
CA LEU E 306 -20.51 -12.69 -36.88
C LEU E 306 -21.33 -13.20 -38.06
N ILE E 307 -20.70 -13.94 -38.97
CA ILE E 307 -21.43 -14.48 -40.12
C ILE E 307 -22.50 -15.45 -39.65
N ARG E 308 -22.19 -16.25 -38.63
CA ARG E 308 -23.18 -17.18 -38.10
C ARG E 308 -24.38 -16.42 -37.53
N GLY E 309 -24.14 -15.31 -36.84
CA GLY E 309 -25.24 -14.49 -36.37
C GLY E 309 -26.04 -13.86 -37.48
N CYS E 310 -25.35 -13.33 -38.50
CA CYS E 310 -26.05 -12.72 -39.62
C CYS E 310 -26.86 -13.75 -40.40
N GLN E 311 -26.28 -14.93 -40.64
CA GLN E 311 -27.01 -15.97 -41.36
C GLN E 311 -28.23 -16.44 -40.58
N ASN E 312 -28.08 -16.60 -39.26
CA ASN E 312 -29.22 -16.97 -38.43
C ASN E 312 -30.27 -15.87 -38.38
N LEU E 313 -29.83 -14.61 -38.43
CA LEU E 313 -30.78 -13.49 -38.41
C LEU E 313 -31.66 -13.50 -39.65
N GLN E 314 -31.09 -13.85 -40.81
CA GLN E 314 -31.87 -13.84 -42.05
C GLN E 314 -33.02 -14.82 -41.99
N ILE E 315 -32.78 -16.02 -41.48
CA ILE E 315 -33.85 -17.01 -41.39
C ILE E 315 -34.88 -16.60 -40.34
N ASP E 316 -34.46 -15.86 -39.32
CA ASP E 316 -35.38 -15.41 -38.28
C ASP E 316 -36.28 -14.28 -38.77
N CYS E 317 -35.71 -13.34 -39.53
CA CYS E 317 -36.50 -12.20 -40.01
C CYS E 317 -37.42 -12.60 -41.16
N ASP E 318 -36.95 -13.48 -42.05
CA ASP E 318 -37.72 -13.84 -43.23
C ASP E 318 -38.69 -14.99 -42.99
N SER E 319 -38.29 -15.98 -42.20
CA SER E 319 -39.14 -17.15 -41.99
C SER E 319 -39.16 -17.63 -40.54
N GLY E 320 -38.60 -16.86 -39.61
CA GLY E 320 -38.56 -17.24 -38.21
C GLY E 320 -39.69 -16.62 -37.42
N ALA E 321 -39.45 -16.43 -36.12
CA ALA E 321 -40.47 -15.83 -35.25
C ALA E 321 -40.75 -14.39 -35.65
N LEU E 322 -39.71 -13.64 -36.02
CA LEU E 322 -39.88 -12.25 -36.41
C LEU E 322 -40.61 -12.09 -37.74
N SER E 323 -40.73 -13.16 -38.53
CA SER E 323 -41.40 -13.06 -39.82
C SER E 323 -42.88 -12.71 -39.67
N ASP E 324 -43.54 -13.31 -38.68
CA ASP E 324 -44.97 -13.09 -38.49
C ASP E 324 -45.21 -11.70 -37.87
N PRO E 325 -45.95 -10.81 -38.52
CA PRO E 325 -46.25 -9.51 -37.92
C PRO E 325 -47.53 -9.46 -37.11
N THR E 326 -48.34 -10.52 -37.14
CA THR E 326 -49.60 -10.51 -36.38
C THR E 326 -49.34 -10.46 -34.88
N VAL E 327 -48.35 -11.23 -34.41
CA VAL E 327 -48.01 -11.24 -32.99
C VAL E 327 -47.30 -9.97 -32.55
N PHE E 328 -46.81 -9.17 -33.48
CA PHE E 328 -46.13 -7.93 -33.14
C PHE E 328 -47.13 -6.90 -32.61
N HIS E 329 -46.66 -6.11 -31.64
CA HIS E 329 -47.46 -5.00 -31.15
C HIS E 329 -47.54 -3.91 -32.23
N PRO E 330 -48.66 -3.18 -32.28
CA PRO E 330 -48.74 -2.07 -33.24
C PRO E 330 -47.66 -1.03 -33.05
N ASP E 331 -47.29 -0.75 -31.81
CA ASP E 331 -46.20 0.19 -31.51
C ASP E 331 -44.90 -0.57 -31.29
N ASP E 332 -44.50 -1.32 -32.32
CA ASP E 332 -43.27 -2.11 -32.28
C ASP E 332 -42.52 -1.87 -33.60
N LYS E 333 -41.56 -0.96 -33.57
CA LYS E 333 -40.80 -0.59 -34.74
C LYS E 333 -39.59 -1.49 -34.97
N ILE E 334 -39.57 -2.68 -34.37
CA ILE E 334 -38.45 -3.59 -34.57
C ILE E 334 -38.34 -4.02 -36.02
N LEU E 335 -39.48 -4.34 -36.65
CA LEU E 335 -39.47 -4.71 -38.05
C LEU E 335 -39.06 -3.53 -38.94
N SER E 336 -39.55 -2.33 -38.61
CA SER E 336 -39.23 -1.14 -39.39
C SER E 336 -37.80 -0.66 -39.19
N VAL E 337 -37.08 -1.21 -38.21
CA VAL E 337 -35.70 -0.83 -37.95
C VAL E 337 -34.73 -1.88 -38.47
N ILE E 338 -35.03 -3.16 -38.26
CA ILE E 338 -34.13 -4.23 -38.68
C ILE E 338 -33.99 -4.27 -40.19
N LEU E 339 -35.11 -4.15 -40.92
CA LEU E 339 -35.07 -4.28 -42.37
C LEU E 339 -34.17 -3.26 -43.06
N PRO E 340 -34.26 -1.95 -42.76
CA PRO E 340 -33.32 -1.02 -43.41
C PRO E 340 -31.87 -1.32 -43.09
N TRP E 341 -31.57 -1.75 -41.86
CA TRP E 341 -30.20 -2.05 -41.49
C TRP E 341 -29.72 -3.38 -42.05
N LEU E 342 -30.62 -4.36 -42.17
CA LEU E 342 -30.21 -5.70 -42.60
C LEU E 342 -29.63 -5.67 -44.01
N MET E 343 -30.25 -4.94 -44.93
CA MET E 343 -29.72 -4.83 -46.28
C MET E 343 -28.36 -4.14 -46.29
N GLU E 344 -28.23 -3.06 -45.52
CA GLU E 344 -26.94 -2.37 -45.42
C GLU E 344 -25.89 -3.26 -44.76
N GLY E 345 -26.28 -3.97 -43.70
CA GLY E 345 -25.34 -4.85 -43.03
C GLY E 345 -24.86 -5.99 -43.91
N THR E 346 -25.75 -6.50 -44.77
CA THR E 346 -25.36 -7.59 -45.67
C THR E 346 -24.27 -7.14 -46.63
N LYS E 347 -24.36 -5.92 -47.15
CA LYS E 347 -23.31 -5.40 -48.02
C LYS E 347 -21.98 -5.32 -47.29
N LYS E 348 -22.00 -4.84 -46.04
CA LYS E 348 -20.78 -4.87 -45.23
C LYS E 348 -20.39 -6.29 -44.86
N MET E 349 -21.34 -7.22 -44.84
CA MET E 349 -21.04 -8.57 -44.41
C MET E 349 -20.20 -9.32 -45.45
N ASP E 350 -20.51 -9.14 -46.73
CA ASP E 350 -19.73 -9.79 -47.77
C ASP E 350 -18.29 -9.27 -47.81
N PHE E 351 -18.09 -7.99 -47.46
CA PHE E 351 -16.74 -7.46 -47.40
C PHE E 351 -15.91 -8.16 -46.33
N LEU E 352 -16.52 -8.43 -45.17
CA LEU E 352 -15.81 -9.14 -44.11
C LEU E 352 -15.49 -10.57 -44.52
N LYS E 353 -16.42 -11.23 -45.22
CA LYS E 353 -16.17 -12.60 -45.68
C LYS E 353 -14.99 -12.65 -46.66
N GLU E 354 -14.94 -11.70 -47.59
CA GLU E 354 -13.81 -11.62 -48.51
C GLU E 354 -12.52 -11.33 -47.77
N HIS E 355 -12.57 -10.42 -46.78
CA HIS E 355 -11.36 -10.07 -46.05
C HIS E 355 -10.82 -11.26 -45.25
N LEU E 356 -11.73 -12.06 -44.68
CA LEU E 356 -11.30 -13.24 -43.92
C LEU E 356 -10.52 -14.21 -44.80
N ARG E 357 -11.05 -14.51 -45.99
CA ARG E 357 -10.38 -15.46 -46.87
C ARG E 357 -9.08 -14.88 -47.41
N THR E 358 -9.04 -13.56 -47.65
CA THR E 358 -7.83 -12.92 -48.14
C THR E 358 -6.71 -13.03 -47.12
N MET E 359 -7.03 -12.82 -45.84
CA MET E 359 -6.02 -12.97 -44.79
C MET E 359 -5.58 -14.42 -44.67
N ASN E 360 -6.53 -15.36 -44.75
CA ASN E 360 -6.18 -16.77 -44.63
C ASN E 360 -5.29 -17.23 -45.79
N THR E 361 -5.60 -16.80 -47.01
CA THR E 361 -4.79 -17.19 -48.15
C THR E 361 -3.38 -16.61 -48.07
N THR E 362 -3.26 -15.33 -47.72
CA THR E 362 -1.95 -14.70 -47.62
C THR E 362 -1.13 -15.33 -46.50
N LEU E 363 -1.74 -15.57 -45.34
CA LEU E 363 -1.02 -16.16 -44.22
C LEU E 363 -0.57 -17.59 -44.55
N ASN E 364 -1.44 -18.37 -45.18
CA ASN E 364 -1.06 -19.74 -45.56
C ASN E 364 0.05 -19.73 -46.61
N ASN E 365 -0.03 -18.82 -47.59
CA ASN E 365 1.00 -18.74 -48.61
C ASN E 365 2.34 -18.31 -48.00
N ALA E 366 2.31 -17.36 -47.07
CA ALA E 366 3.53 -16.92 -46.41
C ALA E 366 4.06 -17.95 -45.42
N MET E 367 3.28 -18.98 -45.10
CA MET E 367 3.71 -20.00 -44.16
C MET E 367 4.47 -21.13 -44.85
N ARG E 368 3.89 -21.68 -45.93
CA ARG E 368 4.58 -22.71 -46.69
C ARG E 368 5.85 -22.18 -47.34
N TYR E 369 5.93 -20.87 -47.57
CA TYR E 369 7.15 -20.27 -48.08
C TYR E 369 8.29 -20.40 -47.07
N PHE E 370 7.99 -20.27 -45.79
CA PHE E 370 8.99 -20.41 -44.73
C PHE E 370 9.07 -21.82 -44.17
N GLY E 371 8.27 -22.76 -44.68
CA GLY E 371 8.34 -24.14 -44.28
C GLY E 371 7.47 -24.52 -43.09
N GLU E 372 6.77 -23.56 -42.48
CA GLU E 372 5.91 -23.87 -41.35
C GLU E 372 4.72 -24.72 -41.79
N GLN E 373 4.24 -25.56 -40.87
CA GLN E 373 3.08 -26.39 -41.15
C GLN E 373 1.80 -25.59 -40.97
N PRO E 374 1.00 -25.41 -42.02
CA PRO E 374 -0.24 -24.63 -41.88
C PRO E 374 -1.33 -25.39 -41.18
N ASN E 375 -1.31 -26.72 -41.27
CA ASN E 375 -2.37 -27.53 -40.69
C ASN E 375 -2.29 -27.55 -39.17
N ASP E 376 -1.11 -27.37 -38.60
CA ASP E 376 -0.96 -27.41 -37.15
C ASP E 376 -1.55 -26.16 -36.52
N PRO E 377 -2.54 -26.30 -35.62
CA PRO E 377 -3.07 -25.10 -34.94
C PRO E 377 -2.04 -24.37 -34.12
N ASN E 378 -1.03 -25.07 -33.57
CA ASN E 378 0.00 -24.43 -32.78
C ASN E 378 0.80 -23.43 -33.61
N SER E 379 1.14 -23.81 -34.84
CA SER E 379 1.95 -22.93 -35.68
C SER E 379 1.20 -21.69 -36.11
N LYS E 380 -0.12 -21.80 -36.32
CA LYS E 380 -0.89 -20.65 -36.76
C LYS E 380 -0.89 -19.55 -35.71
N ASN E 381 -1.06 -19.90 -34.44
CA ASN E 381 -1.06 -18.89 -33.39
C ASN E 381 0.32 -18.28 -33.20
N LEU E 382 1.35 -19.12 -33.08
CA LEU E 382 2.71 -18.68 -32.85
C LEU E 382 3.47 -18.71 -34.17
N PHE E 383 3.21 -17.70 -35.02
CA PHE E 383 3.99 -17.55 -36.24
C PHE E 383 4.77 -16.24 -36.24
N PHE E 384 4.06 -15.13 -36.02
CA PHE E 384 4.74 -13.84 -35.96
C PHE E 384 5.46 -13.65 -34.63
N LYS E 385 4.98 -14.31 -33.57
CA LYS E 385 5.62 -14.19 -32.27
C LYS E 385 7.01 -14.80 -32.28
N ARG E 386 7.18 -15.93 -32.98
CA ARG E 386 8.50 -16.54 -33.09
C ARG E 386 9.48 -15.63 -33.80
N VAL E 387 9.04 -14.99 -34.89
CA VAL E 387 9.87 -14.01 -35.57
C VAL E 387 10.12 -12.80 -34.68
N ASP E 388 9.09 -12.36 -33.96
CA ASP E 388 9.24 -11.24 -33.04
C ASP E 388 10.21 -11.60 -31.92
N SER E 389 10.15 -12.84 -31.44
CA SER E 389 11.06 -13.26 -30.38
C SER E 389 12.51 -13.19 -30.83
N PHE E 390 12.77 -13.50 -32.11
CA PHE E 390 14.12 -13.36 -32.64
C PHE E 390 14.52 -11.89 -32.77
N ILE E 391 13.55 -11.01 -33.07
CA ILE E 391 13.87 -9.60 -33.28
C ILE E 391 14.30 -8.95 -31.97
N ILE E 392 13.55 -9.19 -30.89
CA ILE E 392 13.89 -8.59 -29.61
C ILE E 392 15.20 -9.14 -29.09
N ASP E 393 15.47 -10.43 -29.33
CA ASP E 393 16.75 -11.01 -28.94
C ASP E 393 17.90 -10.34 -29.67
N TYR E 394 17.73 -10.08 -30.97
CA TYR E 394 18.78 -9.41 -31.74
C TYR E 394 19.00 -7.99 -31.24
N SER E 395 17.90 -7.27 -30.95
CA SER E 395 18.03 -5.89 -30.48
C SER E 395 18.73 -5.84 -29.12
N LYS E 396 18.37 -6.77 -28.23
CA LYS E 396 19.03 -6.83 -26.91
C LYS E 396 20.52 -7.14 -27.06
N ALA E 397 20.86 -8.07 -27.95
CA ALA E 397 22.27 -8.38 -28.18
C ALA E 397 23.01 -7.20 -28.77
N ARG E 398 22.38 -6.49 -29.71
CA ARG E 398 23.01 -5.30 -30.29
C ARG E 398 23.20 -4.21 -29.26
N SER E 399 22.21 -4.01 -28.39
CA SER E 399 22.33 -3.00 -27.34
C SER E 399 23.44 -3.37 -26.35
N ASP E 400 23.52 -4.64 -25.97
CA ASP E 400 24.58 -5.07 -25.07
C ASP E 400 25.94 -4.95 -25.73
N ASN E 401 26.03 -5.25 -27.03
CA ASN E 401 27.30 -5.15 -27.74
C ASN E 401 27.79 -3.72 -27.80
N LEU E 402 26.90 -2.77 -28.08
CA LEU E 402 27.30 -1.37 -28.14
C LEU E 402 27.71 -0.85 -26.78
N LYS E 403 26.98 -1.22 -25.72
CA LYS E 403 27.28 -0.72 -24.39
C LYS E 403 28.64 -1.20 -23.90
N SER E 404 28.96 -2.47 -24.14
CA SER E 404 30.22 -3.01 -23.66
C SER E 404 31.42 -2.47 -24.44
N GLU E 405 31.29 -2.41 -25.77
CA GLU E 405 32.43 -2.06 -26.61
C GLU E 405 32.75 -0.57 -26.53
N GLU E 406 31.73 0.29 -26.58
CA GLU E 406 31.97 1.72 -26.59
C GLU E 406 32.60 2.19 -25.29
N GLU E 407 32.14 1.66 -24.16
CA GLU E 407 32.71 2.04 -22.87
C GLU E 407 34.18 1.61 -22.78
N GLU E 408 34.51 0.44 -23.32
CA GLU E 408 35.91 0.00 -23.34
C GLU E 408 36.76 0.94 -24.17
N ALA E 409 36.25 1.37 -25.32
CA ALA E 409 37.00 2.30 -26.17
C ALA E 409 37.19 3.65 -25.48
N SER E 410 36.15 4.13 -24.78
CA SER E 410 36.25 5.41 -24.09
C SER E 410 37.29 5.36 -22.98
N GLN E 411 37.37 4.24 -22.27
CA GLN E 411 38.35 4.11 -21.20
C GLN E 411 39.77 4.20 -21.74
N HIS E 412 40.04 3.55 -22.87
CA HIS E 412 41.38 3.59 -23.45
C HIS E 412 41.74 5.00 -23.90
N ARG E 413 40.79 5.72 -24.48
CA ARG E 413 41.07 7.07 -24.97
C ARG E 413 41.43 8.02 -23.83
N ARG E 414 40.72 7.92 -22.71
CA ARG E 414 40.99 8.78 -21.56
C ARG E 414 42.22 8.30 -20.80
N TRP F 1 17.56 51.02 27.74
CA TRP F 1 17.99 49.64 27.93
C TRP F 1 19.26 49.58 28.76
N ALA F 3 22.21 46.92 27.93
CA ALA F 3 23.18 46.69 26.87
C ALA F 3 22.56 47.02 25.53
N CYS F 5 21.48 50.69 23.00
CA CYS F 5 20.74 51.94 23.14
C CYS F 5 21.10 52.73 24.42
N ALA F 7 18.17 53.61 26.53
CA ALA F 7 17.03 53.37 27.42
C ALA F 7 17.29 52.17 28.33
N TRP G 1 13.46 32.13 -1.47
CA TRP G 1 12.62 31.59 -2.52
C TRP G 1 11.87 32.69 -3.25
N ALA G 3 8.11 32.32 -4.35
CA ALA G 3 6.84 32.25 -3.62
C ALA G 3 7.02 31.40 -2.37
N CYS G 5 8.57 31.88 1.89
CA CYS G 5 9.81 32.29 2.55
C CYS G 5 10.36 33.62 1.99
N ALA G 7 13.96 33.63 0.88
CA ALA G 7 15.03 33.27 -0.06
C ALA G 7 14.48 32.98 -1.45
N TRP H 1 -3.00 3.49 9.86
CA TRP H 1 -3.11 2.12 10.33
C TRP H 1 -2.38 1.92 11.65
N ALA H 3 0.14 -1.09 11.95
CA ALA H 3 1.42 -1.52 11.41
C ALA H 3 1.44 -1.28 9.90
N CYS H 5 1.97 2.21 6.96
CA CYS H 5 1.40 3.53 6.70
C CYS H 5 1.41 4.44 7.92
N ALA H 7 -1.92 5.89 8.88
CA ALA H 7 -3.28 5.83 9.40
C ALA H 7 -3.49 4.63 10.33
N ARG I 13 34.67 -25.26 -46.76
CA ARG I 13 35.74 -25.17 -45.79
C ARG I 13 35.27 -25.64 -44.42
N ARG I 14 36.05 -26.55 -43.81
CA ARG I 14 35.71 -27.11 -42.52
C ARG I 14 36.72 -26.68 -41.47
N PRO I 15 36.31 -26.54 -40.21
CA PRO I 15 37.26 -26.12 -39.17
C PRO I 15 38.20 -27.26 -38.80
N THR I 16 39.38 -26.88 -38.30
CA THR I 16 40.38 -27.87 -37.89
C THR I 16 40.05 -28.51 -36.56
N ARG I 17 39.21 -27.89 -35.73
CA ARG I 17 38.85 -28.42 -34.43
C ARG I 17 37.35 -28.47 -34.29
N ARG I 18 36.86 -29.41 -33.48
CA ARG I 18 35.44 -29.53 -33.22
C ARG I 18 34.94 -28.32 -32.45
N LEU I 19 33.78 -27.80 -32.84
CA LEU I 19 33.19 -26.62 -32.23
C LEU I 19 31.81 -26.96 -31.69
N LYS I 20 31.17 -25.97 -31.05
CA LYS I 20 29.84 -26.14 -30.52
C LYS I 20 28.85 -26.41 -31.64
N GLN I 21 28.01 -27.43 -31.45
CA GLN I 21 27.01 -27.79 -32.44
C GLN I 21 25.74 -27.00 -32.19
N MET I 22 25.30 -26.24 -33.20
CA MET I 22 24.12 -25.39 -33.09
C MET I 22 22.96 -26.12 -33.74
N HIS I 23 22.30 -26.98 -32.97
CA HIS I 23 21.25 -27.84 -33.50
C HIS I 23 20.06 -27.03 -33.98
N TRP I 24 19.35 -27.58 -34.97
CA TRP I 24 18.13 -26.99 -35.49
C TRP I 24 17.06 -28.07 -35.54
N GLU I 25 15.86 -27.68 -35.97
CA GLU I 25 14.74 -28.60 -36.13
C GLU I 25 14.67 -29.19 -37.55
N LYS I 26 15.54 -28.75 -38.45
CA LYS I 26 15.50 -29.09 -39.86
C LYS I 26 14.23 -28.51 -40.48
N LEU I 27 13.92 -28.89 -41.71
CA LEU I 27 12.73 -28.38 -42.40
C LEU I 27 11.63 -29.44 -42.36
N ASN I 28 10.40 -29.00 -42.12
CA ASN I 28 9.26 -29.90 -42.10
C ASN I 28 9.13 -30.61 -43.44
N SER I 29 9.18 -31.93 -43.42
CA SER I 29 9.20 -32.79 -44.61
C SER I 29 10.42 -32.39 -45.43
N GLY I 30 10.28 -31.83 -46.64
CA GLY I 30 11.41 -31.55 -47.48
C GLY I 30 11.39 -30.12 -48.01
N LEU I 31 12.34 -29.83 -48.90
CA LEU I 31 12.43 -28.50 -49.50
C LEU I 31 11.51 -28.37 -50.71
N GLU I 32 10.23 -28.75 -50.53
CA GLU I 32 9.33 -28.82 -51.68
C GLU I 32 8.88 -27.45 -52.14
N PHE I 33 8.50 -26.57 -51.21
CA PHE I 33 7.99 -25.25 -51.55
C PHE I 33 8.72 -24.10 -50.88
N THR I 34 9.60 -24.37 -49.91
CA THR I 34 10.25 -23.33 -49.14
C THR I 34 11.24 -22.54 -49.99
N PHE I 35 11.61 -21.34 -49.53
CA PHE I 35 12.52 -20.47 -50.26
C PHE I 35 13.96 -20.95 -50.21
N TRP I 36 14.28 -21.92 -49.36
CA TRP I 36 15.63 -22.46 -49.33
C TRP I 36 15.99 -23.13 -50.66
N THR I 37 14.99 -23.59 -51.40
CA THR I 37 15.25 -24.26 -52.68
C THR I 37 15.84 -23.29 -53.71
N GLY I 38 15.36 -22.06 -53.75
CA GLY I 38 15.79 -21.10 -54.74
C GLY I 38 17.27 -20.79 -54.65
N PRO I 39 18.00 -21.05 -55.74
CA PRO I 39 19.45 -20.77 -55.77
C PRO I 39 19.75 -19.35 -56.27
N SER I 40 19.27 -18.36 -55.54
CA SER I 40 19.48 -16.98 -55.93
C SER I 40 20.94 -16.59 -55.78
N ASP I 41 21.40 -15.67 -56.64
CA ASP I 41 22.77 -15.19 -56.57
C ASP I 41 23.06 -14.43 -55.28
N GLU I 42 22.02 -13.94 -54.60
CA GLU I 42 22.22 -13.28 -53.32
C GLU I 42 22.77 -14.24 -52.27
N ALA I 43 22.31 -15.48 -52.30
CA ALA I 43 22.86 -16.48 -51.37
C ALA I 43 24.30 -16.84 -51.72
N ASN I 44 24.65 -16.83 -53.01
CA ASN I 44 26.00 -17.22 -53.42
C ASN I 44 27.05 -16.24 -52.89
N LYS I 45 26.78 -14.94 -52.97
CA LYS I 45 27.77 -13.96 -52.54
C LYS I 45 27.99 -13.99 -51.03
N ILE I 46 27.03 -14.49 -50.25
CA ILE I 46 27.23 -14.64 -48.83
C ILE I 46 28.30 -15.70 -48.55
N LEU I 47 28.27 -16.81 -49.28
CA LEU I 47 29.24 -17.88 -49.08
C LEU I 47 30.66 -17.40 -49.39
N GLU I 48 30.84 -16.65 -50.49
CA GLU I 48 32.16 -16.17 -50.84
C GLU I 48 32.64 -15.08 -49.88
N THR I 49 31.72 -14.24 -49.39
CA THR I 49 32.11 -13.22 -48.42
C THR I 49 32.55 -13.84 -47.10
N LEU I 50 31.81 -14.86 -46.62
CA LEU I 50 32.18 -15.52 -45.39
C LEU I 50 33.50 -16.27 -45.53
N HIS I 51 33.73 -16.90 -46.68
CA HIS I 51 34.97 -17.63 -46.90
C HIS I 51 36.19 -16.71 -46.92
N THR I 52 35.99 -15.42 -47.19
CA THR I 52 37.09 -14.46 -47.21
C THR I 52 37.15 -13.60 -45.96
N SER I 53 36.01 -13.32 -45.32
CA SER I 53 36.01 -12.51 -44.12
C SER I 53 36.65 -13.26 -42.96
N GLY I 54 37.23 -12.50 -42.03
CA GLY I 54 37.86 -13.08 -40.87
C GLY I 54 36.88 -13.50 -39.79
N VAL I 55 35.93 -14.36 -40.16
CA VAL I 55 34.89 -14.84 -39.25
C VAL I 55 35.09 -16.31 -38.91
N LEU I 56 35.34 -17.14 -39.93
CA LEU I 56 35.52 -18.57 -39.72
C LEU I 56 36.75 -18.85 -38.85
N ASP I 57 37.79 -18.05 -39.01
CA ASP I 57 38.99 -18.20 -38.18
C ASP I 57 38.69 -17.93 -36.72
N GLU I 58 37.88 -16.90 -36.44
CA GLU I 58 37.55 -16.56 -35.06
C GLU I 58 36.69 -17.63 -34.40
N LEU I 59 35.87 -18.34 -35.18
CA LEU I 59 34.98 -19.36 -34.60
C LEU I 59 35.78 -20.50 -33.99
N ASP I 60 36.88 -20.91 -34.64
CA ASP I 60 37.66 -22.03 -34.13
C ASP I 60 38.29 -21.70 -32.79
N GLU I 61 38.78 -20.48 -32.61
CA GLU I 61 39.48 -20.13 -31.38
C GLU I 61 38.52 -20.00 -30.20
N SER I 62 37.39 -19.32 -30.41
CA SER I 62 36.50 -18.98 -29.30
C SER I 62 35.49 -20.07 -28.98
N PHE I 63 34.96 -20.74 -30.00
CA PHE I 63 33.86 -21.68 -29.82
C PHE I 63 34.32 -23.14 -29.82
N ALA I 64 35.52 -23.41 -29.33
CA ALA I 64 36.00 -24.79 -29.20
C ALA I 64 35.39 -25.42 -27.95
N MET I 65 34.80 -26.60 -28.12
CA MET I 65 34.16 -27.27 -27.00
C MET I 65 35.20 -27.80 -26.02
N LYS I 66 34.79 -27.92 -24.75
CA LYS I 66 35.71 -28.29 -23.67
C LYS I 66 35.78 -29.82 -23.55
N GLU I 67 36.23 -30.44 -24.65
CA GLU I 67 36.44 -31.89 -24.75
C GLU I 67 35.16 -32.59 -24.29
N ALA I 68 35.25 -33.63 -23.46
CA ALA I 68 34.05 -34.31 -22.95
C ALA I 68 34.03 -34.47 -21.44
N LYS I 69 35.16 -34.63 -20.77
CA LYS I 69 35.24 -34.80 -19.32
C LYS I 69 34.33 -35.94 -18.85
N THR I 70 34.65 -37.14 -19.31
CA THR I 70 33.90 -38.32 -18.92
C THR I 70 34.14 -38.64 -17.44
N LEU I 71 33.10 -39.11 -16.78
CA LEU I 71 33.18 -39.44 -15.36
C LEU I 71 32.28 -40.63 -15.04
N THR I 79 27.53 -58.22 -16.27
CA THR I 79 26.86 -59.53 -16.26
C THR I 79 25.78 -59.56 -15.19
N ASP I 80 24.82 -58.65 -15.30
CA ASP I 80 23.71 -58.56 -14.35
C ASP I 80 22.48 -59.21 -14.97
N TYR I 81 22.14 -60.40 -14.48
CA TYR I 81 20.89 -61.06 -14.86
C TYR I 81 19.67 -60.36 -14.28
N MET I 82 19.88 -59.45 -13.33
CA MET I 82 18.79 -58.81 -12.61
C MET I 82 18.09 -57.80 -13.51
N SER I 83 16.77 -57.70 -13.34
CA SER I 83 15.97 -56.80 -14.17
C SER I 83 16.33 -55.35 -13.86
N SER I 84 16.43 -54.53 -14.90
CA SER I 84 16.80 -53.13 -14.77
C SER I 84 15.76 -52.36 -13.94
N GLU I 85 14.48 -52.65 -14.17
CA GLU I 85 13.42 -51.98 -13.41
C GLU I 85 13.51 -52.30 -11.92
N LEU I 86 13.74 -53.58 -11.58
CA LEU I 86 13.71 -53.99 -10.18
C LEU I 86 14.94 -53.49 -9.43
N GLN I 87 16.03 -53.18 -10.15
CA GLN I 87 17.21 -52.64 -9.51
C GLN I 87 16.91 -51.31 -8.83
N LYS I 88 16.13 -50.46 -9.49
CA LYS I 88 15.77 -49.17 -8.91
C LYS I 88 14.94 -49.34 -7.65
N LEU I 89 14.03 -50.31 -7.64
CA LEU I 89 13.16 -50.52 -6.48
C LEU I 89 13.94 -50.97 -5.26
N PHE I 90 14.86 -51.93 -5.44
CA PHE I 90 15.57 -52.49 -4.31
C PHE I 90 16.42 -51.45 -3.60
N GLY I 91 17.11 -50.60 -4.36
CA GLY I 91 17.93 -49.57 -3.74
C GLY I 91 17.10 -48.55 -2.98
N ILE I 92 15.86 -48.35 -3.42
CA ILE I 92 14.99 -47.38 -2.77
C ILE I 92 14.54 -47.88 -1.40
N HIS I 93 14.15 -49.14 -1.31
CA HIS I 93 13.63 -49.67 -0.05
C HIS I 93 14.75 -49.89 0.97
N PHE I 94 15.89 -50.38 0.52
CA PHE I 94 17.02 -50.69 1.39
C PHE I 94 18.08 -49.59 1.37
N HIS I 95 17.66 -48.33 1.23
CA HIS I 95 18.62 -47.23 1.22
C HIS I 95 19.31 -47.08 2.57
N LYS I 96 18.67 -47.53 3.65
CA LYS I 96 19.26 -47.42 4.98
C LYS I 96 20.47 -48.30 5.18
N LEU I 97 20.67 -49.31 4.33
CA LEU I 97 21.77 -50.26 4.50
C LEU I 97 22.74 -50.19 3.32
N SER I 98 22.98 -48.98 2.80
CA SER I 98 23.93 -48.83 1.70
C SER I 98 25.35 -49.19 2.14
N HIS I 99 25.72 -48.79 3.36
CA HIS I 99 27.07 -49.02 3.87
C HIS I 99 27.30 -50.44 4.35
N LYS I 100 26.26 -51.26 4.44
CA LYS I 100 26.39 -52.63 4.92
C LYS I 100 26.52 -53.60 3.76
N ASN I 101 27.41 -54.58 3.92
CA ASN I 101 27.63 -55.59 2.91
C ASN I 101 26.43 -56.54 2.83
N PRO I 102 26.27 -57.23 1.69
CA PRO I 102 25.16 -58.20 1.59
C PRO I 102 25.20 -59.29 2.65
N ASN I 103 26.38 -59.64 3.16
CA ASN I 103 26.44 -60.62 4.24
C ASN I 103 25.79 -60.07 5.50
N GLU I 104 25.92 -58.77 5.76
CA GLU I 104 25.24 -58.18 6.91
C GLU I 104 23.74 -58.10 6.67
N ILE I 105 23.32 -57.74 5.45
CA ILE I 105 21.89 -57.61 5.17
C ILE I 105 21.23 -58.99 5.19
N ILE I 106 21.98 -60.04 4.87
CA ILE I 106 21.41 -61.38 4.87
C ILE I 106 21.10 -61.85 6.29
N ARG I 107 21.78 -61.27 7.28
CA ARG I 107 21.62 -61.75 8.65
C ARG I 107 20.59 -60.95 9.42
N MET I 108 20.61 -59.62 9.29
CA MET I 108 19.76 -58.77 10.11
C MET I 108 18.28 -59.03 9.84
N ILE I 109 17.91 -59.27 8.58
CA ILE I 109 16.52 -59.49 8.25
C ILE I 109 16.00 -60.77 8.90
N LEU I 110 16.85 -61.80 9.01
CA LEU I 110 16.40 -63.08 9.53
C LEU I 110 16.09 -63.06 11.01
N HIS I 111 16.56 -62.06 11.76
CA HIS I 111 16.12 -61.91 13.14
C HIS I 111 14.72 -61.34 13.26
N CYS I 112 14.11 -60.91 12.15
CA CYS I 112 12.81 -60.24 12.17
C CYS I 112 12.84 -59.03 13.11
N ASP I 113 13.92 -58.25 12.99
CA ASP I 113 14.14 -57.11 13.87
C ASP I 113 13.10 -56.03 13.63
N ASP I 114 12.83 -55.26 14.68
CA ASP I 114 11.88 -54.16 14.58
C ASP I 114 12.32 -53.09 13.60
N SER I 115 13.62 -52.97 13.35
CA SER I 115 14.13 -51.97 12.42
C SER I 115 13.84 -52.31 10.96
N MET I 116 13.39 -53.52 10.66
CA MET I 116 13.11 -53.95 9.30
C MET I 116 11.68 -54.46 9.18
N ASN I 117 10.75 -53.84 9.93
CA ASN I 117 9.34 -54.21 9.81
C ASN I 117 8.72 -53.66 8.53
N GLU I 118 9.25 -52.56 7.99
CA GLU I 118 8.65 -51.95 6.81
C GLU I 118 9.25 -52.48 5.52
N CYS I 119 10.54 -52.81 5.52
CA CYS I 119 11.20 -53.27 4.31
C CYS I 119 10.80 -54.68 3.92
N VAL I 120 10.49 -55.54 4.90
CA VAL I 120 10.06 -56.89 4.59
C VAL I 120 8.71 -56.91 3.87
N GLU I 121 7.91 -55.85 4.02
CA GLU I 121 6.66 -55.76 3.29
C GLU I 121 6.90 -55.71 1.79
N PHE I 122 7.93 -54.98 1.37
CA PHE I 122 8.24 -54.89 -0.06
C PHE I 122 8.65 -56.24 -0.62
N LEU I 123 9.40 -57.03 0.15
CA LEU I 123 9.85 -58.34 -0.30
C LEU I 123 8.70 -59.33 -0.45
N SER I 124 7.54 -59.08 0.15
CA SER I 124 6.40 -59.97 0.04
C SER I 124 5.46 -59.62 -1.10
N SER I 125 5.73 -58.53 -1.81
CA SER I 125 4.87 -58.13 -2.92
C SER I 125 5.05 -59.08 -4.12
N ASP I 126 4.06 -59.07 -5.00
CA ASP I 126 4.10 -59.94 -6.18
C ASP I 126 5.18 -59.52 -7.17
N LYS I 127 5.55 -58.24 -7.20
CA LYS I 127 6.56 -57.78 -8.16
C LYS I 127 7.89 -58.47 -7.93
N VAL I 128 8.32 -58.58 -6.67
CA VAL I 128 9.57 -59.25 -6.37
C VAL I 128 9.44 -60.76 -6.58
N LEU I 129 8.32 -61.34 -6.16
CA LEU I 129 8.16 -62.78 -6.22
C LEU I 129 7.97 -63.28 -7.64
N ASN I 130 7.13 -62.61 -8.42
CA ASN I 130 6.79 -63.08 -9.77
C ASN I 130 7.86 -62.60 -10.75
N GLN I 131 8.98 -63.31 -10.75
CA GLN I 131 10.09 -63.08 -11.68
C GLN I 131 10.53 -64.41 -12.25
N PRO I 132 9.72 -65.03 -13.12
CA PRO I 132 10.07 -66.36 -13.62
C PRO I 132 11.39 -66.41 -14.37
N LYS I 133 11.72 -65.37 -15.13
CA LYS I 133 12.98 -65.36 -15.86
C LYS I 133 14.16 -65.17 -14.93
N LEU I 134 14.02 -64.29 -13.93
CA LEU I 134 15.11 -64.03 -13.00
C LEU I 134 15.41 -65.26 -12.15
N LYS I 135 14.37 -65.98 -11.72
CA LYS I 135 14.58 -67.16 -10.89
C LYS I 135 15.35 -68.25 -11.64
N ALA I 136 15.03 -68.45 -12.92
CA ALA I 136 15.71 -69.48 -13.70
C ALA I 136 17.19 -69.18 -13.84
N ASP I 137 17.53 -67.91 -14.09
CA ASP I 137 18.94 -67.53 -14.25
C ASP I 137 19.71 -67.74 -12.95
N LEU I 138 19.09 -67.42 -11.81
CA LEU I 138 19.73 -67.55 -10.51
C LEU I 138 19.62 -68.95 -9.93
N GLU I 139 18.92 -69.86 -10.62
CA GLU I 139 18.79 -71.22 -10.13
C GLU I 139 20.12 -71.95 -9.96
N PRO I 140 21.05 -71.91 -10.93
CA PRO I 140 22.34 -72.60 -10.70
C PRO I 140 23.12 -72.06 -9.51
N TYR I 141 22.90 -70.80 -9.13
CA TYR I 141 23.64 -70.20 -8.02
C TYR I 141 23.00 -70.47 -6.67
N ARG I 142 21.84 -71.11 -6.62
CA ARG I 142 21.17 -71.35 -5.36
C ARG I 142 21.89 -72.44 -4.57
N ILE I 143 21.66 -72.44 -3.26
CA ILE I 143 22.19 -73.45 -2.35
C ILE I 143 21.03 -74.30 -1.86
N ASP I 144 21.15 -75.61 -2.04
CA ASP I 144 20.08 -76.54 -1.64
C ASP I 144 20.08 -76.65 -0.12
N TRP I 145 19.50 -75.64 0.53
CA TRP I 145 19.48 -75.60 1.98
C TRP I 145 18.47 -76.58 2.57
N ALA I 146 17.53 -77.08 1.78
CA ALA I 146 16.56 -78.04 2.29
C ALA I 146 17.24 -79.33 2.74
N ASN I 147 18.21 -79.80 1.98
CA ASN I 147 18.95 -81.02 2.32
C ASN I 147 20.41 -80.82 1.95
N GLY I 148 21.29 -80.99 2.94
CA GLY I 148 22.73 -80.90 2.74
C GLY I 148 23.30 -79.50 2.89
N GLY I 149 22.58 -78.49 2.41
CA GLY I 149 23.09 -77.13 2.45
C GLY I 149 24.31 -76.91 1.59
N ASP I 150 24.31 -77.45 0.37
CA ASP I 150 25.44 -77.34 -0.54
C ASP I 150 24.97 -76.79 -1.87
N LEU I 151 25.91 -76.17 -2.58
CA LEU I 151 25.61 -75.57 -3.88
C LEU I 151 25.24 -76.66 -4.89
N VAL I 152 24.21 -76.38 -5.69
CA VAL I 152 23.73 -77.37 -6.65
C VAL I 152 24.80 -77.65 -7.70
N ASN I 153 25.43 -76.61 -8.22
CA ASN I 153 26.45 -76.73 -9.26
C ASN I 153 27.84 -76.82 -8.63
N SER I 154 28.86 -76.91 -9.49
CA SER I 154 30.21 -77.13 -9.03
C SER I 154 30.83 -75.88 -8.43
N GLU I 155 31.06 -74.84 -9.24
CA GLU I 155 31.74 -73.66 -8.72
C GLU I 155 30.76 -72.52 -8.44
N LYS I 156 30.09 -72.02 -9.49
CA LYS I 156 29.06 -70.99 -9.39
C LYS I 156 29.34 -69.95 -8.31
N ASP I 157 30.49 -69.27 -8.40
CA ASP I 157 30.87 -68.32 -7.37
C ASP I 157 29.86 -67.19 -7.26
N ALA I 158 29.46 -66.87 -6.03
CA ALA I 158 28.50 -65.80 -5.78
C ALA I 158 29.16 -64.43 -5.71
N SER I 159 30.49 -64.38 -5.65
CA SER I 159 31.17 -63.08 -5.63
C SER I 159 31.00 -62.34 -6.96
N GLU I 160 30.89 -63.07 -8.07
CA GLU I 160 30.69 -62.44 -9.37
C GLU I 160 29.35 -61.74 -9.45
N LEU I 161 28.37 -62.19 -8.65
CA LEU I 161 27.07 -61.56 -8.65
C LEU I 161 27.15 -60.14 -8.08
N SER I 162 26.22 -59.30 -8.52
CA SER I 162 26.18 -57.92 -8.04
C SER I 162 25.69 -57.87 -6.60
N ARG I 163 25.56 -56.66 -6.07
CA ARG I 163 25.18 -56.48 -4.68
C ARG I 163 23.78 -57.01 -4.42
N TRP I 164 22.81 -56.59 -5.24
CA TRP I 164 21.43 -57.04 -5.05
C TRP I 164 21.20 -58.45 -5.56
N ASP I 165 21.98 -58.89 -6.55
CA ASP I 165 21.83 -60.26 -7.06
C ASP I 165 22.15 -61.28 -5.98
N TYR I 166 23.19 -61.04 -5.18
CA TYR I 166 23.52 -61.92 -4.07
C TYR I 166 22.38 -61.97 -3.07
N LEU I 167 21.71 -60.84 -2.84
CA LEU I 167 20.59 -60.80 -1.91
C LEU I 167 19.41 -61.64 -2.41
N TYR I 168 19.08 -61.51 -3.70
CA TYR I 168 17.86 -62.11 -4.21
C TYR I 168 17.96 -63.64 -4.23
N VAL I 169 19.07 -64.17 -4.75
CA VAL I 169 19.19 -65.62 -4.88
C VAL I 169 19.24 -66.29 -3.52
N ARG I 170 19.86 -65.64 -2.53
CA ARG I 170 19.99 -66.23 -1.20
C ARG I 170 18.72 -66.12 -0.37
N LEU I 171 17.80 -65.23 -0.74
CA LEU I 171 16.57 -65.04 0.02
C LEU I 171 15.35 -65.57 -0.72
N ILE I 172 15.16 -65.14 -1.97
CA ILE I 172 13.97 -65.56 -2.71
C ILE I 172 14.15 -66.95 -3.29
N VAL I 173 15.22 -67.17 -4.07
CA VAL I 173 15.42 -68.46 -4.71
C VAL I 173 15.78 -69.53 -3.67
N ASP I 174 16.69 -69.19 -2.74
CA ASP I 174 17.18 -70.19 -1.79
C ASP I 174 16.09 -70.63 -0.82
N LEU I 175 15.38 -69.66 -0.25
CA LEU I 175 14.39 -69.94 0.79
C LEU I 175 12.97 -70.01 0.23
N GLY I 176 12.82 -70.12 -1.08
CA GLY I 176 11.50 -70.14 -1.71
C GLY I 176 10.61 -71.28 -1.28
N GLY I 177 11.18 -72.35 -0.71
CA GLY I 177 10.35 -73.44 -0.23
C GLY I 177 9.44 -73.01 0.92
N TYR I 178 9.97 -72.20 1.83
CA TYR I 178 9.21 -71.73 2.98
C TYR I 178 9.15 -70.21 3.08
N TRP I 179 9.51 -69.48 2.02
CA TRP I 179 9.50 -68.02 2.09
C TRP I 179 8.09 -67.47 2.25
N ASN I 180 7.17 -67.93 1.39
CA ASN I 180 5.81 -67.41 1.42
C ASN I 180 5.12 -67.71 2.75
N GLN I 181 5.32 -68.93 3.27
CA GLN I 181 4.76 -69.27 4.57
C GLN I 181 5.35 -68.41 5.68
N ARG I 182 6.67 -68.15 5.62
CA ARG I 182 7.30 -67.30 6.63
C ARG I 182 6.81 -65.86 6.51
N MET I 183 6.65 -65.36 5.28
CA MET I 183 6.06 -64.03 5.10
C MET I 183 4.64 -63.98 5.63
N ASN I 184 3.87 -65.04 5.40
CA ASN I 184 2.50 -65.08 5.91
C ASN I 184 2.47 -64.99 7.44
N ALA I 185 3.40 -65.70 8.09
CA ALA I 185 3.50 -65.61 9.55
C ALA I 185 3.89 -64.22 10.01
N LEU I 186 4.58 -63.45 9.17
CA LEU I 186 4.97 -62.08 9.52
C LEU I 186 3.94 -61.04 9.08
N LYS I 187 3.23 -61.28 7.97
CA LYS I 187 2.15 -60.38 7.59
C LYS I 187 1.03 -60.41 8.63
N VAL I 188 0.67 -61.61 9.11
CA VAL I 188 -0.32 -61.74 10.16
C VAL I 188 0.21 -61.16 11.47
N LYS I 189 1.53 -61.14 11.64
CA LYS I 189 2.13 -60.64 12.87
C LYS I 189 1.79 -59.17 13.10
N ASN I 190 1.91 -58.34 12.06
CA ASN I 190 1.75 -56.91 12.25
C ASN I 190 0.28 -56.52 12.42
N ILE I 191 -0.62 -57.13 11.64
CA ILE I 191 -2.02 -56.72 11.67
C ILE I 191 -2.65 -57.02 13.02
N ILE I 192 -2.41 -58.22 13.56
CA ILE I 192 -3.02 -58.60 14.83
C ILE I 192 -2.51 -57.72 15.96
N GLU I 193 -1.23 -57.34 15.92
CA GLU I 193 -0.64 -56.59 17.02
C GLU I 193 -1.27 -55.22 17.19
N THR I 194 -1.80 -54.63 16.12
CA THR I 194 -2.31 -53.27 16.16
C THR I 194 -3.81 -53.18 15.92
N ASN I 195 -4.41 -54.18 15.24
CA ASN I 195 -5.84 -54.07 14.94
C ASN I 195 -6.70 -54.68 16.03
N TYR I 196 -6.14 -55.56 16.86
CA TYR I 196 -6.94 -56.24 17.88
C TYR I 196 -7.38 -55.27 18.97
N GLU I 197 -6.55 -54.26 19.27
CA GLU I 197 -6.93 -53.28 20.28
C GLU I 197 -8.14 -52.47 19.84
N ASN I 198 -8.13 -52.01 18.59
CA ASN I 198 -9.24 -51.20 18.09
C ASN I 198 -10.47 -52.04 17.79
N LEU I 199 -10.30 -53.27 17.31
CA LEU I 199 -11.44 -54.11 16.95
C LEU I 199 -12.30 -54.41 18.18
N VAL I 200 -11.67 -54.62 19.34
CA VAL I 200 -12.43 -54.82 20.57
C VAL I 200 -13.22 -53.57 20.92
N ARG I 201 -12.65 -52.40 20.65
CA ARG I 201 -13.37 -51.15 20.89
C ARG I 201 -14.60 -51.04 20.00
N GLN I 202 -14.49 -51.45 18.73
CA GLN I 202 -15.61 -51.33 17.81
C GLN I 202 -16.78 -52.22 18.22
N THR I 203 -16.50 -53.48 18.55
CA THR I 203 -17.59 -54.41 18.86
C THR I 203 -18.28 -54.07 20.16
N LYS I 204 -17.57 -53.47 21.12
CA LYS I 204 -18.21 -53.04 22.35
C LYS I 204 -19.17 -51.88 22.12
N LEU I 205 -18.79 -50.96 21.23
CA LEU I 205 -19.64 -49.79 20.97
C LEU I 205 -20.93 -50.20 20.28
N ILE I 206 -20.85 -51.06 19.26
CA ILE I 206 -22.05 -51.46 18.53
C ILE I 206 -22.99 -52.24 19.43
N GLY I 207 -22.45 -53.17 20.22
CA GLY I 207 -23.29 -53.92 21.15
C GLY I 207 -23.94 -53.05 22.20
N ARG I 208 -23.18 -52.07 22.73
CA ARG I 208 -23.74 -51.13 23.68
C ARG I 208 -24.83 -50.28 23.04
N ALA I 209 -24.61 -49.84 21.80
CA ALA I 209 -25.60 -49.02 21.10
C ALA I 209 -26.89 -49.79 20.87
N ALA I 210 -26.78 -51.05 20.46
CA ALA I 210 -27.98 -51.86 20.24
C ALA I 210 -28.72 -52.10 21.55
N LEU I 211 -27.99 -52.36 22.64
CA LEU I 211 -28.64 -52.53 23.94
C LEU I 211 -29.25 -51.21 24.42
N GLU I 212 -28.55 -50.10 24.20
CA GLU I 212 -29.07 -48.80 24.62
C GLU I 212 -30.37 -48.46 23.91
N LEU I 213 -30.43 -48.72 22.59
CA LEU I 213 -31.66 -48.47 21.85
C LEU I 213 -32.79 -49.37 22.32
N ARG I 214 -32.49 -50.63 22.60
CA ARG I 214 -33.52 -51.56 23.04
C ARG I 214 -34.04 -51.21 24.44
N ASP I 215 -33.17 -50.71 25.31
CA ASP I 215 -33.53 -50.40 26.70
C ASP I 215 -33.79 -48.92 26.91
N SER I 216 -34.38 -48.24 25.92
CA SER I 216 -34.68 -46.81 26.00
C SER I 216 -36.18 -46.61 25.90
N LYS I 217 -36.79 -46.13 26.99
CA LYS I 217 -38.21 -45.83 26.98
C LYS I 217 -38.52 -44.56 26.18
N VAL I 218 -37.61 -43.58 26.20
CA VAL I 218 -37.85 -42.33 25.48
C VAL I 218 -38.06 -42.58 24.00
N PHE I 219 -37.29 -43.50 23.42
CA PHE I 219 -37.44 -43.81 22.01
C PHE I 219 -38.78 -44.55 21.78
N LYS I 220 -39.09 -45.52 22.64
CA LYS I 220 -40.35 -46.25 22.50
C LYS I 220 -41.54 -45.32 22.67
N GLY I 221 -41.51 -44.43 23.66
CA GLY I 221 -42.62 -43.52 23.87
C GLY I 221 -42.83 -42.56 22.72
N LEU I 222 -41.74 -42.10 22.11
CA LEU I 222 -41.85 -41.20 20.96
C LEU I 222 -42.51 -41.89 19.78
N LEU I 223 -42.16 -43.17 19.55
CA LEU I 223 -42.78 -43.92 18.45
C LEU I 223 -44.27 -44.10 18.68
N TYR I 224 -44.67 -44.36 19.93
CA TYR I 224 -46.09 -44.53 20.24
C TYR I 224 -46.88 -43.25 19.94
N LEU I 225 -46.30 -42.09 20.27
CA LEU I 225 -46.96 -40.83 19.95
C LEU I 225 -47.09 -40.65 18.44
N ILE I 226 -46.04 -41.02 17.69
CA ILE I 226 -46.10 -40.92 16.23
C ILE I 226 -47.16 -41.85 15.67
N LEU I 227 -47.22 -43.09 16.16
CA LEU I 227 -48.20 -44.04 15.67
C LEU I 227 -49.63 -43.58 15.94
N TYR I 228 -49.89 -43.09 17.16
CA TYR I 228 -51.23 -42.59 17.48
C TYR I 228 -51.59 -41.37 16.65
N LEU I 229 -50.63 -40.45 16.47
CA LEU I 229 -50.87 -39.28 15.62
C LEU I 229 -51.04 -39.70 14.16
N GLY I 230 -50.26 -40.69 13.71
CA GLY I 230 -50.38 -41.14 12.34
C GLY I 230 -51.71 -41.82 12.06
N ASN I 231 -52.20 -42.60 13.02
CA ASN I 231 -53.47 -43.30 12.83
C ASN I 231 -54.66 -42.35 12.80
N TYR I 232 -54.53 -41.16 13.40
CA TYR I 232 -55.62 -40.20 13.40
C TYR I 232 -55.94 -39.72 11.98
N MET I 233 -54.89 -39.37 11.21
CA MET I 233 -55.10 -38.87 9.87
C MET I 233 -55.35 -40.00 8.86
N ASN I 234 -54.84 -41.20 9.13
CA ASN I 234 -54.96 -42.30 8.19
C ASN I 234 -56.40 -42.78 8.09
N ASP I 235 -56.71 -43.43 6.97
CA ASP I 235 -58.05 -43.95 6.73
C ASP I 235 -58.35 -45.11 7.67
N TYR I 236 -59.64 -45.41 7.81
CA TYR I 236 -60.07 -46.50 8.69
C TYR I 236 -59.57 -47.85 8.20
N VAL I 237 -59.37 -47.99 6.89
CA VAL I 237 -58.90 -49.26 6.33
C VAL I 237 -57.40 -49.45 6.47
N ARG I 238 -56.67 -48.41 6.87
CA ARG I 238 -55.22 -48.47 7.02
C ARG I 238 -54.81 -48.08 8.44
N GLN I 239 -55.59 -48.51 9.43
CA GLN I 239 -55.31 -48.22 10.83
C GLN I 239 -54.37 -49.29 11.41
N ALA I 240 -53.13 -49.24 10.94
CA ALA I 240 -52.12 -50.19 11.38
C ALA I 240 -51.68 -49.90 12.80
N LYS I 241 -51.37 -50.96 13.55
CA LYS I 241 -50.92 -50.87 14.92
C LYS I 241 -49.40 -50.88 15.04
N GLY I 242 -48.68 -50.89 13.92
CA GLY I 242 -47.23 -50.90 13.96
C GLY I 242 -46.65 -50.55 12.61
N PHE I 243 -45.40 -50.10 12.64
CA PHE I 243 -44.70 -49.71 11.42
C PHE I 243 -43.21 -49.89 11.62
N ALA I 244 -42.49 -49.98 10.51
CA ALA I 244 -41.05 -50.16 10.54
C ALA I 244 -40.34 -48.83 10.78
N ILE I 245 -39.05 -48.92 11.15
CA ILE I 245 -38.25 -47.73 11.38
C ILE I 245 -38.06 -46.95 10.09
N GLY I 246 -37.95 -47.65 8.96
CA GLY I 246 -37.77 -47.01 7.67
C GLY I 246 -38.92 -46.14 7.22
N SER I 247 -40.07 -46.20 7.89
CA SER I 247 -41.21 -45.37 7.57
C SER I 247 -41.12 -43.98 8.19
N LEU I 248 -40.09 -43.71 8.98
CA LEU I 248 -39.93 -42.40 9.62
C LEU I 248 -39.48 -41.32 8.65
N GLN I 249 -39.08 -41.67 7.44
CA GLN I 249 -38.62 -40.69 6.47
C GLN I 249 -39.75 -39.98 5.76
N ARG I 250 -41.00 -40.40 5.97
CA ARG I 250 -42.14 -39.75 5.33
C ARG I 250 -42.54 -38.44 6.00
N LEU I 251 -42.08 -38.21 7.24
CA LEU I 251 -42.45 -36.98 7.95
C LEU I 251 -41.97 -35.72 7.26
N PRO I 252 -40.70 -35.59 6.84
CA PRO I 252 -40.29 -34.36 6.15
C PRO I 252 -40.93 -34.16 4.79
N LEU I 253 -41.49 -35.22 4.19
CA LEU I 253 -42.04 -35.14 2.85
C LEU I 253 -43.48 -34.66 2.80
N ILE I 254 -44.10 -34.39 3.95
CA ILE I 254 -45.47 -33.92 4.02
C ILE I 254 -45.46 -32.45 4.42
N LYS I 255 -46.10 -31.60 3.62
CA LYS I 255 -46.14 -30.17 3.86
C LYS I 255 -47.57 -29.73 4.11
N ASN I 256 -47.72 -28.55 4.71
CA ASN I 256 -49.03 -27.98 4.99
C ASN I 256 -49.58 -27.32 3.72
N ALA I 257 -50.65 -26.55 3.87
CA ALA I 257 -51.23 -25.85 2.72
C ALA I 257 -50.26 -24.82 2.17
N ASN I 258 -49.58 -24.08 3.05
CA ASN I 258 -48.61 -23.07 2.65
C ASN I 258 -47.19 -23.61 2.56
N ASN I 259 -46.98 -24.89 2.87
CA ASN I 259 -45.68 -25.56 2.82
C ASN I 259 -44.67 -24.92 3.78
N THR I 260 -45.14 -24.08 4.72
CA THR I 260 -44.24 -23.43 5.66
C THR I 260 -43.79 -24.39 6.76
N LYS I 261 -44.69 -25.28 7.20
CA LYS I 261 -44.41 -26.19 8.29
C LYS I 261 -44.77 -27.61 7.90
N SER I 262 -43.82 -28.52 8.06
CA SER I 262 -44.00 -29.93 7.73
C SER I 262 -44.49 -30.69 8.97
N LEU I 263 -44.74 -31.99 8.78
CA LEU I 263 -45.35 -32.80 9.84
C LEU I 263 -44.46 -32.84 11.08
N LEU I 264 -43.15 -32.96 10.90
CA LEU I 264 -42.26 -33.10 12.05
C LEU I 264 -42.17 -31.83 12.88
N HIS I 265 -42.33 -30.66 12.26
CA HIS I 265 -42.19 -29.42 13.01
C HIS I 265 -43.32 -29.22 14.02
N ILE I 266 -44.53 -29.69 13.70
CA ILE I 266 -45.58 -29.70 14.71
C ILE I 266 -45.20 -30.62 15.86
N LEU I 267 -44.59 -31.78 15.56
CA LEU I 267 -44.19 -32.71 16.62
C LEU I 267 -43.23 -32.07 17.61
N ASP I 268 -42.39 -31.13 17.14
CA ASP I 268 -41.49 -30.43 18.05
C ASP I 268 -42.27 -29.56 19.03
N ILE I 269 -43.21 -28.76 18.51
CA ILE I 269 -43.99 -27.89 19.39
C ILE I 269 -45.00 -28.70 20.19
N THR I 270 -45.47 -29.82 19.64
CA THR I 270 -46.41 -30.67 20.38
C THR I 270 -45.72 -31.35 21.55
N ILE I 271 -44.50 -31.87 21.33
CA ILE I 271 -43.76 -32.52 22.41
C ILE I 271 -43.36 -31.50 23.47
N ARG I 272 -42.86 -30.34 23.04
CA ARG I 272 -42.38 -29.35 23.99
C ARG I 272 -43.51 -28.82 24.87
N LYS I 273 -44.69 -28.63 24.28
CA LYS I 273 -45.79 -28.01 25.03
C LYS I 273 -46.39 -28.97 26.05
N HIS I 274 -46.55 -30.25 25.68
CA HIS I 274 -47.30 -31.19 26.50
C HIS I 274 -46.50 -32.39 26.99
N PHE I 275 -45.34 -32.69 26.39
CA PHE I 275 -44.56 -33.88 26.72
C PHE I 275 -43.14 -33.47 27.07
N PRO I 276 -42.93 -32.90 28.26
CA PRO I 276 -41.58 -32.43 28.62
C PRO I 276 -40.56 -33.54 28.71
N GLN I 277 -40.98 -34.79 28.90
CA GLN I 277 -40.02 -35.89 29.01
C GLN I 277 -39.37 -36.22 27.68
N PHE I 278 -40.07 -35.97 26.57
CA PHE I 278 -39.55 -36.23 25.23
C PHE I 278 -38.90 -35.00 24.62
N ASP I 279 -38.58 -33.99 25.42
CA ASP I 279 -38.08 -32.72 24.87
C ASP I 279 -36.75 -32.91 24.13
N ASN I 280 -35.84 -33.69 24.70
CA ASN I 280 -34.53 -33.88 24.09
C ASN I 280 -34.06 -35.29 24.39
N PHE I 281 -34.07 -36.15 23.37
CA PHE I 281 -33.57 -37.52 23.50
C PHE I 281 -32.20 -37.71 22.87
N SER I 282 -31.76 -36.78 22.03
CA SER I 282 -30.43 -36.90 21.43
C SER I 282 -29.31 -36.90 22.47
N PRO I 283 -29.28 -36.00 23.45
CA PRO I 283 -28.25 -36.13 24.51
C PRO I 283 -28.35 -37.43 25.29
N GLU I 284 -29.57 -37.94 25.48
CA GLU I 284 -29.73 -39.19 26.23
C GLU I 284 -29.09 -40.36 25.49
N LEU I 285 -29.28 -40.44 24.18
CA LEU I 285 -28.79 -41.54 23.37
C LEU I 285 -27.76 -40.99 22.38
N SER I 286 -26.48 -41.19 22.68
CA SER I 286 -25.41 -40.71 21.82
C SER I 286 -24.58 -41.82 21.17
N THR I 287 -24.60 -43.04 21.71
CA THR I 287 -23.84 -44.12 21.11
C THR I 287 -24.41 -44.56 19.77
N VAL I 288 -25.71 -44.35 19.56
CA VAL I 288 -26.33 -44.73 18.29
C VAL I 288 -25.75 -43.89 17.15
N THR I 289 -25.59 -42.59 17.37
CA THR I 289 -25.02 -41.73 16.34
C THR I 289 -23.59 -42.14 16.00
N GLU I 290 -22.79 -42.45 17.02
CA GLU I 290 -21.42 -42.92 16.78
C GLU I 290 -21.43 -44.26 16.06
N ALA I 291 -22.36 -45.15 16.41
CA ALA I 291 -22.46 -46.44 15.75
C ALA I 291 -22.90 -46.31 14.30
N ALA I 292 -23.48 -45.18 13.91
CA ALA I 292 -23.92 -44.98 12.54
C ALA I 292 -22.77 -44.72 11.58
N LYS I 293 -21.57 -44.48 12.08
CA LYS I 293 -20.40 -44.23 11.24
C LYS I 293 -19.59 -45.50 10.96
N LEU I 294 -20.04 -46.66 11.43
CA LEU I 294 -19.33 -47.90 11.26
C LEU I 294 -20.16 -48.88 10.44
N ASN I 295 -19.50 -49.63 9.56
CA ASN I 295 -20.15 -50.62 8.70
C ASN I 295 -20.13 -51.96 9.43
N ILE I 296 -21.32 -52.48 9.73
CA ILE I 296 -21.43 -53.73 10.48
C ILE I 296 -20.87 -54.89 9.67
N GLU I 297 -21.24 -55.00 8.40
CA GLU I 297 -20.76 -56.10 7.58
C GLU I 297 -19.25 -56.03 7.38
N ALA I 298 -18.73 -54.83 7.13
CA ALA I 298 -17.29 -54.67 6.98
C ALA I 298 -16.56 -55.02 8.27
N ILE I 299 -17.10 -54.59 9.41
CA ILE I 299 -16.48 -54.93 10.69
C ILE I 299 -16.53 -56.43 10.93
N GLU I 300 -17.69 -57.04 10.65
CA GLU I 300 -17.82 -58.49 10.84
C GLU I 300 -16.86 -59.26 9.95
N GLN I 301 -16.71 -58.83 8.69
CA GLN I 301 -15.77 -59.48 7.79
C GLN I 301 -14.33 -59.27 8.26
N GLU I 302 -14.03 -58.07 8.77
CA GLU I 302 -12.67 -57.75 9.19
C GLU I 302 -12.22 -58.66 10.35
N CYS I 303 -13.07 -58.78 11.38
CA CYS I 303 -12.73 -59.67 12.49
C CYS I 303 -12.69 -61.12 12.04
N SER I 304 -13.64 -61.54 11.19
CA SER I 304 -13.67 -62.92 10.72
C SER I 304 -12.41 -63.28 9.94
N GLU I 305 -11.79 -62.31 9.28
CA GLU I 305 -10.53 -62.58 8.59
C GLU I 305 -9.43 -62.98 9.55
N LEU I 306 -9.40 -62.36 10.75
CA LEU I 306 -8.35 -62.67 11.71
C LEU I 306 -8.42 -64.12 12.16
N ILE I 307 -9.63 -64.64 12.40
CA ILE I 307 -9.76 -66.03 12.83
C ILE I 307 -9.27 -66.98 11.74
N ARG I 308 -9.65 -66.72 10.49
CA ARG I 308 -9.25 -67.60 9.40
C ARG I 308 -7.74 -67.63 9.23
N GLY I 309 -7.09 -66.47 9.35
CA GLY I 309 -5.65 -66.42 9.17
C GLY I 309 -4.90 -67.20 10.23
N CYS I 310 -5.35 -67.12 11.49
CA CYS I 310 -4.62 -67.75 12.57
C CYS I 310 -4.79 -69.26 12.55
N GLN I 311 -6.01 -69.74 12.28
CA GLN I 311 -6.22 -71.20 12.22
C GLN I 311 -5.44 -71.81 11.06
N ASN I 312 -5.29 -71.07 9.96
CA ASN I 312 -4.41 -71.50 8.89
C ASN I 312 -2.95 -71.49 9.35
N LEU I 313 -2.60 -70.55 10.23
CA LEU I 313 -1.24 -70.51 10.77
C LEU I 313 -0.98 -71.71 11.68
N GLN I 314 -1.99 -72.16 12.42
CA GLN I 314 -1.82 -73.29 13.33
C GLN I 314 -1.44 -74.55 12.57
N ILE I 315 -2.09 -74.81 11.43
CA ILE I 315 -1.76 -75.98 10.64
C ILE I 315 -0.42 -75.80 9.91
N ASP I 316 0.10 -74.58 9.85
CA ASP I 316 1.35 -74.30 9.18
C ASP I 316 2.56 -74.47 10.11
N CYS I 317 2.46 -73.96 11.34
CA CYS I 317 3.56 -74.11 12.28
C CYS I 317 3.66 -75.51 12.85
N ASP I 318 2.52 -76.19 13.03
CA ASP I 318 2.50 -77.50 13.65
C ASP I 318 2.66 -78.64 12.64
N SER I 319 2.04 -78.53 11.47
CA SER I 319 2.09 -79.60 10.49
C SER I 319 2.31 -79.11 9.06
N GLY I 320 2.55 -77.82 8.85
CA GLY I 320 2.77 -77.27 7.54
C GLY I 320 4.23 -77.18 7.17
N ALA I 321 4.54 -76.22 6.29
CA ALA I 321 5.94 -76.02 5.89
C ALA I 321 6.80 -75.57 7.06
N LEU I 322 6.25 -74.71 7.93
CA LEU I 322 7.00 -74.22 9.08
C LEU I 322 7.27 -75.30 10.11
N SER I 323 6.56 -76.43 10.04
CA SER I 323 6.77 -77.50 11.01
C SER I 323 8.16 -78.11 10.90
N ASP I 324 8.65 -78.30 9.68
CA ASP I 324 9.94 -78.94 9.47
C ASP I 324 11.06 -77.97 9.82
N PRO I 325 11.93 -78.31 10.78
CA PRO I 325 13.07 -77.44 11.11
C PRO I 325 14.36 -77.75 10.35
N THR I 326 14.40 -78.87 9.61
CA THR I 326 15.62 -79.21 8.87
C THR I 326 15.90 -78.18 7.78
N VAL I 327 14.85 -77.73 7.08
CA VAL I 327 15.01 -76.72 6.04
C VAL I 327 15.26 -75.33 6.61
N PHE I 328 15.16 -75.16 7.92
CA PHE I 328 15.33 -73.86 8.53
C PHE I 328 16.80 -73.54 8.78
N HIS I 329 17.16 -72.28 8.61
CA HIS I 329 18.52 -71.84 8.90
C HIS I 329 18.74 -71.80 10.42
N PRO I 330 19.93 -72.15 10.90
CA PRO I 330 20.22 -71.96 12.33
C PRO I 330 20.13 -70.52 12.77
N ASP I 331 20.50 -69.57 11.91
CA ASP I 331 20.37 -68.15 12.20
C ASP I 331 19.03 -67.63 11.69
N ASP I 332 17.97 -68.34 12.09
CA ASP I 332 16.60 -67.99 11.69
C ASP I 332 15.71 -68.24 12.91
N LYS I 333 15.48 -67.19 13.69
CA LYS I 333 14.66 -67.26 14.89
C LYS I 333 13.17 -67.04 14.61
N ILE I 334 12.74 -67.28 13.37
CA ILE I 334 11.32 -67.18 13.05
C ILE I 334 10.52 -68.18 13.87
N LEU I 335 11.02 -69.40 14.00
CA LEU I 335 10.40 -70.37 14.89
C LEU I 335 10.51 -69.93 16.34
N SER I 336 11.64 -69.30 16.71
CA SER I 336 11.85 -68.84 18.08
C SER I 336 11.10 -67.56 18.40
N VAL I 337 10.40 -66.96 17.43
CA VAL I 337 9.64 -65.75 17.65
C VAL I 337 8.14 -66.00 17.56
N ILE I 338 7.70 -66.78 16.57
CA ILE I 338 6.27 -67.08 16.42
C ILE I 338 5.77 -67.89 17.61
N LEU I 339 6.54 -68.90 18.02
CA LEU I 339 6.09 -69.78 19.09
C LEU I 339 5.83 -69.06 20.41
N PRO I 340 6.69 -68.14 20.90
CA PRO I 340 6.36 -67.44 22.15
C PRO I 340 5.02 -66.73 22.11
N TRP I 341 4.66 -66.19 20.93
CA TRP I 341 3.37 -65.52 20.80
C TRP I 341 2.24 -66.55 20.74
N LEU I 342 2.52 -67.72 20.17
CA LEU I 342 1.52 -68.71 19.79
C LEU I 342 0.53 -69.03 20.92
N MET I 343 1.03 -69.17 22.16
CA MET I 343 0.13 -69.37 23.27
C MET I 343 -0.70 -68.13 23.58
N GLU I 344 -0.10 -66.94 23.52
CA GLU I 344 -0.80 -65.69 23.77
C GLU I 344 -1.79 -65.34 22.67
N GLY I 345 -1.44 -65.59 21.40
CA GLY I 345 -2.36 -65.32 20.31
C GLY I 345 -3.61 -66.17 20.38
N THR I 346 -3.48 -67.41 20.87
CA THR I 346 -4.65 -68.27 21.04
C THR I 346 -5.62 -67.67 22.06
N LYS I 347 -5.09 -66.93 23.04
CA LYS I 347 -5.96 -66.23 23.97
C LYS I 347 -6.68 -65.07 23.29
N LYS I 348 -5.99 -64.38 22.38
CA LYS I 348 -6.57 -63.20 21.74
C LYS I 348 -7.76 -63.56 20.87
N MET I 349 -7.66 -64.65 20.11
CA MET I 349 -8.76 -65.04 19.23
C MET I 349 -10.00 -65.41 20.04
N ASP I 350 -9.82 -66.13 21.15
CA ASP I 350 -10.95 -66.53 21.98
C ASP I 350 -11.67 -65.33 22.55
N PHE I 351 -10.92 -64.32 22.99
CA PHE I 351 -11.54 -63.08 23.47
C PHE I 351 -12.30 -62.39 22.35
N LEU I 352 -11.72 -62.35 21.16
CA LEU I 352 -12.38 -61.72 20.02
C LEU I 352 -13.57 -62.54 19.55
N LYS I 353 -13.43 -63.87 19.55
CA LYS I 353 -14.53 -64.72 19.10
C LYS I 353 -15.74 -64.58 19.99
N GLU I 354 -15.52 -64.52 21.31
CA GLU I 354 -16.63 -64.30 22.24
C GLU I 354 -17.26 -62.92 22.01
N HIS I 355 -16.42 -61.91 21.77
CA HIS I 355 -16.94 -60.57 21.50
C HIS I 355 -17.74 -60.53 20.20
N LEU I 356 -17.27 -61.25 19.18
CA LEU I 356 -18.00 -61.30 17.91
C LEU I 356 -19.36 -61.96 18.09
N ARG I 357 -19.40 -63.05 18.86
CA ARG I 357 -20.67 -63.68 19.18
C ARG I 357 -21.56 -62.75 20.01
N THR I 358 -20.94 -62.00 20.93
CA THR I 358 -21.72 -61.10 21.79
C THR I 358 -22.46 -60.05 20.97
N MET I 359 -21.78 -59.45 19.99
CA MET I 359 -22.40 -58.36 19.23
C MET I 359 -23.55 -58.88 18.38
N ASN I 360 -23.38 -60.03 17.73
CA ASN I 360 -24.45 -60.54 16.87
C ASN I 360 -25.69 -60.90 17.68
N THR I 361 -25.50 -61.56 18.82
CA THR I 361 -26.65 -61.88 19.67
C THR I 361 -27.31 -60.61 20.19
N THR I 362 -26.51 -59.65 20.67
CA THR I 362 -27.06 -58.39 21.14
C THR I 362 -27.73 -57.62 20.01
N LEU I 363 -27.10 -57.59 18.82
CA LEU I 363 -27.67 -56.88 17.70
C LEU I 363 -29.00 -57.50 17.27
N ASN I 364 -29.01 -58.81 17.03
CA ASN I 364 -30.22 -59.47 16.52
C ASN I 364 -31.37 -59.39 17.51
N ASN I 365 -31.07 -59.52 18.81
CA ASN I 365 -32.12 -59.44 19.82
C ASN I 365 -32.79 -58.07 19.82
N ALA I 366 -31.99 -57.00 19.75
CA ALA I 366 -32.56 -55.67 19.63
C ALA I 366 -33.02 -55.36 18.21
N MET I 367 -32.65 -56.20 17.24
CA MET I 367 -33.03 -55.98 15.85
C MET I 367 -34.44 -56.50 15.59
N ARG I 368 -34.74 -57.71 16.08
CA ARG I 368 -36.08 -58.25 15.98
C ARG I 368 -37.05 -57.53 16.91
N TYR I 369 -36.52 -56.91 17.97
CA TYR I 369 -37.37 -56.25 18.96
C TYR I 369 -38.18 -55.12 18.35
N PHE I 370 -37.67 -54.52 17.28
CA PHE I 370 -38.33 -53.37 16.66
C PHE I 370 -38.96 -53.70 15.31
N GLY I 371 -39.07 -54.97 14.95
CA GLY I 371 -39.85 -55.39 13.81
C GLY I 371 -39.08 -55.75 12.56
N GLU I 372 -37.81 -55.39 12.46
CA GLU I 372 -37.03 -55.73 11.28
C GLU I 372 -36.38 -57.10 11.47
N GLN I 373 -35.68 -57.55 10.42
CA GLN I 373 -35.05 -58.87 10.44
C GLN I 373 -33.59 -58.75 10.04
N PRO I 374 -32.71 -59.61 10.56
CA PRO I 374 -31.31 -59.60 10.13
C PRO I 374 -31.08 -60.20 8.76
N ASN I 375 -32.06 -60.91 8.20
CA ASN I 375 -31.85 -61.61 6.93
C ASN I 375 -31.60 -60.65 5.79
N ASP I 376 -32.08 -59.42 5.91
CA ASP I 376 -31.85 -58.41 4.89
C ASP I 376 -30.49 -57.76 5.13
N PRO I 377 -29.52 -57.92 4.23
CA PRO I 377 -28.19 -57.33 4.48
C PRO I 377 -28.21 -55.82 4.64
N ASN I 378 -29.06 -55.12 3.89
CA ASN I 378 -29.17 -53.68 4.06
C ASN I 378 -29.74 -53.33 5.44
N SER I 379 -30.74 -54.08 5.89
CA SER I 379 -31.29 -53.86 7.22
C SER I 379 -30.25 -54.17 8.30
N LYS I 380 -29.42 -55.19 8.06
CA LYS I 380 -28.34 -55.49 9.00
C LYS I 380 -27.34 -54.33 9.08
N ASN I 381 -26.99 -53.75 7.93
CA ASN I 381 -26.03 -52.64 7.89
C ASN I 381 -26.72 -51.32 8.20
N LEU I 382 -27.71 -50.96 7.39
CA LEU I 382 -28.40 -49.68 7.57
C LEU I 382 -29.48 -49.77 8.63
N PHE I 383 -29.10 -50.21 9.84
CA PHE I 383 -30.05 -50.24 10.95
C PHE I 383 -29.95 -48.96 11.78
N PHE I 384 -28.74 -48.66 12.28
CA PHE I 384 -28.53 -47.43 13.04
C PHE I 384 -28.58 -46.19 12.17
N LYS I 385 -28.31 -46.33 10.86
CA LYS I 385 -28.32 -45.17 9.99
C LYS I 385 -29.72 -44.56 9.89
N ARG I 386 -30.75 -45.40 9.78
CA ARG I 386 -32.12 -44.89 9.73
C ARG I 386 -32.48 -44.18 11.03
N VAL I 387 -32.08 -44.76 12.17
CA VAL I 387 -32.32 -44.10 13.46
C VAL I 387 -31.55 -42.79 13.54
N ASP I 388 -30.29 -42.79 13.11
CA ASP I 388 -29.51 -41.56 13.09
C ASP I 388 -30.08 -40.55 12.11
N SER I 389 -30.59 -41.03 10.98
CA SER I 389 -31.22 -40.13 10.01
C SER I 389 -32.42 -39.41 10.61
N PHE I 390 -33.20 -40.10 11.43
CA PHE I 390 -34.32 -39.45 12.11
C PHE I 390 -33.84 -38.52 13.21
N ILE I 391 -32.71 -38.83 13.85
CA ILE I 391 -32.20 -37.99 14.92
C ILE I 391 -31.77 -36.63 14.39
N ILE I 392 -31.00 -36.61 13.31
CA ILE I 392 -30.60 -35.34 12.70
C ILE I 392 -31.82 -34.64 12.10
N ASP I 393 -32.75 -35.41 11.54
CA ASP I 393 -33.97 -34.81 11.00
C ASP I 393 -34.79 -34.13 12.10
N TYR I 394 -34.86 -34.76 13.27
CA TYR I 394 -35.53 -34.12 14.41
C TYR I 394 -34.77 -32.88 14.86
N SER I 395 -33.44 -32.92 14.80
CA SER I 395 -32.64 -31.80 15.29
C SER I 395 -32.83 -30.56 14.42
N LYS I 396 -32.81 -30.71 13.10
CA LYS I 396 -32.98 -29.56 12.22
C LYS I 396 -34.38 -28.98 12.32
N ALA I 397 -35.38 -29.84 12.47
CA ALA I 397 -36.75 -29.37 12.64
C ALA I 397 -36.89 -28.56 13.93
N ARG I 398 -36.28 -29.04 15.02
CA ARG I 398 -36.33 -28.31 16.28
C ARG I 398 -35.61 -26.97 16.16
N SER I 399 -34.45 -26.96 15.51
CA SER I 399 -33.70 -25.72 15.32
C SER I 399 -34.49 -24.73 14.46
N ASP I 400 -35.11 -25.23 13.39
CA ASP I 400 -35.90 -24.35 12.53
C ASP I 400 -37.12 -23.80 13.27
N ASN I 401 -37.77 -24.64 14.09
CA ASN I 401 -38.93 -24.18 14.85
C ASN I 401 -38.54 -23.11 15.86
N LEU I 402 -37.41 -23.30 16.55
CA LEU I 402 -36.98 -22.32 17.55
C LEU I 402 -36.56 -21.01 16.91
N LYS I 403 -35.82 -21.08 15.81
CA LYS I 403 -35.31 -19.85 15.18
C LYS I 403 -36.45 -18.99 14.64
N SER I 404 -37.44 -19.62 13.99
CA SER I 404 -38.51 -18.85 13.37
C SER I 404 -39.43 -18.22 14.41
N GLU I 405 -39.76 -18.97 15.48
CA GLU I 405 -40.68 -18.45 16.47
C GLU I 405 -40.05 -17.35 17.32
N GLU I 406 -38.82 -17.55 17.76
CA GLU I 406 -38.14 -16.57 18.60
C GLU I 406 -37.63 -15.40 17.78
#